data_8H6U
#
_entry.id   8H6U
#
_cell.length_a   112.544
_cell.length_b   112.544
_cell.length_c   253.567
_cell.angle_alpha   90.00
_cell.angle_beta   90.00
_cell.angle_gamma   120.00
#
_symmetry.space_group_name_H-M   'P 31 2 1'
#
loop_
_entity.id
_entity.type
_entity.pdbx_description
1 polymer 'Presilphiperfolan-8-beta-ol synthase'
2 non-polymer 'MAGNESIUM ION'
3 non-polymer 'PYROPHOSPHATE 2-'
4 non-polymer N-benzyl-N,N-diethylethanaminium
5 water water
#
_entity_poly.entity_id   1
_entity_poly.type   'polypeptide(L)'
_entity_poly.pdbx_seq_one_letter_code
;GSHMAMSEKPNTQELKQQQLDPKRPPFVRVPDLFGSIMSTKPVVNPNYFAAKARGDRWIARVMNFNKAVAARNSKVDLCF
LASMWAPDAPEDRLVMMLDWNHWVFLFDDQFDEGHLKEDPAAAAEEVKQTIAIMGGNAPRYTAESNPIRYVFQQCWDRLK
AVSSQEMQQRWIDQHKRYFDQLLVQVDQQVGGENFTRDVEAYMDLRRGTIGVYPAISLSEYGAGVNVPQHVYDHPSLQEC
MKVSADLVTLVNDVLSYRKDLELGVDHNLMSLLMQRDNLSAQQAVDVIGDMVNECYRRWYLALAELPSYGEKIDYNVMKF
VEICRAVAQGNLYWSFQTGRYLGPEGHEVHETGIMYLPPAANLVVA
;
_entity_poly.pdbx_strand_id   A,B,C,D
#
loop_
_chem_comp.id
_chem_comp.type
_chem_comp.name
_chem_comp.formula
BTM non-polymer N-benzyl-N,N-diethylethanaminium 'C13 H22 N 1'
MG non-polymer 'MAGNESIUM ION' 'Mg 2'
POP non-polymer 'PYROPHOSPHATE 2-' 'H2 O7 P2 -2'
#
# COMPACT_ATOMS: atom_id res chain seq x y z
N ARG A 24 -29.53 2.33 36.13
CA ARG A 24 -29.45 3.09 37.38
C ARG A 24 -28.62 4.36 37.19
N PRO A 25 -27.36 4.25 36.77
CA PRO A 25 -26.53 5.45 36.66
C PRO A 25 -26.81 6.19 35.36
N PRO A 26 -26.51 7.48 35.30
CA PRO A 26 -26.69 8.19 34.03
C PRO A 26 -25.63 7.81 32.99
N PHE A 27 -24.52 7.24 33.42
CA PHE A 27 -23.44 6.87 32.51
C PHE A 27 -22.59 5.84 33.20
N VAL A 28 -21.64 5.31 32.45
CA VAL A 28 -20.67 4.44 33.02
C VAL A 28 -19.37 4.62 32.32
N ARG A 29 -18.31 4.20 32.97
CA ARG A 29 -16.98 4.21 32.38
C ARG A 29 -16.74 2.82 31.80
N VAL A 30 -16.70 2.76 30.48
CA VAL A 30 -16.45 1.52 29.85
C VAL A 30 -14.98 1.34 29.80
N PRO A 31 -14.55 0.13 30.02
CA PRO A 31 -13.23 -0.41 29.97
C PRO A 31 -12.58 -0.23 28.64
N ASP A 32 -11.28 -0.18 28.65
CA ASP A 32 -10.62 -0.04 27.35
C ASP A 32 -10.82 -1.31 26.54
N LEU A 33 -11.55 -1.21 25.43
CA LEU A 33 -11.81 -2.34 24.55
C LEU A 33 -10.82 -2.40 23.41
N PHE A 34 -9.92 -1.43 23.31
CA PHE A 34 -8.99 -1.31 22.21
C PHE A 34 -7.56 -1.64 22.64
N GLY A 35 -7.42 -2.50 23.64
CA GLY A 35 -6.12 -2.89 24.14
C GLY A 35 -5.64 -4.20 23.55
N SER A 36 -4.54 -4.73 24.10
CA SER A 36 -3.96 -5.98 23.66
C SER A 36 -3.87 -5.97 22.14
N ILE A 37 -4.43 -7.00 21.51
CA ILE A 37 -4.35 -7.16 20.06
C ILE A 37 -5.29 -6.19 19.35
N MET A 38 -6.37 -5.82 20.03
CA MET A 38 -7.34 -4.91 19.45
C MET A 38 -6.76 -3.52 19.21
N SER A 39 -5.53 -3.27 19.64
CA SER A 39 -4.97 -1.92 19.60
C SER A 39 -4.30 -1.55 18.29
N THR A 40 -4.01 -2.51 17.41
CA THR A 40 -3.42 -2.18 16.12
C THR A 40 -4.34 -1.30 15.28
N LYS A 41 -3.74 -0.54 14.35
CA LYS A 41 -4.54 0.32 13.49
C LYS A 41 -5.28 -0.56 12.50
N PRO A 42 -6.61 -0.47 12.44
CA PRO A 42 -7.36 -1.35 11.55
C PRO A 42 -7.11 -0.98 10.09
N VAL A 43 -7.16 -2.00 9.24
CA VAL A 43 -7.13 -1.80 7.80
C VAL A 43 -8.53 -1.97 7.25
N VAL A 44 -8.96 -1.02 6.42
CA VAL A 44 -10.28 -1.01 5.82
C VAL A 44 -10.15 -1.13 4.30
N ASN A 45 -10.78 -2.18 3.76
CA ASN A 45 -10.86 -2.51 2.34
C ASN A 45 -11.05 -1.24 1.52
N PRO A 46 -10.10 -0.95 0.62
CA PRO A 46 -10.28 0.20 -0.29
C PRO A 46 -11.54 0.12 -1.13
N ASN A 47 -12.09 -1.07 -1.36
CA ASN A 47 -13.33 -1.17 -2.12
C ASN A 47 -14.56 -0.81 -1.27
N TYR A 48 -14.38 -0.39 -0.02
CA TYR A 48 -15.51 -0.08 0.86
C TYR A 48 -16.55 0.77 0.17
N PHE A 49 -16.11 1.84 -0.52
CA PHE A 49 -17.04 2.82 -1.07
C PHE A 49 -17.88 2.24 -2.20
N ALA A 50 -17.26 1.52 -3.14
CA ALA A 50 -18.02 1.05 -4.30
C ALA A 50 -18.90 -0.13 -3.93
N ALA A 51 -18.37 -1.05 -3.10
CA ALA A 51 -19.20 -2.13 -2.57
C ALA A 51 -20.36 -1.58 -1.73
N LYS A 52 -20.14 -0.49 -0.99
CA LYS A 52 -21.21 0.00 -0.12
C LYS A 52 -22.35 0.62 -0.92
N ALA A 53 -22.03 1.36 -2.00
CA ALA A 53 -23.07 2.00 -2.80
C ALA A 53 -23.93 1.00 -3.55
N ARG A 54 -23.33 -0.14 -3.94
CA ARG A 54 -24.08 -1.22 -4.59
C ARG A 54 -24.92 -2.00 -3.58
N GLY A 55 -24.28 -2.62 -2.58
CA GLY A 55 -24.99 -3.49 -1.66
C GLY A 55 -26.02 -2.79 -0.80
N ASP A 56 -25.82 -1.49 -0.53
CA ASP A 56 -26.81 -0.76 0.25
C ASP A 56 -28.07 -0.53 -0.57
N ARG A 57 -27.88 -0.04 -1.81
CA ARG A 57 -29.00 0.06 -2.73
C ARG A 57 -29.68 -1.30 -2.92
N TRP A 58 -28.88 -2.37 -3.00
CA TRP A 58 -29.43 -3.68 -3.30
C TRP A 58 -30.40 -4.15 -2.22
N ILE A 59 -29.93 -4.19 -0.97
CA ILE A 59 -30.78 -4.67 0.11
C ILE A 59 -31.99 -3.77 0.30
N ALA A 60 -31.89 -2.51 -0.11
CA ALA A 60 -33.05 -1.63 -0.03
C ALA A 60 -34.12 -2.02 -1.03
N ARG A 61 -33.71 -2.50 -2.22
CA ARG A 61 -34.65 -3.01 -3.20
C ARG A 61 -35.24 -4.34 -2.74
N VAL A 62 -34.38 -5.21 -2.21
CA VAL A 62 -34.81 -6.53 -1.78
C VAL A 62 -35.82 -6.43 -0.65
N MET A 63 -35.59 -5.52 0.30
CA MET A 63 -36.43 -5.39 1.50
C MET A 63 -37.49 -4.31 1.36
N ASN A 64 -37.47 -3.55 0.27
CA ASN A 64 -38.44 -2.48 0.06
C ASN A 64 -38.31 -1.42 1.16
N PHE A 65 -37.09 -0.93 1.33
CA PHE A 65 -36.80 0.15 2.27
C PHE A 65 -37.23 1.48 1.65
N ASN A 66 -38.17 2.18 2.28
CA ASN A 66 -38.44 3.53 1.80
C ASN A 66 -37.20 4.38 2.01
N LYS A 67 -37.21 5.62 1.53
CA LYS A 67 -36.03 6.47 1.64
C LYS A 67 -35.53 6.53 3.08
N ALA A 68 -36.43 6.76 4.03
CA ALA A 68 -35.99 6.91 5.41
C ALA A 68 -35.33 5.64 5.92
N VAL A 69 -36.02 4.50 5.77
CA VAL A 69 -35.46 3.29 6.32
C VAL A 69 -34.19 2.88 5.58
N ALA A 70 -34.10 3.16 4.27
CA ALA A 70 -32.88 2.82 3.56
C ALA A 70 -31.72 3.71 3.99
N ALA A 71 -31.96 5.01 4.15
CA ALA A 71 -30.92 5.89 4.66
C ALA A 71 -30.46 5.47 6.04
N ARG A 72 -31.41 5.12 6.91
CA ARG A 72 -31.06 4.65 8.25
C ARG A 72 -30.18 3.40 8.17
N ASN A 73 -30.48 2.50 7.24
CA ASN A 73 -29.74 1.24 7.14
C ASN A 73 -28.32 1.50 6.64
N SER A 74 -28.17 2.43 5.71
CA SER A 74 -26.83 2.78 5.25
C SER A 74 -26.02 3.31 6.41
N LYS A 75 -26.66 4.05 7.31
CA LYS A 75 -25.99 4.55 8.49
C LYS A 75 -25.66 3.43 9.48
N VAL A 76 -26.15 2.22 9.22
CA VAL A 76 -25.78 1.08 10.04
C VAL A 76 -24.34 0.77 9.59
N ASP A 77 -24.13 0.94 8.29
CA ASP A 77 -22.85 0.79 7.60
C ASP A 77 -22.22 -0.57 7.89
N LEU A 78 -22.99 -1.61 7.57
CA LEU A 78 -22.44 -2.95 7.61
C LEU A 78 -21.31 -3.12 6.60
N CYS A 79 -21.22 -2.23 5.61
CA CYS A 79 -20.09 -2.32 4.71
C CYS A 79 -18.79 -2.01 5.45
N PHE A 80 -18.83 -1.02 6.34
CA PHE A 80 -17.69 -0.76 7.20
C PHE A 80 -17.27 -2.03 7.92
N LEU A 81 -18.23 -2.74 8.51
CA LEU A 81 -17.91 -3.99 9.20
C LEU A 81 -17.17 -4.96 8.27
N ALA A 82 -17.83 -5.36 7.17
CA ALA A 82 -17.22 -6.30 6.23
C ALA A 82 -15.85 -5.83 5.73
N SER A 83 -15.71 -4.54 5.46
CA SER A 83 -14.45 -4.03 4.91
C SER A 83 -13.25 -4.22 5.85
N MET A 84 -13.47 -4.51 7.14
CA MET A 84 -12.35 -4.86 8.01
C MET A 84 -12.22 -6.35 8.24
N TRP A 85 -13.23 -7.15 7.91
CA TRP A 85 -13.09 -8.60 8.05
C TRP A 85 -12.11 -9.13 7.03
N ALA A 86 -12.17 -8.60 5.80
CA ALA A 86 -11.31 -9.02 4.70
C ALA A 86 -10.87 -7.76 3.97
N PRO A 87 -9.79 -7.11 4.42
CA PRO A 87 -9.40 -5.83 3.82
C PRO A 87 -8.90 -5.92 2.38
N ASP A 88 -8.42 -7.08 1.89
CA ASP A 88 -8.03 -7.17 0.49
C ASP A 88 -8.98 -8.05 -0.32
N ALA A 89 -10.19 -8.27 0.17
CA ALA A 89 -11.21 -8.91 -0.64
C ALA A 89 -11.49 -8.06 -1.86
N PRO A 90 -11.62 -8.66 -3.05
CA PRO A 90 -12.00 -7.90 -4.25
C PRO A 90 -13.44 -7.44 -4.17
N GLU A 91 -13.76 -6.40 -4.97
CA GLU A 91 -15.05 -5.73 -4.86
C GLU A 91 -16.21 -6.71 -4.84
N ASP A 92 -16.16 -7.69 -5.73
CA ASP A 92 -17.22 -8.69 -5.85
C ASP A 92 -17.45 -9.36 -4.50
N ARG A 93 -16.46 -10.16 -4.09
CA ARG A 93 -16.56 -10.87 -2.82
C ARG A 93 -16.95 -9.91 -1.69
N LEU A 94 -16.44 -8.67 -1.73
CA LEU A 94 -16.81 -7.70 -0.69
C LEU A 94 -18.28 -7.38 -0.73
N VAL A 95 -18.89 -7.32 -1.93
CA VAL A 95 -20.32 -7.07 -2.03
C VAL A 95 -21.12 -8.25 -1.48
N MET A 96 -20.70 -9.49 -1.78
CA MET A 96 -21.37 -10.66 -1.22
C MET A 96 -21.34 -10.58 0.29
N MET A 97 -20.23 -10.08 0.84
CA MET A 97 -20.05 -10.00 2.28
C MET A 97 -21.02 -9.00 2.90
N LEU A 98 -21.14 -7.84 2.27
CA LEU A 98 -22.15 -6.88 2.68
C LEU A 98 -23.55 -7.50 2.59
N ASP A 99 -23.78 -8.26 1.52
CA ASP A 99 -25.03 -9.00 1.37
C ASP A 99 -25.24 -9.95 2.56
N TRP A 100 -24.21 -10.72 2.91
CA TRP A 100 -24.35 -11.62 4.05
C TRP A 100 -24.61 -10.86 5.35
N ASN A 101 -23.98 -9.70 5.51
CA ASN A 101 -24.19 -8.99 6.77
C ASN A 101 -25.57 -8.37 6.84
N HIS A 102 -26.06 -7.82 5.74
CA HIS A 102 -27.45 -7.38 5.76
C HIS A 102 -28.36 -8.57 6.04
N TRP A 103 -27.96 -9.79 5.64
CA TRP A 103 -28.77 -10.97 5.94
C TRP A 103 -28.74 -11.30 7.43
N VAL A 104 -27.53 -11.51 7.94
CA VAL A 104 -27.34 -11.89 9.34
C VAL A 104 -27.96 -10.92 10.34
N PHE A 105 -28.24 -9.70 9.90
CA PHE A 105 -28.83 -8.70 10.79
C PHE A 105 -30.35 -8.69 10.71
N LEU A 106 -30.89 -8.85 9.53
CA LEU A 106 -32.29 -8.97 9.38
C LEU A 106 -32.71 -10.31 9.91
N PHE A 107 -31.88 -11.32 9.76
CA PHE A 107 -32.21 -12.66 10.23
C PHE A 107 -32.18 -12.74 11.75
N ASP A 108 -31.11 -12.24 12.36
CA ASP A 108 -30.99 -12.39 13.79
C ASP A 108 -32.04 -11.60 14.53
N ASP A 109 -32.43 -10.45 13.99
CA ASP A 109 -33.42 -9.64 14.67
C ASP A 109 -34.75 -10.37 14.81
N GLN A 110 -35.10 -11.20 13.82
CA GLN A 110 -36.29 -12.05 13.93
C GLN A 110 -36.31 -12.86 15.23
N PHE A 111 -35.15 -13.28 15.70
CA PHE A 111 -35.03 -14.06 16.92
C PHE A 111 -34.89 -13.20 18.17
N ASP A 112 -34.56 -11.91 18.03
CA ASP A 112 -34.35 -11.05 19.19
C ASP A 112 -35.58 -10.19 19.48
N GLU A 113 -36.10 -9.51 18.48
CA GLU A 113 -37.24 -8.65 18.63
C GLU A 113 -38.37 -9.03 17.76
N GLY A 114 -38.11 -9.87 16.79
CA GLY A 114 -39.09 -10.27 15.84
C GLY A 114 -40.04 -11.35 16.17
N HIS A 115 -40.67 -11.93 15.16
CA HIS A 115 -41.69 -12.94 15.38
C HIS A 115 -41.15 -14.26 15.94
N LEU A 116 -39.84 -14.51 15.86
CA LEU A 116 -39.29 -15.80 16.28
C LEU A 116 -38.77 -15.78 17.70
N LYS A 117 -38.85 -14.64 18.40
CA LYS A 117 -38.22 -14.49 19.71
C LYS A 117 -38.87 -15.38 20.78
N GLU A 118 -40.18 -15.59 20.71
CA GLU A 118 -40.87 -16.38 21.73
C GLU A 118 -41.62 -17.56 21.11
N ASP A 119 -41.14 -18.04 19.97
CA ASP A 119 -41.84 -19.02 19.16
C ASP A 119 -40.90 -20.17 18.80
N PRO A 120 -40.73 -21.13 19.69
CA PRO A 120 -39.81 -22.25 19.41
C PRO A 120 -40.11 -22.96 18.11
N ALA A 121 -41.40 -23.25 17.88
CA ALA A 121 -41.81 -23.94 16.67
C ALA A 121 -41.49 -23.11 15.43
N ALA A 122 -41.85 -21.82 15.44
CA ALA A 122 -41.60 -20.97 14.27
C ALA A 122 -40.11 -20.70 14.07
N ALA A 123 -39.36 -20.61 15.17
CA ALA A 123 -37.92 -20.50 15.06
C ALA A 123 -37.34 -21.72 14.38
N ALA A 124 -37.73 -22.91 14.82
CA ALA A 124 -37.07 -24.12 14.31
C ALA A 124 -37.51 -24.46 12.89
N GLU A 125 -38.68 -23.98 12.46
CA GLU A 125 -39.05 -24.09 11.06
C GLU A 125 -38.22 -23.12 10.21
N GLU A 126 -37.99 -21.90 10.70
CA GLU A 126 -37.12 -20.94 10.01
C GLU A 126 -35.71 -21.47 9.88
N VAL A 127 -35.16 -22.00 10.97
CA VAL A 127 -33.81 -22.56 10.92
C VAL A 127 -33.78 -23.75 9.96
N LYS A 128 -34.80 -24.59 10.00
CA LYS A 128 -34.87 -25.77 9.13
C LYS A 128 -34.97 -25.41 7.64
N GLN A 129 -35.55 -24.26 7.34
CA GLN A 129 -35.72 -23.81 5.97
C GLN A 129 -34.52 -23.01 5.48
N THR A 130 -33.81 -22.33 6.38
CA THR A 130 -32.61 -21.61 5.96
C THR A 130 -31.47 -22.58 5.70
N ILE A 131 -31.31 -23.58 6.57
CA ILE A 131 -30.33 -24.64 6.34
C ILE A 131 -30.59 -25.35 5.02
N ALA A 132 -31.87 -25.62 4.71
CA ALA A 132 -32.25 -26.23 3.44
C ALA A 132 -31.72 -25.44 2.24
N ILE A 133 -31.46 -24.15 2.38
CA ILE A 133 -30.94 -23.37 1.26
C ILE A 133 -29.57 -23.87 0.82
N MET A 134 -28.76 -24.38 1.75
CA MET A 134 -27.38 -24.75 1.44
C MET A 134 -27.34 -26.21 0.97
N GLY A 135 -27.98 -26.44 -0.17
CA GLY A 135 -27.98 -27.75 -0.79
C GLY A 135 -29.15 -28.65 -0.44
N GLY A 136 -30.00 -28.27 0.49
CA GLY A 136 -31.16 -29.07 0.83
C GLY A 136 -32.26 -28.93 -0.21
N ASN A 137 -33.45 -29.34 0.18
CA ASN A 137 -34.57 -29.32 -0.75
C ASN A 137 -35.22 -27.94 -0.84
N ALA A 138 -34.40 -26.90 -0.92
CA ALA A 138 -34.97 -25.56 -0.86
C ALA A 138 -35.39 -25.10 -2.25
N PRO A 139 -36.47 -24.34 -2.35
CA PRO A 139 -36.83 -23.75 -3.65
C PRO A 139 -35.95 -22.56 -3.97
N ARG A 140 -36.06 -22.08 -5.19
CA ARG A 140 -35.42 -20.83 -5.60
C ARG A 140 -36.23 -19.68 -5.01
N TYR A 141 -35.70 -19.04 -3.96
CA TYR A 141 -36.41 -17.90 -3.40
C TYR A 141 -36.25 -16.69 -4.31
N THR A 142 -37.17 -15.74 -4.16
CA THR A 142 -37.12 -14.46 -4.85
C THR A 142 -37.27 -13.36 -3.82
N ALA A 143 -36.83 -12.16 -4.18
CA ALA A 143 -37.04 -11.04 -3.27
C ALA A 143 -38.51 -10.93 -2.91
N GLU A 144 -39.40 -11.24 -3.87
CA GLU A 144 -40.83 -11.18 -3.61
C GLU A 144 -41.28 -12.31 -2.69
N SER A 145 -40.82 -13.54 -2.97
CA SER A 145 -41.33 -14.71 -2.24
C SER A 145 -40.89 -14.70 -0.77
N ASN A 146 -39.60 -14.49 -0.56
CA ASN A 146 -38.98 -14.45 0.75
C ASN A 146 -37.69 -13.65 0.64
N PRO A 147 -37.73 -12.37 1.02
CA PRO A 147 -36.61 -11.42 0.94
C PRO A 147 -35.36 -11.78 1.74
N ILE A 148 -35.51 -12.21 2.99
CA ILE A 148 -34.35 -12.53 3.81
C ILE A 148 -33.73 -13.87 3.41
N ARG A 149 -34.56 -14.92 3.33
CA ARG A 149 -34.06 -16.17 2.76
C ARG A 149 -33.45 -16.00 1.37
N TYR A 150 -33.92 -15.02 0.59
CA TYR A 150 -33.37 -14.76 -0.75
C TYR A 150 -31.91 -14.33 -0.67
N VAL A 151 -31.62 -13.35 0.19
CA VAL A 151 -30.24 -12.88 0.34
C VAL A 151 -29.34 -14.02 0.76
N PHE A 152 -29.77 -14.85 1.71
CA PHE A 152 -28.93 -15.96 2.11
C PHE A 152 -28.68 -16.91 0.92
N GLN A 153 -29.68 -17.07 0.05
CA GLN A 153 -29.48 -17.93 -1.12
C GLN A 153 -28.47 -17.31 -2.09
N GLN A 154 -28.58 -16.00 -2.33
CA GLN A 154 -27.61 -15.30 -3.18
C GLN A 154 -26.20 -15.43 -2.64
N CYS A 155 -26.01 -15.22 -1.33
CA CYS A 155 -24.70 -15.45 -0.72
C CYS A 155 -24.25 -16.87 -0.93
N TRP A 156 -25.12 -17.83 -0.60
CA TRP A 156 -24.74 -19.23 -0.75
C TRP A 156 -24.37 -19.56 -2.20
N ASP A 157 -25.17 -19.10 -3.17
CA ASP A 157 -24.81 -19.29 -4.57
C ASP A 157 -23.38 -18.85 -4.85
N ARG A 158 -23.05 -17.62 -4.43
CA ARG A 158 -21.73 -17.08 -4.73
C ARG A 158 -20.65 -17.82 -3.97
N LEU A 159 -20.90 -18.15 -2.70
CA LEU A 159 -19.99 -19.00 -1.94
C LEU A 159 -19.70 -20.30 -2.67
N LYS A 160 -20.76 -20.95 -3.19
CA LYS A 160 -20.64 -22.30 -3.77
C LYS A 160 -19.73 -22.28 -4.97
N ALA A 161 -19.94 -21.29 -5.84
CA ALA A 161 -19.22 -21.16 -7.12
C ALA A 161 -17.74 -20.82 -7.10
N VAL A 162 -17.15 -20.62 -5.92
CA VAL A 162 -15.74 -20.29 -5.87
C VAL A 162 -15.09 -21.00 -4.69
N SER A 163 -15.78 -21.97 -4.10
CA SER A 163 -15.27 -22.69 -2.93
C SER A 163 -15.18 -24.18 -3.21
N SER A 164 -14.20 -24.80 -2.56
CA SER A 164 -14.04 -26.24 -2.62
C SER A 164 -15.18 -26.84 -1.80
N GLN A 165 -15.45 -28.12 -1.98
CA GLN A 165 -16.56 -28.75 -1.26
C GLN A 165 -16.28 -28.79 0.24
N GLU A 166 -15.01 -28.88 0.63
CA GLU A 166 -14.67 -28.88 2.05
C GLU A 166 -14.99 -27.54 2.71
N MET A 167 -14.86 -26.46 1.95
CA MET A 167 -15.14 -25.13 2.48
C MET A 167 -16.64 -24.81 2.44
N GLN A 168 -17.34 -25.43 1.50
CA GLN A 168 -18.78 -25.31 1.40
C GLN A 168 -19.36 -25.98 2.61
N GLN A 169 -18.81 -27.11 2.98
CA GLN A 169 -19.26 -27.83 4.12
C GLN A 169 -18.97 -27.01 5.34
N ARG A 170 -17.71 -26.61 5.52
CA ARG A 170 -17.32 -25.76 6.64
C ARG A 170 -18.30 -24.60 6.84
N TRP A 171 -18.64 -23.92 5.73
CA TRP A 171 -19.61 -22.82 5.78
C TRP A 171 -20.94 -23.27 6.34
N ILE A 172 -21.41 -24.43 5.89
CA ILE A 172 -22.61 -25.05 6.43
C ILE A 172 -22.43 -25.33 7.92
N ASP A 173 -21.34 -26.02 8.28
CA ASP A 173 -21.18 -26.43 9.66
C ASP A 173 -21.06 -25.23 10.59
N GLN A 174 -20.45 -24.15 10.11
CA GLN A 174 -20.31 -22.97 10.96
C GLN A 174 -21.61 -22.19 11.08
N HIS A 175 -22.40 -22.10 10.00
CA HIS A 175 -23.73 -21.54 10.16
C HIS A 175 -24.58 -22.38 11.11
N LYS A 176 -24.37 -23.69 11.07
CA LYS A 176 -25.10 -24.61 11.94
C LYS A 176 -24.89 -24.24 13.40
N ARG A 177 -23.63 -24.05 13.79
CA ARG A 177 -23.32 -23.68 15.17
C ARG A 177 -24.07 -22.43 15.59
N TYR A 178 -24.23 -21.47 14.66
CA TYR A 178 -25.03 -20.28 14.92
C TYR A 178 -26.51 -20.60 15.00
N PHE A 179 -27.03 -21.30 13.98
CA PHE A 179 -28.44 -21.65 13.98
C PHE A 179 -28.80 -22.45 15.23
N ASP A 180 -27.91 -23.37 15.66
CA ASP A 180 -28.23 -24.18 16.82
C ASP A 180 -28.48 -23.31 18.05
N GLN A 181 -27.53 -22.43 18.37
CA GLN A 181 -27.73 -21.58 19.54
C GLN A 181 -28.93 -20.65 19.41
N LEU A 182 -29.33 -20.30 18.18
CA LEU A 182 -30.56 -19.54 18.02
C LEU A 182 -31.71 -20.26 18.70
N LEU A 183 -31.81 -21.57 18.46
CA LEU A 183 -32.90 -22.35 19.00
C LEU A 183 -32.76 -22.50 20.51
N VAL A 184 -31.53 -22.58 21.02
CA VAL A 184 -31.34 -22.59 22.46
C VAL A 184 -31.77 -21.26 23.05
N GLN A 185 -31.42 -20.16 22.39
CA GLN A 185 -31.82 -18.84 22.86
C GLN A 185 -33.34 -18.71 22.99
N VAL A 186 -34.10 -19.20 22.01
CA VAL A 186 -35.55 -19.03 22.11
C VAL A 186 -36.14 -20.00 23.15
N ASP A 187 -35.56 -21.18 23.31
CA ASP A 187 -35.98 -22.08 24.39
C ASP A 187 -35.75 -21.41 25.75
N GLN A 188 -34.55 -20.91 26.00
CA GLN A 188 -34.30 -20.18 27.25
C GLN A 188 -35.26 -19.01 27.42
N GLN A 189 -35.48 -18.23 26.37
CA GLN A 189 -36.35 -17.07 26.47
C GLN A 189 -37.73 -17.44 27.03
N VAL A 190 -38.41 -18.37 26.35
CA VAL A 190 -39.76 -18.74 26.80
C VAL A 190 -39.69 -19.54 28.10
N GLY A 191 -38.59 -20.26 28.33
CA GLY A 191 -38.48 -21.16 29.46
C GLY A 191 -38.13 -20.47 30.75
N GLY A 192 -38.23 -19.13 30.75
CA GLY A 192 -37.87 -18.33 31.92
C GLY A 192 -36.43 -18.48 32.38
N GLU A 193 -35.49 -18.77 31.48
CA GLU A 193 -34.14 -19.10 31.84
C GLU A 193 -33.15 -17.92 31.69
N ASN A 194 -33.61 -16.85 31.05
CA ASN A 194 -32.79 -15.68 30.75
C ASN A 194 -31.91 -15.13 31.87
N PHE A 195 -32.43 -15.17 33.09
CA PHE A 195 -31.71 -14.63 34.23
C PHE A 195 -31.44 -15.69 35.28
N THR A 196 -31.54 -16.94 34.88
CA THR A 196 -31.22 -18.05 35.73
C THR A 196 -29.98 -18.73 35.20
N ARG A 197 -29.68 -18.50 33.92
CA ARG A 197 -28.51 -19.07 33.29
C ARG A 197 -27.31 -18.41 33.87
N ASP A 198 -26.24 -19.16 34.14
CA ASP A 198 -25.04 -18.56 34.68
C ASP A 198 -24.17 -18.02 33.54
N VAL A 199 -23.10 -17.30 33.89
CA VAL A 199 -22.36 -16.57 32.88
C VAL A 199 -21.75 -17.52 31.85
N GLU A 200 -21.27 -18.69 32.27
CA GLU A 200 -20.74 -19.65 31.30
C GLU A 200 -21.83 -20.10 30.33
N ALA A 201 -23.00 -20.48 30.86
CA ALA A 201 -24.12 -20.85 29.98
C ALA A 201 -24.39 -19.76 28.95
N TYR A 202 -24.40 -18.50 29.40
CA TYR A 202 -24.66 -17.39 28.48
C TYR A 202 -23.61 -17.30 27.40
N MET A 203 -22.32 -17.30 27.79
CA MET A 203 -21.26 -17.19 26.80
C MET A 203 -21.27 -18.40 25.86
N ASP A 204 -21.61 -19.56 26.36
CA ASP A 204 -21.76 -20.69 25.49
C ASP A 204 -22.84 -20.36 24.47
N LEU A 205 -23.93 -19.75 24.91
CA LEU A 205 -25.01 -19.40 24.00
C LEU A 205 -24.55 -18.37 22.99
N ARG A 206 -23.98 -17.26 23.46
CA ARG A 206 -23.62 -16.18 22.56
C ARG A 206 -22.52 -16.56 21.59
N ARG A 207 -21.61 -17.45 21.98
CA ARG A 207 -20.62 -17.96 21.03
C ARG A 207 -21.27 -18.38 19.72
N GLY A 208 -22.41 -19.05 19.81
CA GLY A 208 -23.24 -19.36 18.65
C GLY A 208 -24.00 -18.15 18.13
N THR A 209 -24.91 -17.59 18.95
CA THR A 209 -25.85 -16.59 18.43
C THR A 209 -25.15 -15.30 18.02
N ILE A 210 -23.87 -15.13 18.35
CA ILE A 210 -23.18 -13.90 17.97
C ILE A 210 -22.81 -13.92 16.49
N GLY A 211 -22.71 -15.10 15.86
CA GLY A 211 -22.52 -15.19 14.44
C GLY A 211 -21.09 -15.01 13.99
N VAL A 212 -20.14 -15.05 14.92
CA VAL A 212 -18.75 -14.94 14.57
C VAL A 212 -18.27 -16.19 13.83
N TYR A 213 -18.87 -17.34 14.10
CA TYR A 213 -18.42 -18.56 13.44
C TYR A 213 -18.77 -18.59 11.95
N PRO A 214 -19.96 -18.07 11.60
CA PRO A 214 -20.37 -17.96 10.19
C PRO A 214 -19.62 -16.79 9.55
N ALA A 215 -19.31 -15.77 10.35
CA ALA A 215 -18.57 -14.60 9.88
C ALA A 215 -17.13 -14.97 9.53
N ILE A 216 -16.52 -15.87 10.30
CA ILE A 216 -15.20 -16.34 9.92
C ILE A 216 -15.26 -17.12 8.60
N SER A 217 -16.33 -17.90 8.41
CA SER A 217 -16.49 -18.59 7.12
C SER A 217 -16.73 -17.59 6.01
N LEU A 218 -17.54 -16.56 6.28
CA LEU A 218 -17.71 -15.50 5.30
C LEU A 218 -16.38 -14.84 4.98
N SER A 219 -15.51 -14.68 5.97
CA SER A 219 -14.24 -14.00 5.70
C SER A 219 -13.24 -14.90 5.01
N GLU A 220 -13.16 -16.17 5.41
CA GLU A 220 -12.36 -17.14 4.66
C GLU A 220 -12.70 -17.06 3.17
N TYR A 221 -13.96 -16.72 2.85
CA TYR A 221 -14.44 -16.57 1.45
C TYR A 221 -13.88 -15.29 0.89
N GLY A 222 -14.14 -14.18 1.59
CA GLY A 222 -13.66 -12.89 1.12
C GLY A 222 -12.15 -12.83 0.97
N ALA A 223 -11.41 -13.35 1.96
CA ALA A 223 -9.96 -13.30 1.95
C ALA A 223 -9.32 -14.38 1.06
N GLY A 224 -10.10 -15.38 0.65
CA GLY A 224 -9.56 -16.46 -0.17
C GLY A 224 -8.57 -17.34 0.55
N VAL A 225 -8.82 -17.64 1.82
CA VAL A 225 -7.95 -18.49 2.63
C VAL A 225 -8.67 -19.81 2.85
N ASN A 226 -8.05 -20.91 2.43
CA ASN A 226 -8.67 -22.23 2.41
C ASN A 226 -7.80 -23.18 3.23
N VAL A 227 -7.88 -23.10 4.55
CA VAL A 227 -6.95 -23.90 5.33
C VAL A 227 -7.42 -25.35 5.33
N PRO A 228 -6.52 -26.34 5.26
CA PRO A 228 -6.97 -27.73 5.38
C PRO A 228 -7.72 -27.97 6.67
N GLN A 229 -8.80 -28.75 6.55
CA GLN A 229 -9.75 -28.98 7.64
C GLN A 229 -9.10 -29.71 8.81
N HIS A 230 -8.16 -30.63 8.53
CA HIS A 230 -7.49 -31.29 9.65
C HIS A 230 -6.66 -30.29 10.45
N VAL A 231 -6.22 -29.21 9.82
CA VAL A 231 -5.59 -28.11 10.54
C VAL A 231 -6.64 -27.26 11.23
N TYR A 232 -7.59 -26.72 10.46
CA TYR A 232 -8.70 -25.92 11.00
C TYR A 232 -9.30 -26.54 12.26
N ASP A 233 -9.37 -27.86 12.31
CA ASP A 233 -10.00 -28.56 13.42
C ASP A 233 -9.12 -28.66 14.66
N HIS A 234 -7.87 -28.21 14.60
CA HIS A 234 -7.00 -28.29 15.77
C HIS A 234 -7.57 -27.45 16.91
N PRO A 235 -7.60 -27.96 18.16
CA PRO A 235 -8.20 -27.23 19.29
C PRO A 235 -7.70 -25.80 19.48
N SER A 236 -6.50 -25.50 18.97
CA SER A 236 -5.95 -24.16 19.12
C SER A 236 -6.62 -23.17 18.17
N LEU A 237 -6.86 -23.58 16.91
CA LEU A 237 -7.60 -22.70 16.01
C LEU A 237 -9.04 -22.59 16.45
N GLN A 238 -9.62 -23.72 16.87
CA GLN A 238 -10.95 -23.71 17.48
C GLN A 238 -11.01 -22.72 18.62
N GLU A 239 -9.99 -22.70 19.48
CA GLU A 239 -10.00 -21.76 20.59
C GLU A 239 -9.88 -20.33 20.09
N CYS A 240 -9.19 -20.12 18.96
CA CYS A 240 -9.10 -18.78 18.39
C CYS A 240 -10.45 -18.31 17.89
N MET A 241 -11.16 -19.15 17.15
CA MET A 241 -12.53 -18.81 16.77
C MET A 241 -13.39 -18.53 18.00
N LYS A 242 -13.14 -19.28 19.07
CA LYS A 242 -13.86 -19.10 20.32
C LYS A 242 -13.55 -17.77 21.01
N VAL A 243 -12.30 -17.33 20.94
CA VAL A 243 -11.92 -16.07 21.58
C VAL A 243 -12.43 -14.90 20.77
N SER A 244 -12.36 -15.00 19.44
CA SER A 244 -12.94 -13.95 18.61
C SER A 244 -14.43 -13.80 18.90
N ALA A 245 -15.14 -14.93 19.02
CA ALA A 245 -16.56 -14.91 19.38
C ALA A 245 -16.80 -14.23 20.74
N ASP A 246 -16.12 -14.68 21.81
CA ASP A 246 -16.30 -14.02 23.11
C ASP A 246 -16.01 -12.52 23.01
N LEU A 247 -14.90 -12.16 22.37
CA LEU A 247 -14.57 -10.74 22.21
C LEU A 247 -15.73 -10.00 21.57
N VAL A 248 -16.33 -10.57 20.54
CA VAL A 248 -17.41 -9.88 19.85
C VAL A 248 -18.65 -9.77 20.73
N THR A 249 -18.99 -10.85 21.41
CA THR A 249 -20.16 -10.85 22.29
C THR A 249 -19.99 -9.86 23.45
N LEU A 250 -18.77 -9.76 23.97
CA LEU A 250 -18.44 -8.88 25.07
C LEU A 250 -18.58 -7.42 24.64
N VAL A 251 -17.87 -7.04 23.58
CA VAL A 251 -17.93 -5.67 23.07
C VAL A 251 -19.36 -5.30 22.69
N ASN A 252 -20.06 -6.22 22.03
CA ASN A 252 -21.43 -5.94 21.62
C ASN A 252 -22.34 -5.67 22.81
N ASP A 253 -22.26 -6.52 23.84
CA ASP A 253 -23.17 -6.38 24.98
C ASP A 253 -23.03 -5.02 25.63
N VAL A 254 -21.81 -4.50 25.62
CA VAL A 254 -21.53 -3.19 26.22
C VAL A 254 -22.02 -2.05 25.34
N LEU A 255 -21.92 -2.22 24.03
CA LEU A 255 -22.35 -1.20 23.09
C LEU A 255 -23.85 -1.25 22.84
N SER A 256 -24.33 -2.38 22.35
CA SER A 256 -25.75 -2.55 22.06
C SER A 256 -26.59 -2.59 23.33
N TYR A 257 -25.99 -2.32 24.50
CA TYR A 257 -26.72 -2.39 25.75
C TYR A 257 -27.90 -1.43 25.75
N ARG A 258 -27.74 -0.25 25.16
CA ARG A 258 -28.85 0.68 25.12
C ARG A 258 -29.96 0.16 24.23
N LYS A 259 -29.59 -0.51 23.14
CA LYS A 259 -30.58 -1.08 22.25
C LYS A 259 -31.38 -2.16 22.98
N ASP A 260 -30.68 -3.08 23.67
CA ASP A 260 -31.36 -4.19 24.33
C ASP A 260 -32.29 -3.69 25.42
N LEU A 261 -31.96 -2.56 26.04
CA LEU A 261 -32.88 -1.90 26.94
C LEU A 261 -34.08 -1.34 26.19
N GLU A 262 -33.83 -0.43 25.23
CA GLU A 262 -34.91 0.21 24.48
C GLU A 262 -35.86 -0.81 23.88
N LEU A 263 -35.34 -1.93 23.40
CA LEU A 263 -36.14 -2.95 22.73
C LEU A 263 -36.55 -4.11 23.65
N GLY A 264 -36.14 -4.09 24.93
CA GLY A 264 -36.47 -5.15 25.85
C GLY A 264 -35.95 -6.54 25.49
N VAL A 265 -34.64 -6.66 25.25
CA VAL A 265 -33.98 -7.93 24.99
C VAL A 265 -33.08 -8.26 26.18
N ASP A 266 -33.25 -9.46 26.74
CA ASP A 266 -32.53 -9.88 27.93
C ASP A 266 -31.15 -10.42 27.63
N HIS A 267 -30.83 -10.69 26.35
CA HIS A 267 -29.59 -11.37 26.00
C HIS A 267 -28.47 -10.36 25.94
N ASN A 268 -27.90 -10.09 27.11
CA ASN A 268 -26.89 -9.07 27.30
C ASN A 268 -26.20 -9.33 28.62
N LEU A 269 -24.87 -9.49 28.61
CA LEU A 269 -24.16 -9.87 29.82
C LEU A 269 -24.35 -8.82 30.91
N MET A 270 -24.51 -7.55 30.53
CA MET A 270 -24.78 -6.48 31.49
C MET A 270 -26.03 -6.79 32.30
N SER A 271 -27.15 -6.96 31.62
CA SER A 271 -28.41 -7.21 32.33
C SER A 271 -28.32 -8.48 33.15
N LEU A 272 -27.62 -9.49 32.65
CA LEU A 272 -27.50 -10.75 33.38
C LEU A 272 -26.62 -10.60 34.61
N LEU A 273 -25.50 -9.87 34.49
CA LEU A 273 -24.65 -9.71 35.67
C LEU A 273 -25.33 -8.87 36.74
N MET A 274 -26.14 -7.90 36.32
CA MET A 274 -26.86 -7.03 37.24
C MET A 274 -28.08 -7.71 37.86
N GLN A 275 -28.75 -8.58 37.12
CA GLN A 275 -29.96 -9.24 37.62
C GLN A 275 -29.71 -10.61 38.22
N ARG A 276 -28.60 -11.24 37.81
CA ARG A 276 -28.22 -12.54 38.35
C ARG A 276 -27.45 -12.25 39.63
N ASP A 277 -26.25 -11.75 39.51
CA ASP A 277 -25.58 -11.29 40.69
C ASP A 277 -26.01 -9.84 40.84
N ASN A 278 -25.86 -9.31 42.01
CA ASN A 278 -26.38 -7.98 42.21
C ASN A 278 -25.41 -6.88 41.86
N LEU A 279 -24.77 -6.92 40.71
CA LEU A 279 -23.82 -5.92 40.32
C LEU A 279 -24.43 -4.70 39.73
N SER A 280 -23.80 -3.54 39.92
CA SER A 280 -24.29 -2.32 39.28
C SER A 280 -23.88 -2.30 37.82
N ALA A 281 -24.34 -1.27 37.11
CA ALA A 281 -23.90 -1.06 35.73
C ALA A 281 -22.37 -0.98 35.66
N GLN A 282 -21.76 -0.11 36.48
CA GLN A 282 -20.32 0.04 36.46
C GLN A 282 -19.62 -1.29 36.70
N GLN A 283 -20.05 -2.03 37.71
CA GLN A 283 -19.36 -3.27 38.03
C GLN A 283 -19.55 -4.33 36.95
N ALA A 284 -20.73 -4.36 36.33
CA ALA A 284 -20.95 -5.31 35.23
C ALA A 284 -20.05 -5.00 34.06
N VAL A 285 -19.95 -3.73 33.69
CA VAL A 285 -19.08 -3.39 32.57
C VAL A 285 -17.63 -3.59 32.96
N ASP A 286 -17.28 -3.37 34.24
CA ASP A 286 -15.93 -3.70 34.67
C ASP A 286 -15.66 -5.19 34.53
N VAL A 287 -16.64 -6.02 34.93
CA VAL A 287 -16.50 -7.45 34.73
C VAL A 287 -16.27 -7.76 33.27
N ILE A 288 -17.02 -7.11 32.38
CA ILE A 288 -16.85 -7.38 30.97
C ILE A 288 -15.44 -7.02 30.53
N GLY A 289 -14.92 -5.87 31.02
CA GLY A 289 -13.54 -5.52 30.76
C GLY A 289 -12.56 -6.60 31.21
N ASP A 290 -12.77 -7.14 32.42
CA ASP A 290 -11.91 -8.22 32.86
C ASP A 290 -11.96 -9.38 31.89
N MET A 291 -13.18 -9.73 31.44
CA MET A 291 -13.32 -10.84 30.51
C MET A 291 -12.67 -10.52 29.17
N VAL A 292 -12.76 -9.26 28.72
CA VAL A 292 -12.12 -8.92 27.45
C VAL A 292 -10.61 -9.13 27.54
N ASN A 293 -10.02 -8.77 28.67
CA ASN A 293 -8.59 -8.99 28.81
C ASN A 293 -8.27 -10.45 29.08
N GLU A 294 -9.19 -11.20 29.66
CA GLU A 294 -8.95 -12.63 29.73
C GLU A 294 -8.98 -13.23 28.33
N CYS A 295 -9.77 -12.67 27.41
CA CYS A 295 -9.80 -13.15 26.04
C CYS A 295 -8.41 -13.11 25.44
N TYR A 296 -7.77 -11.94 25.51
CA TYR A 296 -6.40 -11.77 25.02
C TYR A 296 -5.44 -12.79 25.59
N ARG A 297 -5.53 -13.09 26.89
CA ARG A 297 -4.67 -14.13 27.45
C ARG A 297 -4.96 -15.48 26.80
N ARG A 298 -6.25 -15.82 26.67
CA ARG A 298 -6.63 -17.07 26.04
C ARG A 298 -6.18 -17.12 24.59
N TRP A 299 -6.12 -15.95 23.95
CA TRP A 299 -5.67 -15.88 22.57
C TRP A 299 -4.26 -16.41 22.41
N TYR A 300 -3.30 -15.77 23.10
CA TYR A 300 -1.91 -16.21 23.01
C TYR A 300 -1.71 -17.60 23.59
N LEU A 301 -2.36 -17.92 24.72
CA LEU A 301 -2.21 -19.28 25.24
C LEU A 301 -2.64 -20.32 24.22
N ALA A 302 -3.69 -20.01 23.45
CA ALA A 302 -4.12 -20.90 22.38
C ALA A 302 -3.06 -20.96 21.28
N LEU A 303 -2.62 -19.79 20.82
CA LEU A 303 -1.62 -19.76 19.76
C LEU A 303 -0.37 -20.55 20.14
N ALA A 304 -0.04 -20.59 21.43
CA ALA A 304 1.12 -21.36 21.86
C ALA A 304 0.97 -22.84 21.55
N GLU A 305 -0.26 -23.35 21.52
CA GLU A 305 -0.47 -24.76 21.26
C GLU A 305 -0.62 -25.08 19.78
N LEU A 306 -0.69 -24.06 18.92
CA LEU A 306 -0.86 -24.27 17.50
C LEU A 306 0.43 -24.85 16.92
N PRO A 307 0.40 -26.06 16.38
CA PRO A 307 1.61 -26.64 15.78
C PRO A 307 1.82 -26.11 14.37
N SER A 308 2.99 -26.44 13.85
CA SER A 308 3.44 -26.02 12.55
C SER A 308 3.21 -27.13 11.54
N TYR A 309 2.75 -26.76 10.35
CA TYR A 309 2.48 -27.70 9.27
C TYR A 309 3.38 -27.39 8.06
N GLY A 310 4.54 -26.83 8.33
CA GLY A 310 5.43 -26.39 7.28
C GLY A 310 5.04 -25.04 6.72
N GLU A 311 6.03 -24.34 6.20
CA GLU A 311 5.86 -22.98 5.67
C GLU A 311 4.56 -22.64 4.93
N LYS A 312 4.30 -23.38 3.87
CA LYS A 312 3.17 -23.14 2.99
C LYS A 312 1.84 -23.11 3.74
N ILE A 313 1.57 -24.14 4.53
CA ILE A 313 0.30 -24.17 5.25
C ILE A 313 0.31 -23.12 6.36
N ASP A 314 1.39 -23.05 7.14
CA ASP A 314 1.51 -22.08 8.24
C ASP A 314 1.26 -20.66 7.76
N TYR A 315 1.77 -20.33 6.56
CA TYR A 315 1.46 -19.04 5.93
C TYR A 315 -0.02 -18.77 5.93
N ASN A 316 -0.81 -19.75 5.48
CA ASN A 316 -2.25 -19.55 5.43
C ASN A 316 -2.86 -19.65 6.81
N VAL A 317 -2.36 -20.58 7.63
CA VAL A 317 -2.76 -20.63 9.03
C VAL A 317 -2.65 -19.25 9.65
N MET A 318 -1.53 -18.55 9.39
CA MET A 318 -1.38 -17.21 9.92
C MET A 318 -2.46 -16.28 9.36
N LYS A 319 -2.77 -16.42 8.08
CA LYS A 319 -3.85 -15.61 7.52
C LYS A 319 -5.19 -15.89 8.19
N PHE A 320 -5.41 -17.15 8.60
CA PHE A 320 -6.67 -17.50 9.23
C PHE A 320 -6.74 -16.98 10.65
N VAL A 321 -5.62 -17.03 11.37
CA VAL A 321 -5.60 -16.45 12.70
C VAL A 321 -5.95 -14.97 12.62
N GLU A 322 -5.40 -14.31 11.60
CA GLU A 322 -5.68 -12.88 11.41
C GLU A 322 -7.16 -12.66 11.14
N ILE A 323 -7.77 -13.53 10.34
CA ILE A 323 -9.21 -13.45 10.07
C ILE A 323 -10.00 -13.52 11.37
N CYS A 324 -9.58 -14.37 12.29
CA CYS A 324 -10.25 -14.39 13.59
C CYS A 324 -10.12 -13.03 14.26
N ARG A 325 -8.90 -12.47 14.26
CA ARG A 325 -8.67 -11.19 14.91
C ARG A 325 -9.46 -10.09 14.22
N ALA A 326 -9.44 -10.06 12.88
CA ALA A 326 -10.10 -8.98 12.15
C ALA A 326 -11.62 -9.01 12.31
N VAL A 327 -12.21 -10.20 12.42
CA VAL A 327 -13.62 -10.25 12.76
C VAL A 327 -13.84 -9.55 14.09
N ALA A 328 -13.03 -9.92 15.09
CA ALA A 328 -13.17 -9.28 16.39
C ALA A 328 -12.91 -7.78 16.31
N GLN A 329 -11.87 -7.37 15.57
CA GLN A 329 -11.53 -5.96 15.57
C GLN A 329 -12.46 -5.18 14.65
N GLY A 330 -12.86 -5.79 13.54
CA GLY A 330 -13.86 -5.17 12.69
C GLY A 330 -15.18 -4.91 13.43
N ASN A 331 -15.65 -5.90 14.20
CA ASN A 331 -16.82 -5.67 15.05
C ASN A 331 -16.56 -4.53 16.03
N LEU A 332 -15.38 -4.52 16.66
CA LEU A 332 -15.07 -3.47 17.62
C LEU A 332 -15.22 -2.09 17.02
N TYR A 333 -14.48 -1.80 15.94
CA TYR A 333 -14.52 -0.44 15.40
C TYR A 333 -15.90 -0.11 14.84
N TRP A 334 -16.56 -1.09 14.24
CA TRP A 334 -17.89 -0.85 13.70
C TRP A 334 -18.89 -0.55 14.81
N SER A 335 -18.83 -1.31 15.93
CA SER A 335 -19.76 -1.13 17.04
C SER A 335 -19.72 0.29 17.59
N PHE A 336 -18.56 0.95 17.50
CA PHE A 336 -18.44 2.33 17.93
C PHE A 336 -18.86 3.32 16.85
N GLN A 337 -19.08 2.85 15.63
CA GLN A 337 -19.44 3.71 14.50
C GLN A 337 -20.90 3.60 14.11
N THR A 338 -21.40 2.37 14.12
CA THR A 338 -22.75 2.04 13.72
C THR A 338 -23.86 2.87 14.34
N GLY A 339 -24.84 3.22 13.52
CA GLY A 339 -25.98 3.98 13.99
C GLY A 339 -26.93 3.01 14.64
N ARG A 340 -26.69 1.72 14.41
CA ARG A 340 -27.53 0.69 15.00
C ARG A 340 -27.38 0.65 16.51
N TYR A 341 -26.28 1.21 17.02
CA TYR A 341 -26.05 1.24 18.45
C TYR A 341 -26.03 2.67 19.02
N LEU A 342 -24.90 3.36 18.96
CA LEU A 342 -24.81 4.70 19.53
C LEU A 342 -24.64 5.79 18.48
N GLY A 343 -24.39 5.45 17.21
CA GLY A 343 -24.23 6.43 16.17
C GLY A 343 -23.02 7.31 16.41
N PRO A 344 -23.17 8.62 16.20
CA PRO A 344 -22.05 9.54 16.46
C PRO A 344 -21.64 9.60 17.91
N GLU A 345 -22.45 9.13 18.85
CA GLU A 345 -22.01 9.21 20.22
C GLU A 345 -21.20 7.99 20.64
N GLY A 346 -20.95 7.07 19.71
CA GLY A 346 -20.00 6.02 19.99
C GLY A 346 -18.57 6.46 19.75
N HIS A 347 -18.38 7.51 18.98
CA HIS A 347 -17.08 8.04 18.78
C HIS A 347 -16.72 8.71 20.06
N GLU A 348 -17.68 9.39 20.66
CA GLU A 348 -17.46 10.08 21.91
C GLU A 348 -17.19 9.11 23.05
N VAL A 349 -17.66 7.89 22.94
CA VAL A 349 -17.42 6.88 23.98
C VAL A 349 -16.01 6.33 23.85
N HIS A 350 -15.46 6.38 22.64
CA HIS A 350 -14.13 5.90 22.40
C HIS A 350 -13.19 6.98 22.87
N GLU A 351 -13.56 8.24 22.68
CA GLU A 351 -12.79 9.41 23.11
C GLU A 351 -12.79 9.58 24.63
N THR A 352 -13.91 9.38 25.27
CA THR A 352 -14.02 9.66 26.67
C THR A 352 -14.25 8.58 27.64
N GLY A 353 -14.55 7.37 27.22
CA GLY A 353 -14.86 6.28 28.13
C GLY A 353 -16.25 6.33 28.75
N ILE A 354 -16.98 7.41 28.55
CA ILE A 354 -18.30 7.59 29.15
C ILE A 354 -19.34 7.10 28.15
N MET A 355 -20.12 6.10 28.56
CA MET A 355 -21.24 5.63 27.78
C MET A 355 -22.47 5.93 28.59
N TYR A 356 -23.32 6.78 28.08
CA TYR A 356 -24.54 7.20 28.77
C TYR A 356 -25.60 6.10 28.76
N LEU A 357 -26.43 6.13 29.80
CA LEU A 357 -27.58 5.25 29.91
C LEU A 357 -28.85 6.08 30.00
N PRO A 358 -29.99 5.56 29.54
CA PRO A 358 -31.25 6.35 29.58
C PRO A 358 -31.74 6.46 31.01
N PRO A 359 -32.57 7.49 31.32
CA PRO A 359 -33.17 7.55 32.67
C PRO A 359 -33.97 6.31 32.99
N ALA A 360 -34.70 5.78 32.01
CA ALA A 360 -35.36 4.48 32.10
C ALA A 360 -36.54 4.49 33.07
N ALA A 361 -36.67 5.56 33.87
CA ALA A 361 -37.86 5.80 34.69
C ALA A 361 -38.20 7.28 34.68
N LYS B 23 28.85 -37.34 11.12
CA LYS B 23 29.14 -35.97 11.51
C LYS B 23 29.44 -35.09 10.30
N ARG B 24 30.22 -35.63 9.36
CA ARG B 24 30.59 -34.89 8.15
C ARG B 24 30.03 -35.58 6.91
N PRO B 25 28.70 -35.62 6.79
CA PRO B 25 28.01 -36.25 5.65
C PRO B 25 27.98 -35.31 4.45
N PRO B 26 27.68 -35.78 3.21
CA PRO B 26 27.70 -34.85 2.09
C PRO B 26 26.62 -33.79 2.17
N PHE B 27 25.51 -34.09 2.85
CA PHE B 27 24.46 -33.13 3.11
C PHE B 27 23.85 -33.38 4.48
N VAL B 28 23.12 -32.36 4.93
CA VAL B 28 22.37 -32.37 6.19
C VAL B 28 20.97 -31.85 5.84
N ARG B 29 19.93 -32.47 6.39
CA ARG B 29 18.56 -32.08 6.08
C ARG B 29 18.10 -31.05 7.10
N VAL B 30 17.89 -29.82 6.63
CA VAL B 30 17.63 -28.66 7.47
C VAL B 30 16.18 -28.68 7.95
N PRO B 31 15.91 -28.40 9.22
CA PRO B 31 14.52 -28.24 9.67
C PRO B 31 13.86 -27.07 8.94
N ASP B 32 12.52 -27.04 8.97
CA ASP B 32 11.83 -25.92 8.34
C ASP B 32 11.97 -24.72 9.25
N LEU B 33 12.71 -23.71 8.80
CA LEU B 33 12.95 -22.49 9.56
C LEU B 33 11.88 -21.44 9.29
N PHE B 34 11.03 -21.68 8.29
CA PHE B 34 10.05 -20.71 7.85
C PHE B 34 8.65 -21.00 8.39
N GLY B 35 8.57 -21.69 9.52
CA GLY B 35 7.29 -22.03 10.09
C GLY B 35 6.77 -20.95 11.02
N SER B 36 5.55 -21.20 11.52
CA SER B 36 4.90 -20.44 12.60
C SER B 36 4.98 -18.93 12.31
N ILE B 37 5.51 -18.11 13.24
CA ILE B 37 5.53 -16.66 13.06
C ILE B 37 6.53 -16.24 12.00
N MET B 38 7.34 -17.16 11.48
CA MET B 38 8.25 -16.87 10.38
C MET B 38 7.63 -17.13 9.02
N SER B 39 6.38 -17.59 8.98
CA SER B 39 5.82 -18.05 7.73
C SER B 39 5.14 -16.94 6.93
N THR B 40 5.06 -15.73 7.45
CA THR B 40 4.32 -14.69 6.76
C THR B 40 5.19 -14.10 5.64
N LYS B 41 4.55 -13.42 4.71
CA LYS B 41 5.31 -12.79 3.64
C LYS B 41 6.09 -11.61 4.21
N PRO B 42 7.42 -11.61 4.14
CA PRO B 42 8.18 -10.49 4.72
C PRO B 42 7.78 -9.18 4.05
N VAL B 43 7.82 -8.12 4.85
CA VAL B 43 7.57 -6.76 4.38
C VAL B 43 8.95 -6.12 4.27
N VAL B 44 9.29 -5.62 3.08
CA VAL B 44 10.61 -5.03 2.84
C VAL B 44 10.45 -3.54 2.62
N ASN B 45 11.24 -2.75 3.34
CA ASN B 45 11.19 -1.32 3.22
C ASN B 45 11.25 -0.92 1.75
N PRO B 46 10.32 -0.11 1.27
CA PRO B 46 10.35 0.30 -0.15
C PRO B 46 11.50 1.23 -0.50
N ASN B 47 12.22 1.74 0.50
CA ASN B 47 13.39 2.60 0.28
C ASN B 47 14.67 1.79 0.10
N TYR B 48 14.59 0.48 0.31
CA TYR B 48 15.70 -0.45 0.15
C TYR B 48 16.66 -0.07 -0.98
N PHE B 49 16.13 0.21 -2.18
CA PHE B 49 16.99 0.44 -3.34
C PHE B 49 17.78 1.73 -3.20
N ALA B 50 17.09 2.83 -2.84
CA ALA B 50 17.77 4.10 -2.60
C ALA B 50 18.81 3.97 -1.49
N ALA B 51 18.43 3.42 -0.33
CA ALA B 51 19.36 3.35 0.78
C ALA B 51 20.53 2.40 0.53
N LYS B 52 20.30 1.30 -0.20
CA LYS B 52 21.40 0.41 -0.53
C LYS B 52 22.42 1.14 -1.37
N ALA B 53 21.94 1.88 -2.37
CA ALA B 53 22.79 2.71 -3.23
C ALA B 53 23.66 3.65 -2.41
N ARG B 54 23.07 4.33 -1.43
CA ARG B 54 23.83 5.27 -0.64
C ARG B 54 24.72 4.55 0.36
N GLY B 55 24.17 3.56 1.06
CA GLY B 55 24.93 2.89 2.09
C GLY B 55 26.05 2.04 1.55
N ASP B 56 25.85 1.42 0.39
CA ASP B 56 26.89 0.54 -0.12
C ASP B 56 28.09 1.34 -0.58
N ARG B 57 27.85 2.47 -1.23
CA ARG B 57 28.92 3.32 -1.72
C ARG B 57 29.64 4.07 -0.61
N TRP B 58 28.90 4.40 0.45
CA TRP B 58 29.47 5.12 1.58
C TRP B 58 30.39 4.23 2.39
N ILE B 59 29.94 3.00 2.64
CA ILE B 59 30.73 2.02 3.37
C ILE B 59 31.97 1.63 2.56
N ALA B 60 31.92 1.84 1.24
CA ALA B 60 33.07 1.48 0.41
C ALA B 60 34.13 2.57 0.46
N ARG B 61 33.69 3.84 0.35
CA ARG B 61 34.61 4.96 0.54
C ARG B 61 35.23 4.95 1.94
N VAL B 62 34.41 4.69 2.96
CA VAL B 62 34.90 4.68 4.33
C VAL B 62 35.98 3.63 4.53
N MET B 63 35.69 2.38 4.18
CA MET B 63 36.61 1.26 4.37
C MET B 63 37.71 1.21 3.30
N ASN B 64 37.56 2.02 2.28
CA ASN B 64 38.46 2.02 1.18
C ASN B 64 38.43 0.65 0.56
N PHE B 65 37.27 0.27 0.07
CA PHE B 65 37.07 -1.00 -0.54
C PHE B 65 37.29 -0.80 -2.00
N ASN B 66 37.92 -1.75 -2.65
CA ASN B 66 38.17 -1.66 -4.07
C ASN B 66 36.97 -2.07 -4.83
N LYS B 67 37.04 -1.95 -6.15
CA LYS B 67 35.91 -2.31 -7.02
C LYS B 67 35.35 -3.72 -6.77
N ALA B 68 36.23 -4.67 -6.44
CA ALA B 68 35.83 -6.05 -6.20
C ALA B 68 35.49 -6.32 -4.73
N VAL B 69 36.13 -5.62 -3.80
CA VAL B 69 35.74 -5.79 -2.41
C VAL B 69 34.43 -5.08 -2.14
N ALA B 70 34.21 -3.96 -2.82
CA ALA B 70 32.97 -3.21 -2.67
C ALA B 70 31.79 -3.98 -3.25
N ALA B 71 31.99 -4.61 -4.42
CA ALA B 71 30.93 -5.43 -5.00
C ALA B 71 30.65 -6.67 -4.16
N ARG B 72 31.69 -7.26 -3.56
CA ARG B 72 31.51 -8.42 -2.70
C ARG B 72 30.68 -8.07 -1.49
N ASN B 73 30.96 -6.91 -0.88
CA ASN B 73 30.14 -6.45 0.23
C ASN B 73 28.72 -6.16 -0.23
N SER B 74 28.57 -5.52 -1.39
CA SER B 74 27.25 -5.18 -1.91
C SER B 74 26.39 -6.42 -2.13
N LYS B 75 27.02 -7.53 -2.53
CA LYS B 75 26.31 -8.80 -2.65
C LYS B 75 25.97 -9.41 -1.30
N VAL B 76 26.62 -8.99 -0.22
CA VAL B 76 26.19 -9.41 1.10
C VAL B 76 24.82 -8.82 1.41
N ASP B 77 24.55 -7.63 0.90
CA ASP B 77 23.25 -6.99 0.97
C ASP B 77 22.75 -6.86 2.41
N LEU B 78 23.52 -6.14 3.22
CA LEU B 78 23.01 -5.79 4.53
C LEU B 78 21.79 -4.88 4.44
N CYS B 79 21.54 -4.27 3.28
CA CYS B 79 20.36 -3.42 3.15
C CYS B 79 19.07 -4.24 3.09
N PHE B 80 19.13 -5.44 2.51
CA PHE B 80 18.01 -6.37 2.61
C PHE B 80 17.68 -6.68 4.07
N LEU B 81 18.70 -6.91 4.89
CA LEU B 81 18.48 -7.23 6.30
C LEU B 81 17.78 -6.09 7.04
N ALA B 82 18.29 -4.86 6.91
CA ALA B 82 17.71 -3.72 7.61
C ALA B 82 16.33 -3.36 7.05
N SER B 83 16.16 -3.50 5.73
CA SER B 83 14.90 -3.14 5.08
C SER B 83 13.73 -3.97 5.59
N MET B 84 14.00 -5.20 6.02
CA MET B 84 12.96 -6.04 6.63
C MET B 84 12.80 -5.76 8.11
N TRP B 85 13.84 -5.26 8.79
CA TRP B 85 13.70 -4.98 10.22
C TRP B 85 12.70 -3.86 10.47
N ALA B 86 12.79 -2.78 9.69
CA ALA B 86 12.00 -1.57 9.90
C ALA B 86 11.42 -1.16 8.57
N PRO B 87 10.35 -1.84 8.13
CA PRO B 87 9.87 -1.62 6.74
C PRO B 87 9.25 -0.26 6.48
N ASP B 88 8.81 0.50 7.50
CA ASP B 88 8.30 1.83 7.19
C ASP B 88 9.25 2.93 7.62
N ALA B 89 10.49 2.57 7.93
CA ALA B 89 11.52 3.55 8.18
C ALA B 89 11.66 4.47 6.97
N PRO B 90 11.79 5.78 7.18
CA PRO B 90 12.09 6.68 6.06
C PRO B 90 13.54 6.49 5.61
N GLU B 91 13.79 6.82 4.34
CA GLU B 91 15.05 6.50 3.71
C GLU B 91 16.25 6.86 4.58
N ASP B 92 16.26 8.09 5.10
CA ASP B 92 17.45 8.56 5.82
C ASP B 92 17.75 7.67 7.03
N ARG B 93 16.72 7.19 7.74
CA ARG B 93 16.96 6.27 8.85
C ARG B 93 17.33 4.87 8.40
N LEU B 94 16.83 4.42 7.25
CA LEU B 94 17.23 3.11 6.75
C LEU B 94 18.70 3.11 6.39
N VAL B 95 19.16 4.20 5.77
CA VAL B 95 20.58 4.38 5.50
C VAL B 95 21.39 4.22 6.79
N MET B 96 20.89 4.81 7.87
CA MET B 96 21.54 4.71 9.16
C MET B 96 21.57 3.25 9.62
N MET B 97 20.46 2.55 9.40
CA MET B 97 20.36 1.14 9.77
C MET B 97 21.36 0.30 8.98
N LEU B 98 21.51 0.61 7.69
CA LEU B 98 22.53 -0.02 6.86
C LEU B 98 23.92 0.21 7.44
N ASP B 99 24.28 1.49 7.66
CA ASP B 99 25.57 1.82 8.26
C ASP B 99 25.81 1.02 9.52
N TRP B 100 24.83 1.01 10.43
CA TRP B 100 25.01 0.28 11.68
C TRP B 100 25.26 -1.19 11.42
N ASN B 101 24.64 -1.75 10.37
CA ASN B 101 24.81 -3.16 10.07
C ASN B 101 26.21 -3.43 9.55
N HIS B 102 26.65 -2.67 8.54
CA HIS B 102 28.05 -2.72 8.14
C HIS B 102 28.99 -2.58 9.33
N TRP B 103 28.69 -1.66 10.26
CA TRP B 103 29.49 -1.59 11.49
C TRP B 103 29.51 -2.94 12.21
N VAL B 104 28.35 -3.45 12.61
CA VAL B 104 28.34 -4.64 13.45
C VAL B 104 28.99 -5.83 12.74
N PHE B 105 28.92 -5.87 11.41
CA PHE B 105 29.55 -6.95 10.68
C PHE B 105 31.07 -6.82 10.71
N LEU B 106 31.54 -5.65 10.35
CA LEU B 106 32.92 -5.35 10.45
C LEU B 106 33.33 -5.43 11.91
N PHE B 107 32.47 -5.03 12.82
CA PHE B 107 32.83 -5.07 14.22
C PHE B 107 32.95 -6.52 14.70
N ASP B 108 31.90 -7.30 14.59
CA ASP B 108 31.91 -8.66 15.12
C ASP B 108 32.99 -9.54 14.56
N ASP B 109 33.31 -9.35 13.30
CA ASP B 109 34.34 -10.20 12.70
C ASP B 109 35.69 -10.04 13.40
N GLN B 110 35.96 -8.87 13.99
CA GLN B 110 37.18 -8.70 14.77
C GLN B 110 37.27 -9.70 15.92
N PHE B 111 36.13 -10.12 16.47
CA PHE B 111 36.11 -11.04 17.61
C PHE B 111 35.98 -12.49 17.20
N ASP B 112 35.69 -12.75 15.93
CA ASP B 112 35.49 -14.10 15.43
C ASP B 112 36.68 -14.61 14.63
N GLU B 113 37.15 -13.82 13.66
CA GLU B 113 38.30 -14.16 12.82
C GLU B 113 39.47 -13.19 12.98
N GLY B 114 39.15 -11.94 13.27
CA GLY B 114 40.12 -10.88 13.45
C GLY B 114 40.87 -10.87 14.76
N HIS B 115 41.70 -9.87 14.91
CA HIS B 115 42.61 -9.65 16.04
C HIS B 115 42.16 -9.69 17.46
N LEU B 116 40.87 -9.70 17.69
CA LEU B 116 40.39 -9.72 19.06
C LEU B 116 39.97 -11.12 19.50
N LYS B 117 40.06 -12.09 18.60
CA LYS B 117 39.61 -13.46 18.84
C LYS B 117 40.21 -14.20 20.05
N GLU B 118 41.51 -14.03 20.27
CA GLU B 118 42.19 -14.70 21.38
C GLU B 118 42.92 -13.72 22.30
N ASP B 119 42.51 -12.46 22.23
CA ASP B 119 43.09 -11.39 23.03
C ASP B 119 42.16 -10.72 24.02
N PRO B 120 42.08 -11.23 25.23
CA PRO B 120 41.16 -10.59 26.20
C PRO B 120 41.45 -9.12 26.45
N ALA B 121 42.73 -8.76 26.62
CA ALA B 121 43.08 -7.37 26.91
C ALA B 121 42.62 -6.44 25.79
N ALA B 122 43.01 -6.74 24.55
CA ALA B 122 42.63 -5.89 23.42
C ALA B 122 41.12 -5.90 23.20
N ALA B 123 40.48 -7.04 23.45
CA ALA B 123 39.02 -7.13 23.27
C ALA B 123 38.28 -6.23 24.24
N ALA B 124 38.68 -6.25 25.52
CA ALA B 124 38.05 -5.36 26.47
C ALA B 124 38.34 -3.90 26.12
N GLU B 125 39.53 -3.62 25.56
CA GLU B 125 39.90 -2.24 25.26
C GLU B 125 39.16 -1.71 24.04
N GLU B 126 38.90 -2.56 23.06
CA GLU B 126 38.04 -2.16 21.96
C GLU B 126 36.63 -1.90 22.45
N VAL B 127 36.16 -2.70 23.40
CA VAL B 127 34.80 -2.57 23.88
C VAL B 127 34.64 -1.30 24.71
N LYS B 128 35.59 -0.99 25.54
CA LYS B 128 35.56 0.24 26.26
C LYS B 128 35.68 1.41 25.33
N GLN B 129 36.48 1.30 24.30
CA GLN B 129 36.60 2.44 23.39
C GLN B 129 35.35 2.63 22.56
N THR B 130 34.66 1.54 22.20
CA THR B 130 33.47 1.71 21.38
C THR B 130 32.29 2.19 22.21
N ILE B 131 32.20 1.78 23.47
CA ILE B 131 31.05 2.15 24.30
C ILE B 131 31.13 3.62 24.71
N ALA B 132 32.34 4.17 24.84
CA ALA B 132 32.46 5.58 25.21
C ALA B 132 32.08 6.50 24.08
N ILE B 133 31.97 5.98 22.85
CA ILE B 133 31.47 6.78 21.73
C ILE B 133 30.11 7.36 22.10
N MET B 134 29.25 6.53 22.69
CA MET B 134 27.87 6.90 23.00
C MET B 134 27.86 7.71 24.29
N GLY B 135 28.05 9.02 24.15
CA GLY B 135 27.95 9.94 25.24
C GLY B 135 29.19 10.14 26.07
N GLY B 136 30.16 9.25 26.00
CA GLY B 136 31.36 9.32 26.82
C GLY B 136 32.49 10.15 26.24
N ASN B 137 33.71 9.86 26.72
CA ASN B 137 34.90 10.64 26.44
C ASN B 137 35.68 10.16 25.21
N ALA B 138 35.03 9.41 24.31
CA ALA B 138 35.73 8.96 23.12
C ALA B 138 36.17 10.17 22.29
N PRO B 139 37.20 10.02 21.47
CA PRO B 139 37.60 11.09 20.56
C PRO B 139 36.67 11.16 19.35
N ARG B 140 36.81 12.24 18.59
CA ARG B 140 36.11 12.39 17.34
C ARG B 140 36.80 11.55 16.28
N TYR B 141 36.18 10.45 15.87
CA TYR B 141 36.83 9.61 14.89
C TYR B 141 36.59 10.13 13.47
N THR B 142 37.43 9.68 12.57
CA THR B 142 37.33 9.91 11.14
C THR B 142 37.42 8.56 10.44
N ALA B 143 37.03 8.54 9.16
CA ALA B 143 37.19 7.31 8.39
C ALA B 143 38.66 6.92 8.24
N GLU B 144 39.57 7.91 8.33
CA GLU B 144 41.01 7.64 8.32
C GLU B 144 41.50 7.18 9.68
N SER B 145 41.06 7.85 10.74
CA SER B 145 41.64 7.57 12.05
C SER B 145 41.27 6.18 12.54
N ASN B 146 39.97 5.84 12.50
CA ASN B 146 39.53 4.50 12.90
C ASN B 146 38.21 4.23 12.24
N PRO B 147 38.22 3.75 10.98
CA PRO B 147 37.08 3.46 10.09
C PRO B 147 35.82 2.79 10.65
N ILE B 148 35.96 1.86 11.57
CA ILE B 148 34.83 1.11 12.12
C ILE B 148 34.21 1.85 13.30
N ARG B 149 35.06 2.37 14.20
CA ARG B 149 34.57 3.24 15.27
C ARG B 149 33.93 4.51 14.71
N TYR B 150 34.43 5.01 13.58
CA TYR B 150 33.79 6.15 12.93
C TYR B 150 32.36 5.83 12.53
N VAL B 151 32.16 4.70 11.86
CA VAL B 151 30.82 4.33 11.41
C VAL B 151 29.86 4.26 12.59
N PHE B 152 30.23 3.51 13.63
CA PHE B 152 29.37 3.44 14.80
C PHE B 152 29.10 4.82 15.37
N GLN B 153 30.13 5.68 15.40
CA GLN B 153 29.96 7.03 15.91
C GLN B 153 29.05 7.86 15.04
N GLN B 154 29.13 7.68 13.71
CA GLN B 154 28.20 8.37 12.82
C GLN B 154 26.78 7.89 13.05
N CYS B 155 26.62 6.63 13.45
CA CYS B 155 25.29 6.14 13.79
C CYS B 155 24.80 6.76 15.08
N TRP B 156 25.58 6.64 16.15
CA TRP B 156 25.20 7.22 17.44
C TRP B 156 24.71 8.65 17.27
N ASP B 157 25.53 9.51 16.67
CA ASP B 157 25.17 10.91 16.51
C ASP B 157 23.77 11.04 15.92
N ARG B 158 23.44 10.24 14.90
CA ARG B 158 22.12 10.32 14.28
C ARG B 158 21.03 9.82 15.23
N LEU B 159 21.32 8.77 15.99
CA LEU B 159 20.35 8.23 16.94
C LEU B 159 20.06 9.27 18.02
N LYS B 160 21.14 9.77 18.63
CA LYS B 160 21.05 10.77 19.68
C LYS B 160 20.18 11.94 19.25
N ALA B 161 20.33 12.37 18.00
CA ALA B 161 19.63 13.54 17.46
C ALA B 161 18.12 13.43 17.20
N VAL B 162 17.56 12.24 17.35
CA VAL B 162 16.13 12.05 17.10
C VAL B 162 15.53 11.08 18.11
N SER B 163 16.23 10.85 19.21
CA SER B 163 15.77 9.92 20.24
C SER B 163 15.71 10.62 21.57
N SER B 164 14.71 10.25 22.36
CA SER B 164 14.61 10.67 23.75
C SER B 164 15.84 10.21 24.53
N GLN B 165 16.13 10.89 25.64
CA GLN B 165 17.26 10.43 26.44
C GLN B 165 17.04 9.01 26.95
N GLU B 166 15.78 8.63 27.21
CA GLU B 166 15.49 7.28 27.65
C GLU B 166 15.77 6.27 26.55
N MET B 167 15.34 6.59 25.32
CA MET B 167 15.66 5.73 24.20
C MET B 167 17.17 5.65 23.96
N GLN B 168 17.87 6.77 24.11
CA GLN B 168 19.33 6.75 24.02
C GLN B 168 19.94 5.83 25.07
N GLN B 169 19.44 5.91 26.32
CA GLN B 169 19.90 5.01 27.36
C GLN B 169 19.68 3.56 26.98
N ARG B 170 18.53 3.27 26.34
CA ARG B 170 18.22 1.90 25.91
C ARG B 170 19.20 1.40 24.84
N TRP B 171 19.53 2.26 23.87
CA TRP B 171 20.53 1.89 22.85
C TRP B 171 21.87 1.53 23.47
N ILE B 172 22.30 2.34 24.46
CA ILE B 172 23.54 2.06 25.19
C ILE B 172 23.45 0.71 25.88
N ASP B 173 22.42 0.54 26.69
CA ASP B 173 22.33 -0.63 27.54
C ASP B 173 22.20 -1.91 26.73
N GLN B 174 21.62 -1.84 25.53
CA GLN B 174 21.53 -3.02 24.67
C GLN B 174 22.81 -3.25 23.89
N HIS B 175 23.48 -2.20 23.43
CA HIS B 175 24.81 -2.40 22.89
C HIS B 175 25.74 -2.93 23.95
N LYS B 176 25.49 -2.54 25.22
CA LYS B 176 26.29 -3.03 26.34
C LYS B 176 26.11 -4.53 26.54
N ARG B 177 24.90 -5.06 26.30
CA ARG B 177 24.69 -6.49 26.46
C ARG B 177 25.40 -7.29 25.39
N TYR B 178 25.54 -6.70 24.20
CA TYR B 178 26.30 -7.33 23.13
C TYR B 178 27.78 -7.36 23.49
N PHE B 179 28.34 -6.20 23.85
CA PHE B 179 29.76 -6.10 24.20
C PHE B 179 30.10 -7.02 25.37
N ASP B 180 29.21 -7.12 26.35
CA ASP B 180 29.53 -7.91 27.53
C ASP B 180 29.76 -9.36 27.15
N GLN B 181 28.94 -9.88 26.25
CA GLN B 181 29.09 -11.28 25.85
C GLN B 181 30.30 -11.47 24.95
N LEU B 182 30.58 -10.48 24.10
CA LEU B 182 31.78 -10.56 23.29
C LEU B 182 33.00 -10.86 24.14
N LEU B 183 33.06 -10.26 25.34
CA LEU B 183 34.18 -10.49 26.23
C LEU B 183 34.11 -11.85 26.88
N VAL B 184 32.92 -12.35 27.15
CA VAL B 184 32.75 -13.68 27.64
C VAL B 184 33.08 -14.60 26.48
N GLN B 185 32.82 -14.20 25.26
CA GLN B 185 33.20 -15.03 24.12
C GLN B 185 34.71 -15.21 24.06
N VAL B 186 35.47 -14.12 24.27
CA VAL B 186 36.93 -14.26 24.19
C VAL B 186 37.50 -14.92 25.42
N ASP B 187 36.83 -14.82 26.57
CA ASP B 187 37.25 -15.63 27.71
C ASP B 187 37.12 -17.11 27.38
N GLN B 188 35.89 -17.57 27.13
CA GLN B 188 35.69 -18.98 26.77
C GLN B 188 36.59 -19.44 25.63
N GLN B 189 36.93 -18.54 24.72
CA GLN B 189 37.81 -18.92 23.61
C GLN B 189 39.19 -19.32 24.11
N VAL B 190 39.85 -18.40 24.81
CA VAL B 190 41.20 -18.66 25.28
C VAL B 190 41.21 -19.63 26.46
N GLY B 191 40.10 -19.76 27.17
CA GLY B 191 39.97 -20.67 28.28
C GLY B 191 39.67 -22.09 27.90
N GLY B 192 39.64 -22.38 26.60
CA GLY B 192 39.30 -23.69 26.11
C GLY B 192 37.91 -24.16 26.48
N GLU B 193 37.01 -23.22 26.76
CA GLU B 193 35.64 -23.53 27.17
C GLU B 193 34.69 -23.69 26.00
N ASN B 194 35.18 -23.51 24.76
CA ASN B 194 34.30 -23.52 23.60
C ASN B 194 33.54 -24.83 23.45
N PHE B 195 34.06 -25.91 23.98
CA PHE B 195 33.41 -27.20 23.87
C PHE B 195 33.21 -27.86 25.21
N THR B 196 33.32 -27.09 26.26
CA THR B 196 33.05 -27.55 27.58
C THR B 196 31.71 -26.97 27.97
N ARG B 197 31.45 -25.72 27.62
CA ARG B 197 30.20 -25.03 27.95
C ARG B 197 28.99 -25.84 27.45
N ASP B 198 27.94 -25.90 28.27
CA ASP B 198 26.76 -26.64 27.86
C ASP B 198 25.91 -25.79 26.93
N VAL B 199 24.75 -26.31 26.53
CA VAL B 199 23.94 -25.60 25.56
C VAL B 199 23.34 -24.34 26.16
N GLU B 200 22.93 -24.41 27.43
CA GLU B 200 22.40 -23.21 28.08
C GLU B 200 23.46 -22.12 28.18
N ALA B 201 24.69 -22.51 28.54
CA ALA B 201 25.79 -21.55 28.53
C ALA B 201 25.99 -20.95 27.15
N TYR B 202 25.98 -21.79 26.11
CA TYR B 202 26.18 -21.30 24.75
C TYR B 202 25.07 -20.36 24.32
N MET B 203 23.82 -20.73 24.60
CA MET B 203 22.71 -19.86 24.23
C MET B 203 22.78 -18.55 25.02
N ASP B 204 23.23 -18.61 26.26
CA ASP B 204 23.34 -17.39 27.05
C ASP B 204 24.38 -16.46 26.45
N LEU B 205 25.52 -17.01 26.03
CA LEU B 205 26.53 -16.23 25.33
C LEU B 205 25.97 -15.59 24.06
N ARG B 206 25.36 -16.40 23.19
CA ARG B 206 24.95 -15.93 21.87
C ARG B 206 23.82 -14.92 21.94
N ARG B 207 22.99 -14.98 23.00
CA ARG B 207 21.92 -14.01 23.13
C ARG B 207 22.45 -12.60 23.07
N GLY B 208 23.64 -12.38 23.63
CA GLY B 208 24.38 -11.15 23.45
C GLY B 208 25.19 -11.09 22.18
N THR B 209 26.12 -12.03 21.95
CA THR B 209 27.04 -11.92 20.80
C THR B 209 26.34 -12.02 19.45
N ILE B 210 25.04 -12.32 19.41
CA ILE B 210 24.33 -12.33 18.13
C ILE B 210 23.94 -10.92 17.70
N GLY B 211 23.82 -9.97 18.64
CA GLY B 211 23.60 -8.57 18.30
C GLY B 211 22.16 -8.20 18.04
N VAL B 212 21.23 -9.10 18.39
CA VAL B 212 19.82 -8.81 18.19
C VAL B 212 19.36 -7.73 19.16
N TYR B 213 19.90 -7.73 20.39
CA TYR B 213 19.50 -6.74 21.37
C TYR B 213 19.76 -5.32 20.90
N PRO B 214 20.95 -4.97 20.41
CA PRO B 214 21.08 -3.65 19.79
C PRO B 214 20.41 -3.55 18.42
N ALA B 215 20.24 -4.67 17.72
CA ALA B 215 19.50 -4.61 16.45
C ALA B 215 18.08 -4.14 16.71
N ILE B 216 17.47 -4.62 17.79
CA ILE B 216 16.12 -4.23 18.11
C ILE B 216 16.07 -2.73 18.44
N SER B 217 17.08 -2.24 19.18
CA SER B 217 17.16 -0.81 19.47
C SER B 217 17.34 0.01 18.20
N LEU B 218 18.18 -0.48 17.28
CA LEU B 218 18.29 0.12 15.97
C LEU B 218 16.94 0.15 15.28
N SER B 219 16.20 -0.94 15.39
CA SER B 219 14.93 -1.01 14.68
C SER B 219 13.88 -0.13 15.33
N GLU B 220 13.90 -0.01 16.68
CA GLU B 220 13.04 0.97 17.34
C GLU B 220 13.34 2.39 16.85
N TYR B 221 14.61 2.67 16.52
CA TYR B 221 14.95 3.97 15.97
C TYR B 221 14.38 4.12 14.57
N GLY B 222 14.59 3.11 13.71
CA GLY B 222 14.06 3.18 12.35
C GLY B 222 12.54 3.22 12.35
N ALA B 223 11.91 2.43 13.22
CA ALA B 223 10.46 2.37 13.27
C ALA B 223 9.82 3.62 13.84
N GLY B 224 10.50 4.31 14.75
CA GLY B 224 9.98 5.46 15.42
C GLY B 224 9.07 4.99 16.52
N VAL B 225 9.47 3.94 17.22
CA VAL B 225 8.69 3.35 18.29
C VAL B 225 9.46 3.42 19.59
N ASN B 226 8.85 3.97 20.63
CA ASN B 226 9.50 4.29 21.90
C ASN B 226 8.53 3.86 23.03
N VAL B 227 8.40 2.56 23.24
CA VAL B 227 7.54 2.10 24.33
C VAL B 227 8.21 2.54 25.64
N PRO B 228 7.46 2.85 26.68
CA PRO B 228 8.09 3.33 27.90
C PRO B 228 8.96 2.25 28.52
N GLN B 229 10.10 2.67 29.07
CA GLN B 229 11.04 1.75 29.69
C GLN B 229 10.35 0.77 30.63
N HIS B 230 9.36 1.23 31.42
CA HIS B 230 8.71 0.29 32.34
C HIS B 230 8.00 -0.82 31.60
N VAL B 231 7.34 -0.48 30.50
CA VAL B 231 6.70 -1.51 29.67
C VAL B 231 7.76 -2.42 29.06
N TYR B 232 8.74 -1.81 28.37
CA TYR B 232 9.88 -2.51 27.79
C TYR B 232 10.47 -3.56 28.75
N ASP B 233 10.66 -3.17 30.03
CA ASP B 233 11.29 -4.01 31.02
C ASP B 233 10.43 -5.17 31.47
N HIS B 234 9.14 -5.21 31.09
CA HIS B 234 8.31 -6.31 31.54
C HIS B 234 8.90 -7.65 31.08
N PRO B 235 8.81 -8.70 31.91
CA PRO B 235 9.41 -9.98 31.51
C PRO B 235 8.88 -10.52 30.20
N SER B 236 7.63 -10.20 29.85
CA SER B 236 7.07 -10.66 28.58
C SER B 236 7.85 -10.09 27.39
N LEU B 237 8.01 -8.77 27.35
CA LEU B 237 8.74 -8.18 26.24
C LEU B 237 10.23 -8.52 26.28
N GLN B 238 10.83 -8.65 27.47
CA GLN B 238 12.22 -9.10 27.52
C GLN B 238 12.37 -10.48 26.95
N GLU B 239 11.36 -11.35 27.12
CA GLU B 239 11.40 -12.70 26.58
C GLU B 239 11.16 -12.70 25.06
N CYS B 240 10.30 -11.82 24.58
CA CYS B 240 10.16 -11.61 23.15
C CYS B 240 11.48 -11.29 22.49
N MET B 241 12.27 -10.40 23.11
CA MET B 241 13.60 -10.10 22.62
C MET B 241 14.49 -11.32 22.73
N LYS B 242 14.41 -12.02 23.86
CA LYS B 242 15.21 -13.22 24.07
C LYS B 242 14.89 -14.28 23.02
N VAL B 243 13.60 -14.48 22.73
CA VAL B 243 13.19 -15.46 21.72
C VAL B 243 13.75 -15.08 20.36
N SER B 244 13.50 -13.83 19.93
CA SER B 244 14.04 -13.34 18.66
C SER B 244 15.56 -13.51 18.57
N ALA B 245 16.27 -13.30 19.67
CA ALA B 245 17.71 -13.51 19.64
C ALA B 245 18.04 -14.98 19.46
N ASP B 246 17.26 -15.86 20.09
CA ASP B 246 17.47 -17.30 19.92
C ASP B 246 17.18 -17.70 18.49
N LEU B 247 16.10 -17.17 17.91
CA LEU B 247 15.75 -17.49 16.54
C LEU B 247 16.88 -17.11 15.60
N VAL B 248 17.39 -15.90 15.73
CA VAL B 248 18.49 -15.48 14.86
C VAL B 248 19.69 -16.40 15.03
N THR B 249 20.03 -16.73 16.28
CA THR B 249 21.21 -17.56 16.53
C THR B 249 21.03 -18.97 16.00
N LEU B 250 19.85 -19.56 16.19
CA LEU B 250 19.63 -20.89 15.65
C LEU B 250 19.75 -20.87 14.13
N VAL B 251 19.04 -19.94 13.49
CA VAL B 251 19.10 -19.82 12.04
C VAL B 251 20.53 -19.55 11.59
N ASN B 252 21.22 -18.63 12.27
CA ASN B 252 22.56 -18.26 11.84
C ASN B 252 23.53 -19.44 11.93
N ASP B 253 23.45 -20.23 13.02
CA ASP B 253 24.40 -21.32 13.18
C ASP B 253 24.19 -22.41 12.14
N VAL B 254 22.97 -22.54 11.61
CA VAL B 254 22.76 -23.44 10.49
C VAL B 254 23.36 -22.86 9.21
N LEU B 255 22.91 -21.66 8.83
CA LEU B 255 23.27 -21.12 7.52
C LEU B 255 24.77 -20.83 7.43
N SER B 256 25.33 -20.22 8.47
CA SER B 256 26.73 -19.82 8.50
C SER B 256 27.65 -20.94 9.01
N TYR B 257 27.13 -22.16 9.15
CA TYR B 257 27.96 -23.26 9.61
C TYR B 257 29.14 -23.51 8.67
N ARG B 258 28.93 -23.39 7.37
CA ARG B 258 30.04 -23.63 6.46
C ARG B 258 31.10 -22.55 6.60
N LYS B 259 30.68 -21.32 6.81
CA LYS B 259 31.64 -20.27 7.08
C LYS B 259 32.43 -20.58 8.35
N ASP B 260 31.76 -21.10 9.38
CA ASP B 260 32.46 -21.44 10.61
C ASP B 260 33.46 -22.57 10.38
N LEU B 261 33.15 -23.49 9.46
CA LEU B 261 34.13 -24.51 9.10
C LEU B 261 35.27 -23.91 8.31
N GLU B 262 34.94 -23.13 7.27
CA GLU B 262 35.92 -22.53 6.35
C GLU B 262 36.82 -21.50 7.03
N LEU B 263 36.40 -20.94 8.17
CA LEU B 263 37.17 -19.93 8.85
C LEU B 263 37.60 -20.35 10.25
N GLY B 264 37.27 -21.57 10.68
CA GLY B 264 37.72 -22.07 11.97
C GLY B 264 37.18 -21.33 13.18
N VAL B 265 35.85 -21.15 13.23
CA VAL B 265 35.18 -20.51 14.36
C VAL B 265 34.36 -21.58 15.06
N ASP B 266 34.55 -21.72 16.38
CA ASP B 266 33.90 -22.78 17.13
C ASP B 266 32.52 -22.37 17.64
N HIS B 267 32.18 -21.08 17.55
CA HIS B 267 30.97 -20.53 18.15
C HIS B 267 29.81 -20.79 17.21
N ASN B 268 29.31 -22.02 17.29
CA ASN B 268 28.25 -22.52 16.42
C ASN B 268 27.63 -23.72 17.12
N LEU B 269 26.33 -23.67 17.34
CA LEU B 269 25.70 -24.72 18.14
C LEU B 269 25.83 -26.10 17.50
N MET B 270 25.90 -26.15 16.17
CA MET B 270 26.12 -27.44 15.52
C MET B 270 27.47 -28.03 15.92
N SER B 271 28.54 -27.24 15.80
CA SER B 271 29.85 -27.70 16.26
C SER B 271 29.81 -28.14 17.72
N LEU B 272 29.10 -27.37 18.54
CA LEU B 272 28.99 -27.65 19.97
C LEU B 272 28.28 -28.97 20.26
N LEU B 273 27.18 -29.23 19.57
CA LEU B 273 26.41 -30.45 19.80
C LEU B 273 27.12 -31.69 19.24
N MET B 274 27.84 -31.55 18.13
CA MET B 274 28.66 -32.66 17.68
C MET B 274 29.82 -32.91 18.63
N GLN B 275 30.70 -31.92 18.77
CA GLN B 275 31.92 -32.04 19.58
C GLN B 275 31.75 -32.33 21.08
N ARG B 276 30.67 -31.83 21.67
CA ARG B 276 30.44 -32.02 23.09
C ARG B 276 29.54 -33.22 23.39
N ASP B 277 28.46 -33.41 22.62
CA ASP B 277 27.48 -34.47 22.89
C ASP B 277 27.53 -35.62 21.89
N ASN B 278 28.60 -35.70 21.09
CA ASN B 278 28.81 -36.81 20.15
C ASN B 278 27.63 -37.01 19.21
N LEU B 279 27.06 -35.91 18.76
CA LEU B 279 25.91 -35.97 17.87
C LEU B 279 26.36 -36.04 16.42
N SER B 280 25.48 -36.57 15.57
CA SER B 280 25.73 -36.64 14.14
C SER B 280 25.24 -35.32 13.55
N ALA B 281 25.96 -34.78 12.57
CA ALA B 281 25.59 -33.50 11.97
C ALA B 281 24.08 -33.41 11.76
N GLN B 282 23.45 -34.53 11.39
CA GLN B 282 22.00 -34.53 11.17
C GLN B 282 21.26 -34.42 12.49
N GLN B 283 21.66 -35.21 13.49
CA GLN B 283 21.04 -35.07 14.81
C GLN B 283 21.21 -33.66 15.35
N ALA B 284 22.36 -33.03 15.09
CA ALA B 284 22.60 -31.67 15.56
C ALA B 284 21.56 -30.71 15.01
N VAL B 285 21.49 -30.65 13.68
CA VAL B 285 20.54 -29.79 12.99
C VAL B 285 19.13 -30.07 13.50
N ASP B 286 18.81 -31.34 13.72
CA ASP B 286 17.49 -31.68 14.21
C ASP B 286 17.21 -30.99 15.53
N VAL B 287 18.18 -31.01 16.44
CA VAL B 287 17.98 -30.37 17.74
C VAL B 287 17.77 -28.87 17.57
N ILE B 288 18.46 -28.26 16.61
CA ILE B 288 18.23 -26.85 16.29
C ILE B 288 16.77 -26.63 15.91
N GLY B 289 16.21 -27.52 15.07
CA GLY B 289 14.78 -27.44 14.76
C GLY B 289 13.86 -27.60 15.96
N ASP B 290 14.25 -28.45 16.91
CA ASP B 290 13.45 -28.56 18.13
C ASP B 290 13.48 -27.24 18.90
N MET B 291 14.65 -26.61 19.01
CA MET B 291 14.74 -25.38 19.78
C MET B 291 14.06 -24.23 19.07
N VAL B 292 14.16 -24.20 17.73
CA VAL B 292 13.46 -23.17 16.95
C VAL B 292 11.96 -23.23 17.21
N ASN B 293 11.36 -24.42 17.11
CA ASN B 293 9.92 -24.47 17.35
C ASN B 293 9.59 -24.28 18.82
N GLU B 294 10.53 -24.53 19.71
CA GLU B 294 10.28 -24.27 21.11
C GLU B 294 10.42 -22.78 21.39
N CYS B 295 10.91 -22.05 20.40
CA CYS B 295 11.06 -20.60 20.50
C CYS B 295 9.68 -20.04 20.25
N TYR B 296 9.01 -20.58 19.24
CA TYR B 296 7.65 -20.18 18.90
C TYR B 296 6.69 -20.42 20.05
N ARG B 297 6.91 -21.48 20.83
CA ARG B 297 6.04 -21.74 21.97
C ARG B 297 6.31 -20.76 23.09
N ARG B 298 7.58 -20.50 23.39
CA ARG B 298 7.93 -19.49 24.38
C ARG B 298 7.37 -18.12 23.97
N TRP B 299 7.47 -17.79 22.69
CA TRP B 299 7.01 -16.50 22.19
C TRP B 299 5.56 -16.24 22.60
N TYR B 300 4.66 -17.12 22.19
CA TYR B 300 3.24 -16.94 22.51
C TYR B 300 3.00 -16.98 24.01
N LEU B 301 3.63 -17.93 24.70
CA LEU B 301 3.46 -18.01 26.15
C LEU B 301 3.89 -16.72 26.84
N ALA B 302 4.82 -15.97 26.23
CA ALA B 302 5.29 -14.73 26.82
C ALA B 302 4.35 -13.58 26.52
N LEU B 303 3.80 -13.53 25.30
CA LEU B 303 2.78 -12.53 25.02
C LEU B 303 1.53 -12.73 25.88
N ALA B 304 1.29 -13.97 26.36
CA ALA B 304 0.14 -14.18 27.23
C ALA B 304 0.32 -13.44 28.56
N GLU B 305 1.57 -13.26 28.99
CA GLU B 305 1.81 -12.57 30.24
C GLU B 305 1.88 -11.06 30.06
N LEU B 306 2.03 -10.58 28.82
CA LEU B 306 2.16 -9.17 28.53
C LEU B 306 0.93 -8.42 29.01
N PRO B 307 1.04 -7.60 30.05
CA PRO B 307 -0.09 -6.78 30.48
C PRO B 307 -0.47 -5.77 29.42
N SER B 308 -1.62 -5.15 29.61
CA SER B 308 -2.08 -4.08 28.74
C SER B 308 -1.86 -2.74 29.42
N TYR B 309 -1.48 -1.74 28.61
CA TYR B 309 -1.24 -0.40 29.13
C TYR B 309 -2.14 0.61 28.43
N GLY B 310 -3.35 0.17 28.09
CA GLY B 310 -4.27 0.99 27.34
C GLY B 310 -3.94 1.02 25.86
N GLU B 311 -4.94 1.43 25.06
CA GLU B 311 -4.83 1.37 23.61
C GLU B 311 -3.57 2.06 23.09
N LYS B 312 -3.44 3.34 23.43
CA LYS B 312 -2.34 4.18 22.97
C LYS B 312 -0.96 3.54 22.99
N ILE B 313 -0.59 2.97 24.13
CA ILE B 313 0.73 2.37 24.30
C ILE B 313 0.76 0.99 23.66
N ASP B 314 -0.33 0.23 23.82
CA ASP B 314 -0.38 -1.12 23.28
C ASP B 314 -0.21 -1.11 21.76
N TYR B 315 -0.75 -0.09 21.10
CA TYR B 315 -0.49 0.11 19.68
C TYR B 315 0.99 0.05 19.39
N ASN B 316 1.81 0.72 20.22
CA ASN B 316 3.25 0.69 20.01
C ASN B 316 3.88 -0.56 20.60
N VAL B 317 3.31 -1.12 21.66
CA VAL B 317 3.84 -2.40 22.13
C VAL B 317 3.71 -3.45 21.05
N MET B 318 2.62 -3.38 20.30
CA MET B 318 2.43 -4.34 19.22
C MET B 318 3.45 -4.11 18.13
N LYS B 319 3.64 -2.86 17.74
CA LYS B 319 4.71 -2.48 16.84
C LYS B 319 6.06 -3.01 17.32
N PHE B 320 6.34 -2.87 18.62
CA PHE B 320 7.59 -3.38 19.18
C PHE B 320 7.68 -4.89 19.04
N VAL B 321 6.60 -5.59 19.40
CA VAL B 321 6.61 -7.05 19.29
C VAL B 321 6.83 -7.46 17.84
N GLU B 322 6.25 -6.69 16.92
CA GLU B 322 6.51 -6.90 15.51
C GLU B 322 7.99 -6.73 15.21
N ILE B 323 8.63 -5.74 15.83
CA ILE B 323 10.05 -5.55 15.58
C ILE B 323 10.84 -6.79 15.98
N CYS B 324 10.65 -7.27 17.22
CA CYS B 324 11.32 -8.49 17.63
C CYS B 324 11.10 -9.60 16.62
N ARG B 325 9.87 -9.71 16.11
CA ARG B 325 9.59 -10.68 15.05
C ARG B 325 10.41 -10.34 13.81
N ALA B 326 10.45 -9.06 13.44
CA ALA B 326 11.03 -8.65 12.16
C ALA B 326 12.55 -8.82 12.15
N VAL B 327 13.21 -8.53 13.27
CA VAL B 327 14.64 -8.78 13.36
C VAL B 327 14.93 -10.25 13.07
N ALA B 328 14.08 -11.16 13.55
CA ALA B 328 14.29 -12.59 13.35
C ALA B 328 13.94 -13.04 11.94
N GLN B 329 12.86 -12.50 11.36
CA GLN B 329 12.46 -12.95 10.03
C GLN B 329 13.25 -12.23 8.96
N GLY B 330 13.67 -11.02 9.25
CA GLY B 330 14.52 -10.26 8.39
C GLY B 330 15.83 -11.00 8.31
N ASN B 331 16.36 -11.50 9.42
CA ASN B 331 17.59 -12.29 9.44
C ASN B 331 17.40 -13.60 8.71
N LEU B 332 16.33 -14.33 9.03
CA LEU B 332 16.06 -15.60 8.37
C LEU B 332 16.10 -15.45 6.86
N TYR B 333 15.33 -14.49 6.31
CA TYR B 333 15.30 -14.36 4.85
C TYR B 333 16.63 -13.88 4.33
N TRP B 334 17.29 -12.99 5.06
CA TRP B 334 18.60 -12.53 4.63
C TRP B 334 19.61 -13.64 4.72
N SER B 335 19.49 -14.51 5.75
CA SER B 335 20.45 -15.59 5.90
C SER B 335 20.43 -16.52 4.70
N PHE B 336 19.28 -16.68 4.06
CA PHE B 336 19.14 -17.69 3.02
C PHE B 336 19.53 -17.17 1.65
N GLN B 337 19.95 -15.92 1.53
CA GLN B 337 20.42 -15.47 0.23
C GLN B 337 21.64 -14.56 0.29
N THR B 338 22.20 -14.23 1.45
CA THR B 338 23.36 -13.34 1.47
C THR B 338 24.61 -14.04 0.92
N GLY B 339 25.39 -13.28 0.16
CA GLY B 339 26.65 -13.81 -0.33
C GLY B 339 27.63 -14.17 0.76
N ARG B 340 27.42 -13.69 1.98
CA ARG B 340 28.35 -13.97 3.05
C ARG B 340 28.24 -15.40 3.55
N TYR B 341 27.12 -16.06 3.33
CA TYR B 341 26.95 -17.44 3.80
C TYR B 341 26.97 -18.42 2.62
N LEU B 342 25.85 -18.50 1.89
CA LEU B 342 25.69 -19.46 0.80
C LEU B 342 25.25 -18.81 -0.50
N GLY B 343 25.18 -17.48 -0.58
CA GLY B 343 24.70 -16.80 -1.75
C GLY B 343 23.48 -17.46 -2.36
N PRO B 344 23.43 -17.49 -3.69
CA PRO B 344 22.32 -18.08 -4.45
C PRO B 344 22.04 -19.55 -4.13
N GLU B 345 22.94 -20.20 -3.41
CA GLU B 345 22.74 -21.61 -3.06
C GLU B 345 21.76 -21.74 -1.91
N GLY B 346 21.51 -20.67 -1.17
CA GLY B 346 20.61 -20.75 -0.04
C GLY B 346 19.16 -20.91 -0.45
N HIS B 347 18.82 -20.44 -1.64
CA HIS B 347 17.46 -20.64 -2.12
C HIS B 347 17.16 -22.12 -2.33
N GLU B 348 18.13 -22.87 -2.84
CA GLU B 348 17.95 -24.31 -3.04
C GLU B 348 17.75 -25.02 -1.71
N VAL B 349 18.45 -24.54 -0.67
CA VAL B 349 18.32 -25.11 0.66
C VAL B 349 16.96 -24.76 1.24
N HIS B 350 16.41 -23.62 0.81
CA HIS B 350 15.13 -23.18 1.27
C HIS B 350 14.12 -24.06 0.57
N GLU B 351 14.27 -24.26 -0.74
CA GLU B 351 13.32 -25.04 -1.52
C GLU B 351 13.35 -26.52 -1.17
N THR B 352 14.53 -27.08 -0.95
CA THR B 352 14.62 -28.53 -0.72
C THR B 352 15.09 -29.00 0.64
N GLY B 353 15.28 -28.09 1.59
CA GLY B 353 15.72 -28.50 2.91
C GLY B 353 17.09 -29.16 2.98
N ILE B 354 17.78 -29.30 1.85
CA ILE B 354 19.06 -29.98 1.75
C ILE B 354 20.16 -28.92 1.77
N MET B 355 21.03 -29.01 2.77
CA MET B 355 22.17 -28.12 2.83
C MET B 355 23.44 -28.90 2.69
N TYR B 356 24.12 -28.74 1.57
CA TYR B 356 25.34 -29.49 1.30
C TYR B 356 26.48 -28.97 2.15
N LEU B 357 27.39 -29.87 2.48
CA LEU B 357 28.53 -29.61 3.35
C LEU B 357 29.83 -29.82 2.57
N PRO B 358 30.97 -29.44 3.16
CA PRO B 358 32.29 -29.63 2.53
C PRO B 358 32.93 -30.95 2.97
N PRO B 359 33.64 -31.66 2.07
CA PRO B 359 34.25 -32.93 2.46
C PRO B 359 35.62 -32.72 3.11
N LYS C 23 34.67 14.28 -30.38
CA LYS C 23 35.71 14.48 -29.38
C LYS C 23 35.79 13.30 -28.42
N ARG C 24 36.84 13.28 -27.60
CA ARG C 24 37.03 12.20 -26.63
C ARG C 24 37.38 12.77 -25.25
N PRO C 25 36.47 13.53 -24.62
CA PRO C 25 36.78 14.18 -23.32
C PRO C 25 37.07 13.16 -22.22
N PRO C 26 37.35 13.61 -21.01
CA PRO C 26 37.61 12.77 -19.86
C PRO C 26 36.33 12.47 -19.05
N PHE C 27 35.29 13.22 -19.38
CA PHE C 27 34.00 13.12 -18.73
C PHE C 27 33.04 14.05 -19.45
N VAL C 28 31.77 13.67 -19.46
CA VAL C 28 30.71 14.42 -20.11
C VAL C 28 29.67 14.74 -19.05
N ARG C 29 29.05 15.91 -19.16
CA ARG C 29 27.95 16.27 -18.27
C ARG C 29 26.65 15.86 -18.96
N VAL C 30 26.01 14.83 -18.43
CA VAL C 30 24.82 14.25 -19.04
C VAL C 30 23.61 15.12 -18.72
N PRO C 31 22.65 15.24 -19.62
CA PRO C 31 21.46 16.02 -19.30
C PRO C 31 20.67 15.38 -18.17
N ASP C 32 19.83 16.19 -17.53
CA ASP C 32 18.95 15.69 -16.50
C ASP C 32 17.99 14.68 -17.13
N LEU C 33 18.20 13.40 -16.86
CA LEU C 33 17.36 12.40 -17.51
C LEU C 33 16.09 12.11 -16.75
N PHE C 34 15.90 12.72 -15.58
CA PHE C 34 14.82 12.41 -14.66
C PHE C 34 13.84 13.57 -14.50
N GLY C 35 13.63 14.33 -15.57
CA GLY C 35 12.71 15.44 -15.55
C GLY C 35 11.34 15.05 -16.09
N SER C 36 10.41 15.99 -16.07
CA SER C 36 9.05 15.75 -16.56
C SER C 36 8.41 14.47 -16.02
N ILE C 37 7.85 13.67 -16.92
CA ILE C 37 7.18 12.41 -16.55
C ILE C 37 8.13 11.36 -16.04
N MET C 38 9.42 11.65 -16.04
CA MET C 38 10.40 10.73 -15.47
C MET C 38 10.74 11.07 -14.03
N SER C 39 10.15 12.13 -13.49
CA SER C 39 10.53 12.68 -12.19
C SER C 39 9.84 12.03 -11.01
N THR C 40 8.82 11.20 -11.25
CA THR C 40 8.07 10.62 -10.16
C THR C 40 8.92 9.59 -9.42
N LYS C 41 8.53 9.30 -8.17
CA LYS C 41 9.21 8.25 -7.43
C LYS C 41 8.79 6.94 -8.05
N PRO C 42 9.72 6.15 -8.57
CA PRO C 42 9.33 4.91 -9.24
C PRO C 42 8.81 3.90 -8.24
N VAL C 43 7.77 3.16 -8.64
CA VAL C 43 7.18 2.11 -7.84
C VAL C 43 7.80 0.79 -8.29
N VAL C 44 8.26 -0.02 -7.33
CA VAL C 44 8.96 -1.28 -7.62
C VAL C 44 8.16 -2.44 -7.04
N ASN C 45 7.75 -3.37 -7.93
CA ASN C 45 7.03 -4.60 -7.58
C ASN C 45 7.57 -5.18 -6.28
N PRO C 46 6.75 -5.30 -5.26
CA PRO C 46 7.20 -6.00 -4.05
C PRO C 46 7.59 -7.45 -4.29
N ASN C 47 7.20 -8.05 -5.42
CA ASN C 47 7.66 -9.41 -5.69
C ASN C 47 9.06 -9.43 -6.28
N TYR C 48 9.71 -8.26 -6.36
CA TYR C 48 11.07 -8.17 -6.86
C TYR C 48 11.97 -9.23 -6.23
N PHE C 49 11.94 -9.34 -4.90
CA PHE C 49 12.92 -10.19 -4.22
C PHE C 49 12.68 -11.67 -4.49
N ALA C 50 11.42 -12.09 -4.57
CA ALA C 50 11.12 -13.50 -4.80
C ALA C 50 11.32 -13.90 -6.27
N ALA C 51 10.79 -13.11 -7.19
CA ALA C 51 10.99 -13.43 -8.59
C ALA C 51 12.46 -13.37 -8.97
N LYS C 52 13.25 -12.48 -8.36
CA LYS C 52 14.67 -12.42 -8.66
C LYS C 52 15.37 -13.71 -8.23
N ALA C 53 15.11 -14.15 -7.01
CA ALA C 53 15.72 -15.37 -6.50
C ALA C 53 15.36 -16.57 -7.37
N ARG C 54 14.19 -16.58 -7.94
CA ARG C 54 13.77 -17.65 -8.80
C ARG C 54 14.37 -17.53 -10.19
N GLY C 55 14.17 -16.40 -10.81
CA GLY C 55 14.61 -16.08 -12.14
C GLY C 55 16.06 -16.00 -12.40
N ASP C 56 16.82 -15.53 -11.44
CA ASP C 56 18.28 -15.45 -11.57
C ASP C 56 18.88 -16.84 -11.53
N ARG C 57 18.42 -17.68 -10.61
CA ARG C 57 18.94 -19.04 -10.54
C ARG C 57 18.52 -19.83 -11.76
N TRP C 58 17.37 -19.51 -12.31
CA TRP C 58 16.85 -20.29 -13.43
C TRP C 58 17.67 -20.04 -14.69
N ILE C 59 17.90 -18.77 -15.03
CA ILE C 59 18.74 -18.49 -16.18
C ILE C 59 20.17 -18.98 -15.96
N ALA C 60 20.64 -18.94 -14.71
CA ALA C 60 21.96 -19.48 -14.40
C ALA C 60 22.07 -20.93 -14.83
N ARG C 61 21.04 -21.73 -14.51
CA ARG C 61 21.05 -23.15 -14.85
C ARG C 61 20.92 -23.35 -16.35
N VAL C 62 19.95 -22.69 -16.96
CA VAL C 62 19.67 -22.82 -18.38
C VAL C 62 20.92 -22.56 -19.21
N MET C 63 21.65 -21.50 -18.86
CA MET C 63 22.83 -21.08 -19.62
C MET C 63 24.15 -21.65 -19.08
N ASN C 64 24.13 -22.40 -17.99
CA ASN C 64 25.35 -22.94 -17.38
C ASN C 64 26.28 -21.83 -16.88
N PHE C 65 25.75 -20.80 -16.29
CA PHE C 65 26.60 -19.77 -15.79
C PHE C 65 27.35 -20.33 -14.64
N ASN C 66 28.61 -19.95 -14.45
CA ASN C 66 29.38 -20.33 -13.26
C ASN C 66 29.11 -19.40 -12.12
N LYS C 67 29.67 -19.68 -10.97
CA LYS C 67 29.30 -18.82 -9.85
C LYS C 67 29.56 -17.35 -10.15
N ALA C 68 30.67 -17.03 -10.83
CA ALA C 68 30.95 -15.61 -11.07
C ALA C 68 30.11 -15.04 -12.21
N VAL C 69 29.88 -15.81 -13.29
CA VAL C 69 29.03 -15.31 -14.35
C VAL C 69 27.61 -15.13 -13.86
N ALA C 70 27.09 -16.14 -13.13
CA ALA C 70 25.80 -16.01 -12.47
C ALA C 70 25.72 -14.72 -11.66
N ALA C 71 26.70 -14.51 -10.78
CA ALA C 71 26.73 -13.31 -9.93
C ALA C 71 26.75 -12.04 -10.76
N ARG C 72 27.56 -12.01 -11.81
CA ARG C 72 27.59 -10.81 -12.63
C ARG C 72 26.23 -10.56 -13.26
N ASN C 73 25.49 -11.63 -13.56
CA ASN C 73 24.16 -11.49 -14.14
C ASN C 73 23.17 -10.99 -13.10
N SER C 74 23.37 -11.42 -11.85
CA SER C 74 22.54 -10.95 -10.75
C SER C 74 22.78 -9.45 -10.60
N LYS C 75 24.03 -9.02 -10.82
CA LYS C 75 24.36 -7.60 -10.72
C LYS C 75 23.80 -6.80 -11.88
N VAL C 76 23.38 -7.49 -12.93
CA VAL C 76 22.73 -6.82 -14.05
C VAL C 76 21.39 -6.38 -13.48
N ASP C 77 20.81 -7.26 -12.66
CA ASP C 77 19.56 -7.02 -11.97
C ASP C 77 18.42 -6.73 -12.94
N LEU C 78 18.23 -7.64 -13.91
CA LEU C 78 17.16 -7.43 -14.86
C LEU C 78 15.78 -7.52 -14.19
N CYS C 79 15.68 -8.14 -13.03
CA CYS C 79 14.43 -8.14 -12.27
C CYS C 79 14.02 -6.73 -11.85
N PHE C 80 14.98 -5.93 -11.39
CA PHE C 80 14.72 -4.54 -11.08
C PHE C 80 14.08 -3.82 -12.26
N LEU C 81 14.55 -4.14 -13.48
CA LEU C 81 14.00 -3.54 -14.69
C LEU C 81 12.56 -3.97 -14.92
N ALA C 82 12.25 -5.25 -14.73
CA ALA C 82 10.88 -5.67 -14.96
C ALA C 82 9.96 -5.23 -13.82
N SER C 83 10.50 -5.18 -12.60
CA SER C 83 9.70 -4.85 -11.43
C SER C 83 9.19 -3.43 -11.47
N MET C 84 9.79 -2.58 -12.28
CA MET C 84 9.29 -1.26 -12.52
C MET C 84 8.36 -1.18 -13.75
N TRP C 85 8.43 -2.18 -14.64
CA TRP C 85 7.53 -2.14 -15.80
C TRP C 85 6.10 -2.47 -15.40
N ALA C 86 5.92 -3.48 -14.55
CA ALA C 86 4.61 -3.87 -14.06
C ALA C 86 4.73 -4.02 -12.56
N PRO C 87 4.59 -2.92 -11.80
CA PRO C 87 4.85 -3.00 -10.36
C PRO C 87 3.82 -3.81 -9.57
N ASP C 88 2.61 -4.04 -10.07
CA ASP C 88 1.66 -4.88 -9.32
C ASP C 88 1.44 -6.25 -9.99
N ALA C 89 2.37 -6.67 -10.85
CA ALA C 89 2.29 -7.98 -11.47
C ALA C 89 2.50 -9.06 -10.42
N PRO C 90 1.70 -10.11 -10.42
CA PRO C 90 1.86 -11.16 -9.41
C PRO C 90 3.21 -11.82 -9.59
N GLU C 91 3.60 -12.64 -8.60
CA GLU C 91 4.96 -13.14 -8.57
C GLU C 91 5.26 -13.92 -9.85
N ASP C 92 4.35 -14.81 -10.24
CA ASP C 92 4.60 -15.71 -11.36
C ASP C 92 4.78 -14.95 -12.67
N ARG C 93 3.98 -13.90 -12.87
CA ARG C 93 4.16 -13.11 -14.09
C ARG C 93 5.44 -12.28 -14.05
N LEU C 94 5.86 -11.79 -12.87
CA LEU C 94 7.14 -11.10 -12.76
C LEU C 94 8.30 -12.02 -13.11
N VAL C 95 8.23 -13.27 -12.71
CA VAL C 95 9.26 -14.26 -13.04
C VAL C 95 9.32 -14.41 -14.51
N MET C 96 8.18 -14.45 -15.15
CA MET C 96 8.13 -14.58 -16.60
C MET C 96 8.81 -13.37 -17.21
N MET C 97 8.44 -12.18 -16.75
CA MET C 97 9.02 -10.94 -17.23
C MET C 97 10.53 -10.95 -17.09
N LEU C 98 11.02 -11.48 -15.97
CA LEU C 98 12.45 -11.58 -15.77
C LEU C 98 13.06 -12.50 -16.82
N ASP C 99 12.50 -13.70 -16.95
CA ASP C 99 12.88 -14.61 -18.02
C ASP C 99 12.95 -13.89 -19.36
N TRP C 100 11.87 -13.23 -19.76
CA TRP C 100 11.89 -12.54 -21.05
C TRP C 100 13.05 -11.57 -21.13
N ASN C 101 13.34 -10.89 -20.03
CA ASN C 101 14.44 -9.92 -20.04
C ASN C 101 15.77 -10.62 -20.19
N HIS C 102 15.99 -11.67 -19.41
CA HIS C 102 17.16 -12.49 -19.64
C HIS C 102 17.19 -12.97 -21.10
N TRP C 103 16.04 -13.32 -21.66
CA TRP C 103 16.02 -13.70 -23.07
C TRP C 103 16.49 -12.54 -23.96
N VAL C 104 15.76 -11.43 -23.87
CA VAL C 104 16.03 -10.24 -24.68
C VAL C 104 17.48 -9.79 -24.71
N PHE C 105 18.15 -9.90 -23.57
CA PHE C 105 19.54 -9.46 -23.49
C PHE C 105 20.45 -10.46 -24.17
N LEU C 106 20.33 -11.75 -23.80
CA LEU C 106 21.06 -12.80 -24.50
C LEU C 106 20.73 -12.80 -25.97
N PHE C 107 19.51 -12.53 -26.33
CA PHE C 107 19.17 -12.45 -27.72
C PHE C 107 19.75 -11.26 -28.43
N ASP C 108 19.56 -10.08 -27.85
CA ASP C 108 20.02 -8.83 -28.46
C ASP C 108 21.52 -8.68 -28.63
N ASP C 109 22.29 -9.35 -27.79
CA ASP C 109 23.74 -9.25 -27.86
C ASP C 109 24.30 -10.06 -29.02
N GLN C 110 23.58 -11.09 -29.45
CA GLN C 110 24.02 -11.85 -30.62
C GLN C 110 24.10 -10.97 -31.85
N PHE C 111 23.26 -9.94 -31.92
CA PHE C 111 23.20 -9.03 -33.06
C PHE C 111 24.08 -7.80 -32.87
N ASP C 112 24.61 -7.60 -31.68
CA ASP C 112 25.43 -6.43 -31.35
C ASP C 112 26.91 -6.80 -31.26
N GLU C 113 27.26 -7.83 -30.49
CA GLU C 113 28.63 -8.28 -30.34
C GLU C 113 28.86 -9.69 -30.84
N GLY C 114 27.79 -10.49 -30.84
CA GLY C 114 27.83 -11.89 -31.22
C GLY C 114 28.18 -12.24 -32.65
N HIS C 115 27.80 -13.46 -33.02
CA HIS C 115 28.07 -13.98 -34.35
C HIS C 115 27.10 -13.46 -35.41
N LEU C 116 26.02 -12.84 -35.03
CA LEU C 116 25.06 -12.37 -36.01
C LEU C 116 25.24 -10.93 -36.35
N LYS C 117 26.12 -10.29 -35.65
CA LYS C 117 26.38 -8.89 -35.84
C LYS C 117 26.65 -8.42 -37.26
N GLU C 118 27.12 -9.33 -38.10
CA GLU C 118 27.61 -9.08 -39.42
C GLU C 118 27.26 -10.12 -40.43
N ASP C 119 26.25 -10.90 -40.15
CA ASP C 119 25.87 -12.08 -40.95
C ASP C 119 24.42 -11.96 -41.35
N PRO C 120 24.11 -11.25 -42.46
CA PRO C 120 22.70 -11.12 -42.87
C PRO C 120 21.93 -12.43 -42.94
N ALA C 121 22.52 -13.48 -43.53
CA ALA C 121 21.77 -14.73 -43.72
C ALA C 121 21.42 -15.37 -42.39
N ALA C 122 22.38 -15.41 -41.46
CA ALA C 122 22.18 -16.07 -40.17
C ALA C 122 21.33 -15.24 -39.23
N ALA C 123 21.37 -13.92 -39.38
CA ALA C 123 20.51 -13.07 -38.59
C ALA C 123 19.05 -13.29 -38.97
N ALA C 124 18.74 -13.28 -40.27
CA ALA C 124 17.38 -13.56 -40.71
C ALA C 124 16.94 -14.98 -40.33
N GLU C 125 17.85 -15.95 -40.37
CA GLU C 125 17.49 -17.32 -39.97
C GLU C 125 17.20 -17.40 -38.47
N GLU C 126 17.80 -16.52 -37.67
CA GLU C 126 17.54 -16.53 -36.24
C GLU C 126 16.17 -15.93 -35.91
N VAL C 127 15.85 -14.78 -36.51
CA VAL C 127 14.54 -14.19 -36.27
C VAL C 127 13.45 -15.08 -36.85
N LYS C 128 13.77 -15.84 -37.89
CA LYS C 128 12.81 -16.78 -38.47
C LYS C 128 12.62 -17.99 -37.56
N GLN C 129 13.70 -18.50 -36.98
CA GLN C 129 13.54 -19.61 -36.06
C GLN C 129 12.90 -19.16 -34.76
N THR C 130 13.11 -17.90 -34.36
CA THR C 130 12.56 -17.39 -33.11
C THR C 130 11.12 -16.93 -33.28
N ILE C 131 10.76 -16.27 -34.38
CA ILE C 131 9.36 -15.88 -34.51
C ILE C 131 8.47 -17.13 -34.59
N ALA C 132 8.96 -18.21 -35.20
CA ALA C 132 8.13 -19.40 -35.35
C ALA C 132 7.88 -20.11 -34.03
N ILE C 133 8.55 -19.70 -32.96
CA ILE C 133 8.25 -20.26 -31.63
C ILE C 133 6.83 -19.87 -31.19
N MET C 134 6.38 -18.65 -31.55
CA MET C 134 5.08 -18.14 -31.11
C MET C 134 3.98 -18.72 -31.99
N GLY C 135 3.71 -20.01 -31.74
CA GLY C 135 2.61 -20.73 -32.35
C GLY C 135 2.84 -21.17 -33.77
N GLY C 136 4.10 -21.41 -34.16
CA GLY C 136 4.44 -21.80 -35.51
C GLY C 136 5.12 -23.17 -35.58
N ASN C 137 5.78 -23.45 -36.70
CA ASN C 137 6.40 -24.76 -36.92
C ASN C 137 7.82 -24.82 -36.35
N ALA C 138 7.96 -24.44 -35.12
CA ALA C 138 9.20 -24.51 -34.37
C ALA C 138 9.26 -25.83 -33.61
N PRO C 139 10.46 -26.35 -33.38
CA PRO C 139 10.58 -27.55 -32.55
C PRO C 139 10.37 -27.19 -31.08
N ARG C 140 10.27 -28.21 -30.24
CA ARG C 140 10.15 -28.01 -28.80
C ARG C 140 11.56 -27.93 -28.24
N TYR C 141 12.07 -26.73 -28.03
CA TYR C 141 13.39 -26.52 -27.53
C TYR C 141 13.55 -26.85 -26.11
N THR C 142 14.77 -27.18 -25.74
CA THR C 142 15.12 -27.45 -24.37
C THR C 142 16.36 -26.66 -24.06
N ALA C 143 16.65 -26.49 -22.80
CA ALA C 143 17.86 -25.74 -22.48
C ALA C 143 19.06 -26.22 -23.32
N GLU C 144 19.32 -27.52 -23.27
CA GLU C 144 20.46 -28.11 -23.97
C GLU C 144 20.50 -27.93 -25.50
N SER C 145 19.37 -28.12 -26.18
CA SER C 145 19.33 -28.02 -27.63
C SER C 145 19.55 -26.59 -28.12
N ASN C 146 18.83 -25.66 -27.51
CA ASN C 146 18.90 -24.23 -27.84
C ASN C 146 18.37 -23.42 -26.66
N PRO C 147 19.27 -23.11 -25.71
CA PRO C 147 19.00 -22.37 -24.46
C PRO C 147 18.26 -21.04 -24.62
N ILE C 148 18.75 -20.15 -25.46
CA ILE C 148 18.12 -18.84 -25.61
C ILE C 148 16.74 -18.98 -26.23
N ARG C 149 16.62 -19.77 -27.30
CA ARG C 149 15.30 -20.02 -27.88
C ARG C 149 14.40 -20.77 -26.90
N TYR C 150 14.99 -21.59 -26.04
CA TYR C 150 14.23 -22.25 -25.00
C TYR C 150 13.59 -21.24 -24.06
N VAL C 151 14.32 -20.20 -23.70
CA VAL C 151 13.74 -19.22 -22.78
C VAL C 151 12.57 -18.52 -23.44
N PHE C 152 12.77 -17.98 -24.65
CA PHE C 152 11.67 -17.32 -25.34
C PHE C 152 10.44 -18.23 -25.45
N GLN C 153 10.67 -19.53 -25.67
CA GLN C 153 9.59 -20.50 -25.77
C GLN C 153 8.85 -20.63 -24.44
N GLN C 154 9.60 -20.65 -23.34
CA GLN C 154 8.97 -20.77 -22.03
C GLN C 154 8.12 -19.53 -21.72
N CYS C 155 8.64 -18.34 -22.04
CA CYS C 155 7.84 -17.12 -21.91
C CYS C 155 6.61 -17.17 -22.80
N TRP C 156 6.73 -17.72 -24.01
CA TRP C 156 5.59 -17.64 -24.93
C TRP C 156 4.49 -18.59 -24.50
N ASP C 157 4.85 -19.77 -23.99
CA ASP C 157 3.84 -20.69 -23.48
C ASP C 157 3.04 -20.04 -22.35
N ARG C 158 3.72 -19.28 -21.49
CA ARG C 158 3.00 -18.57 -20.43
C ARG C 158 2.12 -17.46 -20.99
N LEU C 159 2.65 -16.66 -21.90
CA LEU C 159 1.85 -15.61 -22.50
C LEU C 159 0.58 -16.20 -23.09
N LYS C 160 0.70 -17.27 -23.86
CA LYS C 160 -0.46 -17.86 -24.53
C LYS C 160 -1.49 -18.35 -23.51
N ALA C 161 -1.02 -18.94 -22.43
CA ALA C 161 -1.90 -19.56 -21.44
C ALA C 161 -2.83 -18.58 -20.74
N VAL C 162 -2.52 -17.29 -20.73
CA VAL C 162 -3.30 -16.36 -19.92
C VAL C 162 -3.68 -15.11 -20.71
N SER C 163 -3.45 -15.12 -22.03
CA SER C 163 -3.83 -13.99 -22.88
C SER C 163 -4.87 -14.41 -23.91
N SER C 164 -5.66 -13.43 -24.33
CA SER C 164 -6.58 -13.64 -25.44
C SER C 164 -5.81 -13.77 -26.76
N GLN C 165 -6.46 -14.39 -27.74
CA GLN C 165 -5.92 -14.45 -29.10
C GLN C 165 -5.45 -13.08 -29.55
N GLU C 166 -6.30 -12.07 -29.37
CA GLU C 166 -5.95 -10.72 -29.82
C GLU C 166 -4.69 -10.23 -29.12
N MET C 167 -4.57 -10.56 -27.83
CA MET C 167 -3.38 -10.19 -27.07
C MET C 167 -2.16 -10.94 -27.59
N GLN C 168 -2.30 -12.26 -27.82
CA GLN C 168 -1.19 -13.03 -28.39
C GLN C 168 -0.77 -12.48 -29.74
N GLN C 169 -1.73 -12.15 -30.59
CA GLN C 169 -1.39 -11.59 -31.89
C GLN C 169 -0.61 -10.29 -31.73
N ARG C 170 -1.00 -9.49 -30.73
CA ARG C 170 -0.29 -8.25 -30.48
C ARG C 170 1.15 -8.51 -30.04
N TRP C 171 1.31 -9.57 -29.25
CA TRP C 171 2.59 -10.04 -28.73
C TRP C 171 3.52 -10.34 -29.89
N ILE C 172 3.03 -11.15 -30.82
CA ILE C 172 3.75 -11.53 -32.03
C ILE C 172 4.07 -10.29 -32.87
N ASP C 173 3.09 -9.40 -33.06
CA ASP C 173 3.30 -8.26 -33.94
C ASP C 173 4.29 -7.25 -33.35
N GLN C 174 4.33 -7.14 -32.02
CA GLN C 174 5.29 -6.20 -31.44
C GLN C 174 6.69 -6.79 -31.44
N HIS C 175 6.81 -8.10 -31.23
CA HIS C 175 8.11 -8.74 -31.37
C HIS C 175 8.61 -8.70 -32.81
N LYS C 176 7.71 -8.80 -33.80
CA LYS C 176 8.13 -8.72 -35.19
C LYS C 176 8.71 -7.34 -35.50
N ARG C 177 8.19 -6.30 -34.85
CA ARG C 177 8.78 -4.98 -35.02
C ARG C 177 10.22 -4.97 -34.55
N TYR C 178 10.48 -5.62 -33.42
CA TYR C 178 11.84 -5.77 -32.94
C TYR C 178 12.68 -6.57 -33.95
N PHE C 179 12.21 -7.77 -34.32
CA PHE C 179 12.98 -8.63 -35.21
C PHE C 179 13.30 -7.96 -36.54
N ASP C 180 12.32 -7.28 -37.16
CA ASP C 180 12.56 -6.65 -38.46
C ASP C 180 13.72 -5.67 -38.39
N GLN C 181 13.71 -4.79 -37.39
CA GLN C 181 14.75 -3.77 -37.28
C GLN C 181 16.12 -4.37 -36.99
N LEU C 182 16.12 -5.57 -36.43
CA LEU C 182 17.35 -6.30 -36.17
C LEU C 182 17.99 -6.63 -37.52
N LEU C 183 17.16 -6.97 -38.52
CA LEU C 183 17.69 -7.27 -39.84
C LEU C 183 18.14 -6.00 -40.53
N VAL C 184 17.46 -4.88 -40.25
CA VAL C 184 17.89 -3.59 -40.79
C VAL C 184 19.21 -3.17 -40.16
N GLN C 185 19.41 -3.49 -38.88
CA GLN C 185 20.65 -3.15 -38.22
C GLN C 185 21.83 -3.88 -38.86
N VAL C 186 21.67 -5.20 -39.08
CA VAL C 186 22.73 -6.00 -39.68
C VAL C 186 22.97 -5.59 -41.14
N ASP C 187 21.91 -5.13 -41.83
CA ASP C 187 22.08 -4.66 -43.20
C ASP C 187 22.92 -3.39 -43.24
N GLN C 188 22.72 -2.53 -42.26
CA GLN C 188 23.43 -1.26 -42.25
C GLN C 188 24.86 -1.43 -41.77
N GLN C 189 25.08 -2.33 -40.80
CA GLN C 189 26.42 -2.68 -40.33
C GLN C 189 27.29 -3.10 -41.50
N VAL C 190 26.88 -4.15 -42.22
CA VAL C 190 27.69 -4.69 -43.31
C VAL C 190 27.67 -3.75 -44.51
N GLY C 191 26.53 -3.14 -44.83
CA GLY C 191 26.46 -2.20 -45.93
C GLY C 191 27.12 -0.86 -45.63
N GLY C 192 27.93 -0.84 -44.56
CA GLY C 192 28.70 0.34 -44.18
C GLY C 192 27.90 1.61 -44.03
N GLU C 193 26.64 1.53 -43.59
CA GLU C 193 25.79 2.70 -43.47
C GLU C 193 25.70 3.20 -42.04
N ASN C 194 26.48 2.62 -41.13
CA ASN C 194 26.36 2.94 -39.71
C ASN C 194 26.55 4.43 -39.43
N PHE C 195 27.41 5.09 -40.21
CA PHE C 195 27.67 6.49 -39.99
C PHE C 195 27.26 7.33 -41.18
N THR C 196 26.45 6.74 -42.05
CA THR C 196 25.89 7.43 -43.22
C THR C 196 24.43 7.77 -42.89
N ARG C 197 23.75 6.81 -42.25
CA ARG C 197 22.36 6.96 -41.83
C ARG C 197 22.19 8.20 -40.96
N ASP C 198 21.16 8.99 -41.25
CA ASP C 198 20.97 10.23 -40.48
C ASP C 198 20.38 9.91 -39.10
N VAL C 199 20.00 10.96 -38.37
CA VAL C 199 19.43 10.78 -37.04
C VAL C 199 18.07 10.09 -37.12
N GLU C 200 17.21 10.55 -38.04
CA GLU C 200 15.89 9.94 -38.14
C GLU C 200 16.00 8.47 -38.51
N ALA C 201 16.87 8.14 -39.46
CA ALA C 201 17.08 6.74 -39.77
C ALA C 201 17.50 5.98 -38.52
N TYR C 202 18.45 6.54 -37.78
CA TYR C 202 18.95 5.87 -36.58
C TYR C 202 17.83 5.65 -35.57
N MET C 203 17.04 6.68 -35.29
CA MET C 203 15.94 6.54 -34.35
C MET C 203 14.90 5.56 -34.88
N ASP C 204 14.57 5.66 -36.17
CA ASP C 204 13.61 4.73 -36.74
C ASP C 204 14.10 3.29 -36.66
N LEU C 205 15.42 3.08 -36.72
CA LEU C 205 15.95 1.73 -36.52
C LEU C 205 15.85 1.29 -35.06
N ARG C 206 16.15 2.20 -34.14
CA ARG C 206 16.24 1.86 -32.72
C ARG C 206 14.87 1.73 -32.06
N ARG C 207 13.87 2.48 -32.55
CA ARG C 207 12.50 2.27 -32.08
C ARG C 207 12.13 0.80 -32.15
N GLY C 208 12.80 0.04 -33.03
CA GLY C 208 12.63 -1.39 -33.11
C GLY C 208 13.66 -2.18 -32.33
N THR C 209 14.95 -1.90 -32.54
CA THR C 209 15.98 -2.71 -31.89
C THR C 209 16.12 -2.42 -30.41
N ILE C 210 15.47 -1.37 -29.90
CA ILE C 210 15.56 -1.08 -28.48
C ILE C 210 14.70 -2.01 -27.65
N GLY C 211 13.83 -2.78 -28.29
CA GLY C 211 13.02 -3.76 -27.60
C GLY C 211 11.86 -3.22 -26.81
N VAL C 212 11.49 -1.95 -27.00
CA VAL C 212 10.45 -1.36 -26.17
C VAL C 212 9.10 -1.90 -26.56
N TYR C 213 8.86 -2.07 -27.87
CA TYR C 213 7.57 -2.57 -28.32
C TYR C 213 7.23 -3.93 -27.72
N PRO C 214 8.04 -4.99 -27.89
CA PRO C 214 7.77 -6.23 -27.15
C PRO C 214 7.77 -6.06 -25.66
N ALA C 215 8.47 -5.05 -25.14
CA ALA C 215 8.51 -4.85 -23.69
C ALA C 215 7.17 -4.35 -23.17
N ILE C 216 6.59 -3.35 -23.84
CA ILE C 216 5.24 -2.93 -23.52
C ILE C 216 4.28 -4.12 -23.56
N SER C 217 4.27 -4.85 -24.68
CA SER C 217 3.52 -6.11 -24.77
C SER C 217 3.78 -7.02 -23.58
N LEU C 218 5.05 -7.30 -23.28
CA LEU C 218 5.34 -8.08 -22.08
C LEU C 218 4.70 -7.44 -20.85
N SER C 219 4.60 -6.12 -20.82
CA SER C 219 4.04 -5.44 -19.66
C SER C 219 2.52 -5.53 -19.63
N GLU C 220 1.86 -5.41 -20.79
CA GLU C 220 0.42 -5.65 -20.83
C GLU C 220 0.09 -7.00 -20.22
N TYR C 221 0.95 -7.98 -20.44
CA TYR C 221 0.76 -9.28 -19.82
C TYR C 221 0.94 -9.20 -18.31
N GLY C 222 2.03 -8.58 -17.85
CA GLY C 222 2.33 -8.59 -16.43
C GLY C 222 1.31 -7.82 -15.61
N ALA C 223 0.86 -6.69 -16.12
CA ALA C 223 -0.12 -5.84 -15.45
C ALA C 223 -1.56 -6.32 -15.62
N GLY C 224 -1.79 -7.26 -16.53
CA GLY C 224 -3.13 -7.73 -16.84
C GLY C 224 -3.98 -6.68 -17.51
N VAL C 225 -3.40 -5.91 -18.43
CA VAL C 225 -4.08 -4.79 -19.07
C VAL C 225 -4.26 -5.14 -20.55
N ASN C 226 -5.51 -5.29 -20.97
CA ASN C 226 -5.77 -5.66 -22.36
C ASN C 226 -6.68 -4.70 -23.09
N VAL C 227 -6.16 -3.52 -23.43
CA VAL C 227 -6.98 -2.57 -24.18
C VAL C 227 -7.32 -3.19 -25.53
N PRO C 228 -8.46 -2.85 -26.12
CA PRO C 228 -8.79 -3.42 -27.44
C PRO C 228 -7.90 -2.85 -28.53
N GLN C 229 -7.62 -3.71 -29.52
CA GLN C 229 -6.79 -3.32 -30.64
C GLN C 229 -7.29 -2.10 -31.38
N HIS C 230 -8.61 -1.86 -31.41
CA HIS C 230 -9.02 -0.63 -32.08
C HIS C 230 -8.58 0.60 -31.30
N VAL C 231 -8.55 0.51 -29.98
CA VAL C 231 -8.01 1.60 -29.18
C VAL C 231 -6.48 1.61 -29.26
N TYR C 232 -5.88 0.43 -29.15
CA TYR C 232 -4.43 0.25 -29.26
C TYR C 232 -3.87 0.88 -30.53
N ASP C 233 -4.52 0.63 -31.67
CA ASP C 233 -3.97 1.14 -32.93
C ASP C 233 -4.13 2.64 -33.09
N HIS C 234 -4.76 3.34 -32.16
CA HIS C 234 -4.97 4.76 -32.38
C HIS C 234 -3.62 5.48 -32.42
N PRO C 235 -3.46 6.46 -33.31
CA PRO C 235 -2.13 7.13 -33.43
C PRO C 235 -1.60 7.72 -32.13
N SER C 236 -2.49 8.24 -31.26
CA SER C 236 -2.07 8.72 -29.95
C SER C 236 -1.35 7.66 -29.15
N LEU C 237 -1.95 6.47 -29.02
CA LEU C 237 -1.28 5.43 -28.24
C LEU C 237 -0.09 4.86 -29.00
N GLN C 238 -0.18 4.76 -30.32
CA GLN C 238 1.01 4.31 -31.05
C GLN C 238 2.14 5.29 -30.83
N GLU C 239 1.83 6.60 -30.83
CA GLU C 239 2.85 7.61 -30.55
C GLU C 239 3.33 7.55 -29.11
N CYS C 240 2.46 7.19 -28.17
CA CYS C 240 2.92 7.01 -26.80
C CYS C 240 3.97 5.92 -26.74
N MET C 241 3.75 4.83 -27.48
CA MET C 241 4.74 3.76 -27.51
C MET C 241 6.02 4.22 -28.19
N LYS C 242 5.89 4.97 -29.29
CA LYS C 242 7.06 5.54 -29.95
C LYS C 242 7.90 6.35 -28.95
N VAL C 243 7.27 7.27 -28.19
CA VAL C 243 8.01 8.12 -27.26
C VAL C 243 8.72 7.26 -26.22
N SER C 244 8.00 6.33 -25.61
CA SER C 244 8.64 5.36 -24.73
C SER C 244 9.87 4.77 -25.41
N ALA C 245 9.75 4.40 -26.68
CA ALA C 245 10.85 3.74 -27.35
C ALA C 245 12.04 4.69 -27.52
N ASP C 246 11.78 5.94 -27.89
CA ASP C 246 12.84 6.94 -28.04
C ASP C 246 13.51 7.21 -26.69
N LEU C 247 12.70 7.39 -25.64
CA LEU C 247 13.24 7.69 -24.31
C LEU C 247 14.21 6.61 -23.84
N VAL C 248 13.91 5.34 -24.11
CA VAL C 248 14.86 4.29 -23.75
C VAL C 248 16.09 4.35 -24.62
N THR C 249 15.90 4.61 -25.92
CA THR C 249 17.02 4.67 -26.85
C THR C 249 17.98 5.79 -26.45
N LEU C 250 17.42 7.00 -26.26
CA LEU C 250 18.19 8.14 -25.81
C LEU C 250 18.91 7.83 -24.49
N VAL C 251 18.13 7.50 -23.46
CA VAL C 251 18.76 7.11 -22.20
C VAL C 251 19.76 5.97 -22.43
N ASN C 252 19.44 4.99 -23.28
CA ASN C 252 20.37 3.87 -23.42
C ASN C 252 21.69 4.34 -24.01
N ASP C 253 21.62 5.15 -25.07
CA ASP C 253 22.83 5.52 -25.78
C ASP C 253 23.75 6.35 -24.88
N VAL C 254 23.18 7.08 -23.95
CA VAL C 254 24.00 7.83 -23.06
C VAL C 254 24.70 6.94 -22.10
N LEU C 255 23.96 6.12 -21.35
CA LEU C 255 24.57 5.25 -20.33
C LEU C 255 25.41 4.10 -20.86
N SER C 256 25.01 3.54 -21.99
CA SER C 256 25.69 2.41 -22.59
C SER C 256 26.76 2.87 -23.60
N TYR C 257 27.18 4.12 -23.50
CA TYR C 257 28.18 4.64 -24.41
C TYR C 257 29.54 3.99 -24.17
N ARG C 258 29.95 3.88 -22.90
CA ARG C 258 31.20 3.21 -22.57
C ARG C 258 31.15 1.75 -22.98
N LYS C 259 30.01 1.07 -22.79
CA LYS C 259 29.94 -0.30 -23.24
C LYS C 259 30.08 -0.39 -24.75
N ASP C 260 29.48 0.56 -25.50
CA ASP C 260 29.60 0.48 -26.95
C ASP C 260 31.03 0.72 -27.42
N LEU C 261 31.72 1.70 -26.82
CA LEU C 261 33.14 1.88 -27.08
C LEU C 261 33.92 0.61 -26.76
N GLU C 262 33.78 0.11 -25.54
CA GLU C 262 34.60 -1.00 -25.08
C GLU C 262 34.37 -2.28 -25.90
N LEU C 263 33.18 -2.41 -26.51
CA LEU C 263 32.82 -3.59 -27.28
C LEU C 263 32.79 -3.33 -28.78
N GLY C 264 33.07 -2.11 -29.22
CA GLY C 264 33.22 -1.87 -30.63
C GLY C 264 31.92 -1.94 -31.40
N VAL C 265 30.85 -1.34 -30.86
CA VAL C 265 29.52 -1.33 -31.47
C VAL C 265 29.19 0.09 -31.91
N ASP C 266 28.82 0.27 -33.16
CA ASP C 266 28.51 1.57 -33.71
C ASP C 266 27.12 2.04 -33.56
N HIS C 267 26.27 1.25 -32.94
CA HIS C 267 24.87 1.61 -32.79
C HIS C 267 24.68 2.34 -31.52
N ASN C 268 24.79 3.64 -31.63
CA ASN C 268 24.74 4.55 -30.50
C ASN C 268 24.67 5.97 -31.00
N LEU C 269 23.70 6.75 -30.53
CA LEU C 269 23.48 8.05 -31.12
C LEU C 269 24.66 8.98 -30.88
N MET C 270 25.41 8.77 -29.80
CA MET C 270 26.57 9.60 -29.52
C MET C 270 27.64 9.41 -30.58
N SER C 271 28.03 8.15 -30.82
CA SER C 271 28.93 7.84 -31.93
C SER C 271 28.43 8.49 -33.23
N LEU C 272 27.14 8.34 -33.55
CA LEU C 272 26.63 8.88 -34.79
C LEU C 272 26.81 10.39 -34.86
N LEU C 273 26.39 11.11 -33.82
CA LEU C 273 26.39 12.57 -33.87
C LEU C 273 27.79 13.12 -34.11
N MET C 274 28.76 12.62 -33.35
CA MET C 274 30.15 13.04 -33.50
C MET C 274 30.68 12.71 -34.89
N GLN C 275 30.73 11.43 -35.25
CA GLN C 275 31.37 10.99 -36.49
C GLN C 275 30.55 11.25 -37.73
N ARG C 276 29.31 11.68 -37.59
CA ARG C 276 28.46 11.93 -38.74
C ARG C 276 28.36 13.38 -39.02
N ASP C 277 28.27 14.17 -37.97
CA ASP C 277 28.17 15.62 -38.11
C ASP C 277 29.50 16.26 -37.75
N ASN C 278 29.52 16.99 -36.65
CA ASN C 278 30.73 17.65 -36.18
C ASN C 278 30.69 17.94 -34.67
N LEU C 279 29.99 17.08 -33.94
CA LEU C 279 29.73 17.30 -32.52
C LEU C 279 30.71 16.57 -31.62
N SER C 280 31.07 17.24 -30.53
CA SER C 280 31.96 16.72 -29.54
C SER C 280 31.20 15.69 -28.75
N ALA C 281 31.88 14.99 -27.88
CA ALA C 281 31.13 14.04 -27.08
C ALA C 281 30.25 14.76 -26.08
N GLN C 282 30.61 15.99 -25.69
CA GLN C 282 29.69 16.80 -24.90
C GLN C 282 28.56 17.34 -25.76
N GLN C 283 28.87 17.91 -26.91
CA GLN C 283 27.78 18.41 -27.74
C GLN C 283 26.84 17.28 -28.14
N ALA C 284 27.33 16.04 -28.14
CA ALA C 284 26.46 14.92 -28.45
C ALA C 284 25.37 14.74 -27.39
N VAL C 285 25.72 14.49 -26.13
CA VAL C 285 24.69 14.35 -25.10
C VAL C 285 23.69 15.51 -25.14
N ASP C 286 24.21 16.70 -25.43
CA ASP C 286 23.38 17.89 -25.54
C ASP C 286 22.22 17.60 -26.47
N VAL C 287 22.52 16.99 -27.62
CA VAL C 287 21.46 16.65 -28.58
C VAL C 287 20.51 15.62 -27.98
N ILE C 288 21.05 14.62 -27.27
CA ILE C 288 20.22 13.71 -26.50
C ILE C 288 19.28 14.49 -25.58
N GLY C 289 19.81 15.49 -24.87
CA GLY C 289 19.02 16.24 -23.92
C GLY C 289 17.87 16.99 -24.58
N ASP C 290 18.12 17.60 -25.73
CA ASP C 290 17.04 18.29 -26.41
C ASP C 290 16.02 17.30 -26.94
N MET C 291 16.50 16.16 -27.46
CA MET C 291 15.62 15.11 -27.92
C MET C 291 14.80 14.52 -26.77
N VAL C 292 15.45 14.30 -25.62
CA VAL C 292 14.74 13.69 -24.51
C VAL C 292 13.59 14.60 -24.06
N ASN C 293 13.83 15.90 -24.00
CA ASN C 293 12.77 16.80 -23.59
C ASN C 293 11.73 16.98 -24.68
N GLU C 294 12.14 16.90 -25.95
CA GLU C 294 11.17 16.89 -27.03
C GLU C 294 10.29 15.64 -26.97
N CYS C 295 10.84 14.52 -26.46
CA CYS C 295 10.02 13.34 -26.21
C CYS C 295 8.87 13.66 -25.29
N TYR C 296 9.17 14.34 -24.17
CA TYR C 296 8.12 14.76 -23.25
C TYR C 296 7.07 15.62 -23.95
N ARG C 297 7.50 16.54 -24.81
CA ARG C 297 6.53 17.37 -25.51
C ARG C 297 5.61 16.52 -26.36
N ARG C 298 6.19 15.60 -27.15
CA ARG C 298 5.38 14.74 -28.02
C ARG C 298 4.37 13.93 -27.20
N TRP C 299 4.79 13.46 -26.02
CA TRP C 299 3.95 12.65 -25.15
C TRP C 299 2.63 13.36 -24.88
N TYR C 300 2.70 14.59 -24.40
CA TYR C 300 1.48 15.31 -24.06
C TYR C 300 0.67 15.65 -25.29
N LEU C 301 1.31 15.94 -26.42
CA LEU C 301 0.56 16.26 -27.62
C LEU C 301 -0.17 15.04 -28.14
N ALA C 302 0.41 13.85 -27.96
CA ALA C 302 -0.28 12.64 -28.38
C ALA C 302 -1.44 12.33 -27.44
N LEU C 303 -1.25 12.49 -26.13
CA LEU C 303 -2.34 12.26 -25.21
C LEU C 303 -3.48 13.25 -25.44
N ALA C 304 -3.18 14.43 -25.99
CA ALA C 304 -4.25 15.39 -26.24
C ALA C 304 -5.18 14.90 -27.33
N GLU C 305 -4.66 14.10 -28.25
CA GLU C 305 -5.43 13.57 -29.36
C GLU C 305 -6.08 12.23 -29.07
N LEU C 306 -5.91 11.68 -27.87
CA LEU C 306 -6.44 10.37 -27.51
C LEU C 306 -7.93 10.46 -27.16
N PRO C 307 -8.80 9.85 -27.96
CA PRO C 307 -10.24 9.91 -27.68
C PRO C 307 -10.63 9.05 -26.49
N SER C 308 -11.79 9.38 -25.92
CA SER C 308 -12.33 8.61 -24.82
C SER C 308 -13.18 7.48 -25.37
N TYR C 309 -13.07 6.34 -24.73
CA TYR C 309 -13.83 5.16 -25.10
C TYR C 309 -14.73 4.74 -23.95
N GLY C 310 -15.25 5.74 -23.22
CA GLY C 310 -16.00 5.49 -22.02
C GLY C 310 -15.11 5.11 -20.85
N GLU C 311 -15.66 5.29 -19.65
CA GLU C 311 -14.93 5.01 -18.41
C GLU C 311 -14.27 3.63 -18.33
N LYS C 312 -15.06 2.57 -18.52
CA LYS C 312 -14.54 1.21 -18.41
C LYS C 312 -13.28 0.98 -19.23
N ILE C 313 -13.27 1.48 -20.46
CA ILE C 313 -12.13 1.30 -21.33
C ILE C 313 -11.01 2.27 -20.94
N ASP C 314 -11.33 3.56 -20.93
CA ASP C 314 -10.34 4.58 -20.56
C ASP C 314 -9.57 4.19 -19.31
N TYR C 315 -10.24 3.58 -18.33
CA TYR C 315 -9.56 3.06 -17.15
C TYR C 315 -8.34 2.23 -17.52
N ASN C 316 -8.51 1.32 -18.48
CA ASN C 316 -7.43 0.46 -18.91
C ASN C 316 -6.50 1.18 -19.87
N VAL C 317 -7.00 2.16 -20.62
CA VAL C 317 -6.12 2.95 -21.47
C VAL C 317 -5.09 3.68 -20.63
N MET C 318 -5.51 4.26 -19.50
CA MET C 318 -4.57 4.99 -18.67
C MET C 318 -3.56 4.04 -18.04
N LYS C 319 -4.01 2.88 -17.59
CA LYS C 319 -3.03 1.88 -17.15
C LYS C 319 -2.03 1.59 -18.28
N PHE C 320 -2.49 1.62 -19.54
CA PHE C 320 -1.57 1.34 -20.64
C PHE C 320 -0.64 2.52 -20.90
N VAL C 321 -1.18 3.74 -20.87
CA VAL C 321 -0.31 4.92 -21.00
C VAL C 321 0.75 4.89 -19.90
N GLU C 322 0.35 4.46 -18.70
CA GLU C 322 1.30 4.28 -17.61
C GLU C 322 2.36 3.26 -17.97
N ILE C 323 1.95 2.13 -18.57
CA ILE C 323 2.92 1.11 -18.97
C ILE C 323 3.94 1.70 -19.91
N CYS C 324 3.49 2.47 -20.91
CA CYS C 324 4.42 3.19 -21.77
C CYS C 324 5.43 3.99 -20.94
N ARG C 325 4.93 4.92 -20.11
CA ARG C 325 5.78 5.67 -19.19
C ARG C 325 6.63 4.75 -18.31
N ALA C 326 6.02 3.70 -17.78
CA ALA C 326 6.75 2.85 -16.84
C ALA C 326 7.88 2.09 -17.52
N VAL C 327 7.71 1.73 -18.79
CA VAL C 327 8.77 1.02 -19.48
C VAL C 327 9.98 1.95 -19.63
N ALA C 328 9.75 3.19 -20.06
CA ALA C 328 10.84 4.18 -20.07
C ALA C 328 11.39 4.43 -18.67
N GLN C 329 10.53 4.83 -17.72
CA GLN C 329 11.07 5.16 -16.40
C GLN C 329 11.72 3.97 -15.73
N GLY C 330 11.27 2.75 -16.06
CA GLY C 330 11.94 1.58 -15.52
C GLY C 330 13.35 1.46 -16.07
N ASN C 331 13.48 1.59 -17.39
CA ASN C 331 14.80 1.56 -18.02
C ASN C 331 15.70 2.64 -17.46
N LEU C 332 15.15 3.83 -17.25
CA LEU C 332 15.92 4.95 -16.74
C LEU C 332 16.57 4.62 -15.39
N TYR C 333 15.77 4.25 -14.40
CA TYR C 333 16.39 3.93 -13.13
C TYR C 333 17.29 2.71 -13.24
N TRP C 334 16.86 1.68 -13.97
CA TRP C 334 17.71 0.50 -14.09
C TRP C 334 19.01 0.83 -14.81
N SER C 335 18.96 1.70 -15.83
CA SER C 335 20.19 2.06 -16.54
C SER C 335 21.28 2.57 -15.59
N PHE C 336 20.88 3.36 -14.57
CA PHE C 336 21.82 4.01 -13.64
C PHE C 336 22.22 3.12 -12.49
N GLN C 337 21.69 1.89 -12.43
CA GLN C 337 22.06 0.92 -11.42
C GLN C 337 22.79 -0.30 -11.97
N THR C 338 22.38 -0.77 -13.14
CA THR C 338 22.92 -1.98 -13.76
C THR C 338 24.44 -2.17 -13.75
N GLY C 339 24.87 -3.40 -13.46
CA GLY C 339 26.26 -3.72 -13.48
C GLY C 339 26.65 -3.80 -14.92
N ARG C 340 25.67 -3.85 -15.79
CA ARG C 340 25.96 -3.97 -17.21
C ARG C 340 26.50 -2.67 -17.79
N TYR C 341 26.13 -1.52 -17.25
CA TYR C 341 26.64 -0.27 -17.80
C TYR C 341 27.68 0.33 -16.88
N LEU C 342 27.30 1.10 -15.86
CA LEU C 342 28.25 1.78 -15.00
C LEU C 342 28.32 1.18 -13.59
N GLY C 343 27.48 0.22 -13.26
CA GLY C 343 27.45 -0.33 -11.94
C GLY C 343 27.31 0.75 -10.88
N PRO C 344 28.16 0.67 -9.84
CA PRO C 344 28.07 1.67 -8.75
C PRO C 344 28.23 3.11 -9.21
N GLU C 345 29.11 3.35 -10.19
CA GLU C 345 29.38 4.70 -10.69
C GLU C 345 28.21 5.37 -11.40
N GLY C 346 27.06 4.69 -11.48
CA GLY C 346 25.91 5.24 -12.12
C GLY C 346 25.20 6.10 -11.12
N HIS C 347 25.21 5.67 -9.89
CA HIS C 347 24.58 6.50 -8.87
C HIS C 347 25.30 7.84 -8.74
N GLU C 348 26.61 7.86 -8.99
CA GLU C 348 27.34 9.11 -9.00
C GLU C 348 26.93 9.98 -10.19
N VAL C 349 26.64 9.34 -11.32
CA VAL C 349 26.25 10.06 -12.53
C VAL C 349 24.81 10.57 -12.44
N HIS C 350 24.07 10.06 -11.47
CA HIS C 350 22.72 10.45 -11.27
C HIS C 350 22.83 11.64 -10.39
N GLU C 351 23.64 11.52 -9.35
CA GLU C 351 23.80 12.61 -8.40
C GLU C 351 24.38 13.86 -9.07
N THR C 352 25.54 13.71 -9.71
CA THR C 352 26.33 14.82 -10.22
C THR C 352 26.01 15.18 -11.68
N GLY C 353 25.54 14.23 -12.48
CA GLY C 353 25.40 14.53 -13.90
C GLY C 353 26.70 14.49 -14.67
N ILE C 354 27.75 13.94 -14.07
CA ILE C 354 29.06 13.77 -14.70
C ILE C 354 29.23 12.29 -15.00
N MET C 355 29.51 11.97 -16.27
CA MET C 355 29.76 10.61 -16.69
C MET C 355 31.17 10.51 -17.31
N TYR C 356 32.10 9.90 -16.57
CA TYR C 356 33.48 9.76 -17.03
C TYR C 356 33.56 8.82 -18.23
N LEU C 357 34.53 9.09 -19.09
CA LEU C 357 34.80 8.26 -20.26
C LEU C 357 36.20 7.67 -20.14
N PRO C 358 36.55 6.61 -20.87
CA PRO C 358 37.92 6.11 -20.83
C PRO C 358 38.86 7.13 -21.46
N PRO C 359 40.15 7.12 -21.09
CA PRO C 359 41.13 8.07 -21.65
C PRO C 359 41.15 8.14 -23.19
N ARG D 24 -38.19 20.18 -18.21
CA ARG D 24 -39.14 19.78 -19.25
C ARG D 24 -39.27 18.24 -19.43
N PRO D 25 -38.16 17.49 -19.48
CA PRO D 25 -38.28 16.04 -19.65
C PRO D 25 -38.34 15.34 -18.30
N PRO D 26 -38.82 14.09 -18.27
CA PRO D 26 -38.80 13.32 -17.01
C PRO D 26 -37.42 12.93 -16.57
N PHE D 27 -36.46 12.91 -17.48
CA PHE D 27 -35.09 12.59 -17.16
C PHE D 27 -34.21 13.13 -18.28
N VAL D 28 -32.92 12.85 -18.16
CA VAL D 28 -31.92 13.15 -19.18
C VAL D 28 -30.84 12.08 -19.11
N ARG D 29 -30.13 11.90 -20.21
CA ARG D 29 -29.03 10.97 -20.29
C ARG D 29 -27.83 11.81 -20.08
N VAL D 30 -27.06 11.52 -19.08
CA VAL D 30 -25.88 12.34 -18.82
C VAL D 30 -24.71 11.76 -19.61
N PRO D 31 -23.89 12.62 -20.20
CA PRO D 31 -22.65 12.16 -20.83
C PRO D 31 -21.72 11.53 -19.81
N ASP D 32 -20.75 10.78 -20.30
CA ASP D 32 -19.79 10.11 -19.43
C ASP D 32 -18.83 11.14 -18.84
N LEU D 33 -18.95 11.37 -17.53
CA LEU D 33 -18.08 12.30 -16.84
C LEU D 33 -16.87 11.62 -16.23
N PHE D 34 -16.72 10.31 -16.42
CA PHE D 34 -15.67 9.53 -15.79
C PHE D 34 -14.63 9.03 -16.77
N GLY D 35 -14.45 9.72 -17.89
CA GLY D 35 -13.48 9.28 -18.86
C GLY D 35 -12.15 9.97 -18.70
N SER D 36 -11.22 9.57 -19.57
CA SER D 36 -9.89 10.15 -19.63
C SER D 36 -9.29 10.25 -18.24
N ILE D 37 -8.79 11.43 -17.90
CA ILE D 37 -8.09 11.57 -16.63
C ILE D 37 -9.01 11.35 -15.43
N MET D 38 -10.32 11.36 -15.63
CA MET D 38 -11.26 11.08 -14.56
C MET D 38 -11.50 9.60 -14.36
N SER D 39 -10.95 8.75 -15.25
CA SER D 39 -11.30 7.34 -15.28
C SER D 39 -10.41 6.48 -14.41
N THR D 40 -9.42 7.05 -13.74
CA THR D 40 -8.63 6.21 -12.87
C THR D 40 -9.47 5.83 -11.65
N LYS D 41 -9.04 4.78 -10.95
CA LYS D 41 -9.68 4.46 -9.67
C LYS D 41 -9.21 5.48 -8.64
N PRO D 42 -10.11 6.17 -7.96
CA PRO D 42 -9.69 7.21 -7.03
C PRO D 42 -9.02 6.62 -5.81
N VAL D 43 -8.05 7.34 -5.29
CA VAL D 43 -7.41 6.99 -4.04
C VAL D 43 -8.01 7.86 -2.95
N VAL D 44 -8.44 7.22 -1.87
CA VAL D 44 -9.13 7.90 -0.80
C VAL D 44 -8.29 7.79 0.46
N ASN D 45 -7.99 8.93 1.04
CA ASN D 45 -7.17 9.00 2.23
C ASN D 45 -7.62 7.96 3.24
N PRO D 46 -6.75 7.05 3.67
CA PRO D 46 -7.20 5.98 4.57
C PRO D 46 -7.50 6.46 5.98
N ASN D 47 -7.28 7.77 6.25
CA ASN D 47 -7.70 8.45 7.48
C ASN D 47 -9.11 9.00 7.40
N TYR D 48 -9.79 8.84 6.28
CA TYR D 48 -11.16 9.32 6.11
C TYR D 48 -12.07 9.06 7.32
N PHE D 49 -12.12 7.82 7.81
CA PHE D 49 -13.05 7.49 8.90
C PHE D 49 -12.70 8.26 10.16
N ALA D 50 -11.44 8.21 10.59
CA ALA D 50 -11.06 8.90 11.81
C ALA D 50 -11.27 10.41 11.66
N ALA D 51 -10.91 10.96 10.51
CA ALA D 51 -11.10 12.40 10.28
C ALA D 51 -12.58 12.76 10.21
N LYS D 52 -13.39 11.97 9.50
CA LYS D 52 -14.81 12.26 9.40
C LYS D 52 -15.46 12.33 10.77
N ALA D 53 -15.09 11.41 11.66
CA ALA D 53 -15.70 11.36 12.99
C ALA D 53 -15.44 12.65 13.74
N ARG D 54 -14.20 13.12 13.71
CA ARG D 54 -13.84 14.31 14.47
C ARG D 54 -14.48 15.56 13.89
N GLY D 55 -14.32 15.76 12.59
CA GLY D 55 -14.69 16.99 11.93
C GLY D 55 -16.18 17.15 11.78
N ASP D 56 -16.87 16.05 11.46
CA ASP D 56 -18.33 16.12 11.43
C ASP D 56 -18.87 16.54 12.80
N ARG D 57 -18.47 15.83 13.86
CA ARG D 57 -18.83 16.22 15.21
C ARG D 57 -18.43 17.66 15.49
N TRP D 58 -17.20 18.01 15.15
CA TRP D 58 -16.72 19.37 15.42
C TRP D 58 -17.65 20.41 14.81
N ILE D 59 -17.86 20.38 13.49
CA ILE D 59 -18.65 21.45 12.88
C ILE D 59 -20.05 21.46 13.49
N ALA D 60 -20.54 20.30 13.92
CA ALA D 60 -21.90 20.24 14.45
C ALA D 60 -22.01 21.04 15.73
N ARG D 61 -21.04 20.91 16.64
CA ARG D 61 -21.02 21.76 17.83
C ARG D 61 -20.91 23.23 17.43
N VAL D 62 -20.03 23.55 16.47
CA VAL D 62 -19.80 24.93 16.10
C VAL D 62 -21.09 25.58 15.62
N MET D 63 -21.74 24.99 14.63
CA MET D 63 -22.92 25.58 14.00
C MET D 63 -24.20 25.31 14.76
N ASN D 64 -24.11 24.61 15.89
CA ASN D 64 -25.28 24.30 16.71
C ASN D 64 -26.31 23.50 15.90
N PHE D 65 -25.85 22.44 15.24
CA PHE D 65 -26.73 21.63 14.47
C PHE D 65 -27.36 20.70 15.46
N ASN D 66 -28.62 20.40 15.24
CA ASN D 66 -29.31 19.47 16.08
C ASN D 66 -29.15 18.10 15.53
N LYS D 67 -29.72 17.15 16.21
CA LYS D 67 -29.53 15.78 15.75
C LYS D 67 -29.78 15.66 14.25
N ALA D 68 -30.93 16.18 13.78
CA ALA D 68 -31.33 16.01 12.37
C ALA D 68 -30.34 16.68 11.43
N VAL D 69 -30.06 17.96 11.65
CA VAL D 69 -29.22 18.70 10.72
C VAL D 69 -27.81 18.18 10.75
N ALA D 70 -27.36 17.70 11.91
CA ALA D 70 -25.99 17.21 12.01
C ALA D 70 -25.80 15.97 11.16
N ALA D 71 -26.72 15.00 11.30
CA ALA D 71 -26.68 13.77 10.52
C ALA D 71 -26.85 14.05 9.03
N ARG D 72 -27.74 14.98 8.67
CA ARG D 72 -27.86 15.40 7.28
C ARG D 72 -26.54 15.94 6.74
N ASN D 73 -25.82 16.72 7.55
CA ASN D 73 -24.51 17.23 7.14
C ASN D 73 -23.49 16.10 7.09
N SER D 74 -23.60 15.13 7.97
CA SER D 74 -22.76 13.98 7.95
C SER D 74 -22.95 13.21 6.65
N LYS D 75 -24.16 13.18 6.12
CA LYS D 75 -24.44 12.53 4.84
C LYS D 75 -23.99 13.36 3.64
N VAL D 76 -23.74 14.65 3.84
CA VAL D 76 -23.14 15.42 2.75
C VAL D 76 -21.72 14.95 2.52
N ASP D 77 -21.08 14.42 3.57
CA ASP D 77 -19.77 13.77 3.56
C ASP D 77 -18.69 14.57 2.81
N LEU D 78 -18.48 15.80 3.27
CA LEU D 78 -17.33 16.57 2.80
C LEU D 78 -16.02 15.88 3.12
N CYS D 79 -16.02 14.93 4.05
CA CYS D 79 -14.78 14.22 4.32
C CYS D 79 -14.40 13.32 3.16
N PHE D 80 -15.39 12.69 2.52
CA PHE D 80 -15.15 11.96 1.28
C PHE D 80 -14.47 12.85 0.26
N LEU D 81 -15.03 14.04 0.04
CA LEU D 81 -14.49 15.00 -0.93
C LEU D 81 -13.05 15.36 -0.61
N ALA D 82 -12.78 15.69 0.65
CA ALA D 82 -11.43 16.08 1.05
C ALA D 82 -10.49 14.90 1.03
N SER D 83 -10.99 13.71 1.36
CA SER D 83 -10.13 12.53 1.43
C SER D 83 -9.53 12.14 0.08
N MET D 84 -10.09 12.65 -1.02
CA MET D 84 -9.54 12.36 -2.34
C MET D 84 -8.68 13.49 -2.90
N TRP D 85 -8.84 14.73 -2.41
CA TRP D 85 -7.92 15.79 -2.82
C TRP D 85 -6.49 15.44 -2.39
N ALA D 86 -6.32 15.03 -1.12
CA ALA D 86 -5.01 14.79 -0.54
C ALA D 86 -4.99 13.41 0.13
N PRO D 87 -4.94 12.33 -0.66
CA PRO D 87 -5.07 10.98 -0.09
C PRO D 87 -3.94 10.53 0.84
N ASP D 88 -2.80 11.24 0.94
CA ASP D 88 -1.80 10.83 1.92
C ASP D 88 -1.55 11.90 2.97
N ALA D 89 -2.40 12.94 3.00
CA ALA D 89 -2.38 13.90 4.08
C ALA D 89 -2.54 13.19 5.42
N PRO D 90 -1.77 13.59 6.44
CA PRO D 90 -1.94 12.99 7.77
C PRO D 90 -3.28 13.39 8.36
N GLU D 91 -3.73 12.60 9.35
CA GLU D 91 -5.08 12.74 9.87
C GLU D 91 -5.39 14.20 10.22
N ASP D 92 -4.40 14.94 10.72
CA ASP D 92 -4.74 16.24 11.27
C ASP D 92 -4.92 17.26 10.15
N ARG D 93 -4.10 17.18 9.10
CA ARG D 93 -4.34 18.02 7.94
C ARG D 93 -5.65 17.63 7.23
N LEU D 94 -6.03 16.35 7.25
CA LEU D 94 -7.30 15.97 6.67
C LEU D 94 -8.44 16.64 7.41
N VAL D 95 -8.41 16.58 8.74
CA VAL D 95 -9.40 17.28 9.54
C VAL D 95 -9.42 18.76 9.19
N MET D 96 -8.23 19.32 9.02
CA MET D 96 -8.11 20.73 8.65
C MET D 96 -8.87 20.99 7.35
N MET D 97 -8.69 20.10 6.37
CA MET D 97 -9.38 20.25 5.08
C MET D 97 -10.89 20.02 5.20
N LEU D 98 -11.31 19.05 6.03
CA LEU D 98 -12.73 18.89 6.30
C LEU D 98 -13.32 20.18 6.88
N ASP D 99 -12.66 20.77 7.89
CA ASP D 99 -13.12 22.04 8.44
C ASP D 99 -13.23 23.09 7.35
N TRP D 100 -12.21 23.18 6.48
CA TRP D 100 -12.25 24.16 5.40
C TRP D 100 -13.41 23.87 4.46
N ASN D 101 -13.68 22.60 4.17
CA ASN D 101 -14.80 22.27 3.31
C ASN D 101 -16.11 22.67 3.95
N HIS D 102 -16.28 22.32 5.23
CA HIS D 102 -17.50 22.73 5.93
C HIS D 102 -17.65 24.24 5.91
N TRP D 103 -16.53 24.96 6.11
CA TRP D 103 -16.54 26.39 5.93
C TRP D 103 -17.08 26.77 4.55
N VAL D 104 -16.27 26.48 3.54
CA VAL D 104 -16.57 26.80 2.15
C VAL D 104 -18.02 26.58 1.73
N PHE D 105 -18.65 25.53 2.27
CA PHE D 105 -20.03 25.23 1.90
C PHE D 105 -21.01 26.11 2.65
N LEU D 106 -20.75 26.33 3.92
CA LEU D 106 -21.55 27.25 4.66
C LEU D 106 -21.33 28.61 4.06
N PHE D 107 -20.08 28.97 3.89
CA PHE D 107 -19.75 30.29 3.38
C PHE D 107 -20.39 30.55 2.02
N ASP D 108 -20.22 29.62 1.09
CA ASP D 108 -20.71 29.88 -0.26
C ASP D 108 -22.23 29.93 -0.29
N ASP D 109 -22.89 29.18 0.58
CA ASP D 109 -24.35 29.16 0.56
C ASP D 109 -24.92 30.52 0.93
N GLN D 110 -24.18 31.30 1.73
CA GLN D 110 -24.63 32.68 1.99
C GLN D 110 -24.76 33.48 0.71
N PHE D 111 -23.95 33.15 -0.30
CA PHE D 111 -23.96 33.92 -1.53
C PHE D 111 -24.93 33.38 -2.57
N ASP D 112 -25.41 32.14 -2.41
CA ASP D 112 -26.23 31.50 -3.43
C ASP D 112 -27.71 31.53 -3.09
N GLU D 113 -28.06 31.17 -1.85
CA GLU D 113 -29.43 31.26 -1.37
C GLU D 113 -29.56 32.01 -0.05
N GLY D 114 -28.43 32.36 0.61
CA GLY D 114 -28.44 33.07 1.87
C GLY D 114 -28.58 34.58 1.74
N HIS D 115 -28.19 35.30 2.76
CA HIS D 115 -28.37 36.74 2.81
C HIS D 115 -27.56 37.58 1.86
N LEU D 116 -26.32 37.19 1.66
CA LEU D 116 -25.53 37.96 0.71
C LEU D 116 -25.95 37.75 -0.73
N LYS D 117 -26.96 36.89 -0.98
CA LYS D 117 -27.37 36.50 -2.33
C LYS D 117 -27.61 37.69 -3.26
N GLU D 118 -28.24 38.75 -2.74
CA GLU D 118 -28.68 39.90 -3.54
C GLU D 118 -28.17 41.22 -2.98
N ASP D 119 -27.21 41.16 -2.07
CA ASP D 119 -26.69 42.34 -1.43
C ASP D 119 -25.24 42.64 -1.71
N PRO D 120 -24.99 43.58 -2.59
CA PRO D 120 -23.57 43.81 -2.96
C PRO D 120 -22.78 44.54 -1.88
N ALA D 121 -23.45 45.32 -1.05
CA ALA D 121 -22.75 45.96 0.06
C ALA D 121 -22.38 44.95 1.13
N ALA D 122 -23.38 44.21 1.63
CA ALA D 122 -23.12 43.21 2.67
C ALA D 122 -22.15 42.13 2.17
N ALA D 123 -22.31 41.70 0.91
CA ALA D 123 -21.38 40.74 0.33
C ALA D 123 -19.95 41.26 0.36
N ALA D 124 -19.73 42.49 -0.09
CA ALA D 124 -18.38 43.04 -0.06
C ALA D 124 -17.84 43.04 1.37
N GLU D 125 -18.62 43.59 2.30
CA GLU D 125 -18.19 43.66 3.69
C GLU D 125 -17.80 42.29 4.24
N GLU D 126 -18.57 41.26 3.90
CA GLU D 126 -18.25 39.89 4.29
C GLU D 126 -16.91 39.46 3.69
N VAL D 127 -16.73 39.69 2.39
CA VAL D 127 -15.47 39.35 1.75
C VAL D 127 -14.32 40.10 2.42
N LYS D 128 -14.51 41.39 2.70
CA LYS D 128 -13.51 42.16 3.44
C LYS D 128 -13.17 41.48 4.75
N GLN D 129 -14.17 41.27 5.60
CA GLN D 129 -13.94 40.76 6.95
C GLN D 129 -13.24 39.41 6.92
N THR D 130 -13.59 38.56 5.97
CA THR D 130 -12.98 37.23 5.90
C THR D 130 -11.53 37.31 5.45
N ILE D 131 -11.24 38.09 4.39
CA ILE D 131 -9.84 38.26 3.96
C ILE D 131 -9.00 38.76 5.13
N ALA D 132 -9.54 39.67 5.94
CA ALA D 132 -8.81 40.23 7.06
C ALA D 132 -8.48 39.18 8.11
N ILE D 133 -9.10 38.00 8.07
CA ILE D 133 -8.71 36.94 9.00
C ILE D 133 -7.26 36.54 8.77
N MET D 134 -6.93 36.41 7.50
CA MET D 134 -5.62 35.98 7.08
C MET D 134 -4.52 37.01 7.28
N GLY D 135 -4.18 37.30 8.51
CA GLY D 135 -3.16 38.28 8.79
C GLY D 135 -3.47 39.75 8.63
N GLY D 136 -4.75 40.10 8.73
CA GLY D 136 -5.19 41.47 8.68
C GLY D 136 -5.64 41.87 10.07
N ASN D 137 -6.67 42.68 10.12
CA ASN D 137 -7.16 43.17 11.38
C ASN D 137 -8.42 42.51 11.87
N ALA D 138 -8.51 41.21 11.74
CA ALA D 138 -9.68 40.46 12.16
C ALA D 138 -9.57 40.01 13.62
N PRO D 139 -10.66 40.17 14.39
CA PRO D 139 -10.70 39.79 15.76
C PRO D 139 -10.65 38.30 15.88
N ARG D 140 -10.15 37.84 17.00
CA ARG D 140 -10.14 36.40 17.26
C ARG D 140 -11.58 35.94 17.43
N TYR D 141 -12.19 35.50 16.35
CA TYR D 141 -13.54 35.04 16.39
C TYR D 141 -13.78 33.86 17.28
N THR D 142 -15.04 33.61 17.52
CA THR D 142 -15.38 32.51 18.35
C THR D 142 -16.59 31.82 17.80
N ALA D 143 -16.72 30.55 18.05
CA ALA D 143 -17.97 29.91 17.66
C ALA D 143 -19.16 30.79 17.99
N GLU D 144 -19.11 31.45 19.17
CA GLU D 144 -20.22 32.27 19.64
C GLU D 144 -20.40 33.52 18.80
N SER D 145 -19.31 34.28 18.61
CA SER D 145 -19.39 35.56 17.90
C SER D 145 -19.74 35.35 16.44
N ASN D 146 -18.96 34.54 15.74
CA ASN D 146 -19.21 34.27 14.34
C ASN D 146 -18.67 32.87 14.04
N PRO D 147 -19.56 31.89 13.87
CA PRO D 147 -19.17 30.49 13.64
C PRO D 147 -18.44 30.24 12.32
N ILE D 148 -19.03 30.66 11.22
CA ILE D 148 -18.46 30.43 9.90
C ILE D 148 -17.07 31.07 9.82
N ARG D 149 -16.98 32.34 10.19
CA ARG D 149 -15.67 32.99 10.28
C ARG D 149 -14.78 32.31 11.32
N TYR D 150 -15.36 31.78 12.40
CA TYR D 150 -14.57 31.00 13.34
C TYR D 150 -13.90 29.83 12.62
N VAL D 151 -14.59 29.22 11.67
CA VAL D 151 -14.06 28.00 11.06
C VAL D 151 -12.93 28.34 10.10
N PHE D 152 -13.15 29.35 9.26
CA PHE D 152 -12.09 29.82 8.38
C PHE D 152 -10.85 30.21 9.15
N GLN D 153 -11.05 30.84 10.31
CA GLN D 153 -9.93 31.31 11.12
C GLN D 153 -9.19 30.15 11.77
N GLN D 154 -9.92 29.13 12.21
CA GLN D 154 -9.26 27.93 12.73
C GLN D 154 -8.45 27.26 11.64
N CYS D 155 -8.98 27.29 10.41
CA CYS D 155 -8.23 26.79 9.26
C CYS D 155 -6.96 27.59 9.06
N TRP D 156 -7.10 28.92 8.93
CA TRP D 156 -5.97 29.78 8.59
C TRP D 156 -4.84 29.67 9.61
N ASP D 157 -5.18 29.60 10.90
CA ASP D 157 -4.17 29.37 11.93
C ASP D 157 -3.36 28.11 11.63
N ARG D 158 -4.05 27.03 11.28
CA ARG D 158 -3.33 25.80 10.95
C ARG D 158 -2.54 25.95 9.66
N LEU D 159 -3.12 26.60 8.64
CA LEU D 159 -2.36 26.81 7.40
C LEU D 159 -1.12 27.65 7.65
N LYS D 160 -1.18 28.57 8.60
CA LYS D 160 -0.07 29.50 8.83
C LYS D 160 1.14 28.88 9.56
N ALA D 161 0.87 27.98 10.50
CA ALA D 161 1.87 27.33 11.28
C ALA D 161 2.76 26.35 10.62
N VAL D 162 2.42 25.91 9.43
CA VAL D 162 3.20 24.85 8.80
C VAL D 162 3.54 25.17 7.35
N SER D 163 3.20 26.38 6.88
CA SER D 163 3.48 26.80 5.52
C SER D 163 4.45 27.96 5.49
N SER D 164 5.26 28.01 4.44
CA SER D 164 6.18 29.13 4.26
C SER D 164 5.39 30.41 4.01
N GLN D 165 6.08 31.55 4.14
CA GLN D 165 5.42 32.82 3.87
C GLN D 165 4.91 32.89 2.43
N GLU D 166 5.63 32.25 1.50
CA GLU D 166 5.20 32.22 0.10
C GLU D 166 3.88 31.46 -0.06
N MET D 167 3.80 30.29 0.56
CA MET D 167 2.57 29.51 0.50
C MET D 167 1.45 30.17 1.28
N GLN D 168 1.77 30.92 2.32
CA GLN D 168 0.74 31.70 2.98
C GLN D 168 0.14 32.71 2.03
N GLN D 169 0.98 33.42 1.27
CA GLN D 169 0.46 34.40 0.32
C GLN D 169 -0.38 33.72 -0.75
N ARG D 170 0.07 32.56 -1.21
CA ARG D 170 -0.61 31.85 -2.28
C ARG D 170 -1.99 31.41 -1.83
N TRP D 171 -2.08 30.87 -0.60
CA TRP D 171 -3.37 30.57 0.00
C TRP D 171 -4.27 31.81 -0.01
N ILE D 172 -3.75 32.92 0.50
CA ILE D 172 -4.51 34.18 0.47
C ILE D 172 -4.90 34.54 -0.96
N ASP D 173 -3.92 34.56 -1.86
CA ASP D 173 -4.16 35.04 -3.21
C ASP D 173 -5.18 34.19 -3.93
N GLN D 174 -5.12 32.86 -3.74
CA GLN D 174 -6.07 31.98 -4.39
C GLN D 174 -7.48 32.16 -3.85
N HIS D 175 -7.63 32.28 -2.52
CA HIS D 175 -8.94 32.60 -1.98
C HIS D 175 -9.46 33.94 -2.53
N LYS D 176 -8.56 34.89 -2.80
CA LYS D 176 -9.02 36.16 -3.31
C LYS D 176 -9.67 36.01 -4.68
N ARG D 177 -9.13 35.14 -5.54
CA ARG D 177 -9.81 34.87 -6.82
C ARG D 177 -11.21 34.32 -6.59
N TYR D 178 -11.35 33.39 -5.63
CA TYR D 178 -12.67 32.92 -5.24
C TYR D 178 -13.55 34.08 -4.75
N PHE D 179 -13.04 34.84 -3.77
CA PHE D 179 -13.83 35.93 -3.21
C PHE D 179 -14.20 36.94 -4.28
N ASP D 180 -13.27 37.24 -5.20
CA ASP D 180 -13.53 38.30 -6.18
C ASP D 180 -14.73 37.95 -7.04
N GLN D 181 -14.76 36.72 -7.55
CA GLN D 181 -15.89 36.34 -8.41
C GLN D 181 -17.19 36.26 -7.62
N LEU D 182 -17.14 35.90 -6.34
CA LEU D 182 -18.34 36.02 -5.51
C LEU D 182 -18.94 37.41 -5.61
N LEU D 183 -18.09 38.45 -5.56
CA LEU D 183 -18.58 39.82 -5.67
C LEU D 183 -19.09 40.11 -7.06
N VAL D 184 -18.45 39.55 -8.08
CA VAL D 184 -18.98 39.65 -9.43
C VAL D 184 -20.30 38.90 -9.53
N GLN D 185 -20.41 37.77 -8.84
CA GLN D 185 -21.65 37.00 -8.85
C GLN D 185 -22.81 37.83 -8.35
N VAL D 186 -22.63 38.46 -7.17
CA VAL D 186 -23.71 39.27 -6.60
C VAL D 186 -24.03 40.49 -7.46
N ASP D 187 -23.07 40.88 -8.28
CA ASP D 187 -23.26 42.01 -9.18
C ASP D 187 -24.13 41.60 -10.37
N GLN D 188 -24.01 40.34 -10.77
CA GLN D 188 -24.80 39.80 -11.88
C GLN D 188 -26.19 39.35 -11.45
N GLN D 189 -26.33 38.95 -10.19
CA GLN D 189 -27.67 38.70 -9.65
C GLN D 189 -28.45 40.00 -9.59
N VAL D 190 -27.87 41.05 -9.01
CA VAL D 190 -28.59 42.32 -8.84
C VAL D 190 -28.75 43.03 -10.17
N GLY D 191 -27.75 42.92 -11.05
CA GLY D 191 -27.78 43.56 -12.35
C GLY D 191 -28.65 42.91 -13.39
N GLY D 192 -29.31 41.82 -13.04
CA GLY D 192 -30.19 41.12 -13.96
C GLY D 192 -29.48 40.62 -15.20
N GLU D 193 -28.26 40.13 -15.01
CA GLU D 193 -27.46 39.62 -16.13
C GLU D 193 -27.20 38.12 -15.96
N ASN D 194 -27.98 37.48 -15.09
CA ASN D 194 -27.81 36.05 -14.86
C ASN D 194 -28.08 35.23 -16.11
N PHE D 195 -28.92 35.73 -17.02
CA PHE D 195 -29.21 35.03 -18.25
C PHE D 195 -28.90 35.82 -19.51
N THR D 196 -28.43 37.07 -19.38
CA THR D 196 -27.93 37.77 -20.55
C THR D 196 -26.48 37.42 -20.83
N ARG D 197 -25.71 37.18 -19.77
CA ARG D 197 -24.31 36.79 -19.85
C ARG D 197 -24.14 35.53 -20.71
N ASP D 198 -22.95 35.39 -21.28
CA ASP D 198 -22.68 34.23 -22.09
C ASP D 198 -22.02 33.12 -21.31
N VAL D 199 -21.54 32.14 -22.03
CA VAL D 199 -20.96 30.97 -21.44
C VAL D 199 -19.58 31.26 -21.06
N GLU D 200 -18.85 31.94 -21.93
CA GLU D 200 -17.48 32.22 -21.54
C GLU D 200 -17.42 33.17 -20.34
N ALA D 201 -18.33 34.14 -20.30
CA ALA D 201 -18.48 34.95 -19.09
C ALA D 201 -18.88 34.10 -17.89
N TYR D 202 -19.84 33.18 -18.09
CA TYR D 202 -20.24 32.33 -16.99
C TYR D 202 -19.10 31.42 -16.55
N MET D 203 -18.35 30.87 -17.50
CA MET D 203 -17.24 30.01 -17.13
C MET D 203 -16.16 30.81 -16.39
N ASP D 204 -16.01 32.09 -16.76
CA ASP D 204 -15.05 32.96 -16.11
C ASP D 204 -15.44 33.08 -14.65
N LEU D 205 -16.68 33.52 -14.42
CA LEU D 205 -17.20 33.65 -13.07
C LEU D 205 -17.00 32.35 -12.29
N ARG D 206 -17.55 31.25 -12.80
CA ARG D 206 -17.55 30.00 -12.07
C ARG D 206 -16.14 29.53 -11.74
N ARG D 207 -15.18 29.84 -12.57
CA ARG D 207 -13.81 29.43 -12.29
C ARG D 207 -13.35 29.99 -11.00
N GLY D 208 -14.02 31.00 -10.52
CA GLY D 208 -13.70 31.59 -9.26
C GLY D 208 -14.66 31.15 -8.20
N THR D 209 -15.94 31.33 -8.42
CA THR D 209 -16.94 30.97 -7.41
C THR D 209 -16.96 29.47 -7.11
N ILE D 210 -16.42 28.64 -8.02
CA ILE D 210 -16.43 27.20 -7.80
C ILE D 210 -15.54 26.80 -6.62
N GLY D 211 -14.60 27.66 -6.22
CA GLY D 211 -13.79 27.38 -5.05
C GLY D 211 -12.65 26.42 -5.28
N VAL D 212 -12.29 26.14 -6.54
CA VAL D 212 -11.27 25.13 -6.78
C VAL D 212 -9.87 25.69 -6.59
N TYR D 213 -9.69 26.98 -6.92
CA TYR D 213 -8.40 27.63 -6.71
C TYR D 213 -7.98 27.59 -5.24
N PRO D 214 -8.81 27.95 -4.26
CA PRO D 214 -8.37 27.76 -2.88
C PRO D 214 -8.37 26.30 -2.46
N ALA D 215 -9.22 25.47 -3.08
CA ALA D 215 -9.18 24.05 -2.75
C ALA D 215 -7.86 23.43 -3.16
N ILE D 216 -7.24 23.96 -4.22
CA ILE D 216 -5.88 23.51 -4.56
C ILE D 216 -4.90 24.02 -3.52
N SER D 217 -5.07 25.27 -3.06
CA SER D 217 -4.23 25.75 -1.97
C SER D 217 -4.36 24.87 -0.75
N LEU D 218 -5.61 24.55 -0.38
CA LEU D 218 -5.87 23.62 0.72
C LEU D 218 -5.15 22.29 0.51
N SER D 219 -5.08 21.83 -0.74
CA SER D 219 -4.51 20.51 -1.04
C SER D 219 -2.99 20.53 -1.01
N GLU D 220 -2.40 21.66 -1.34
CA GLU D 220 -0.97 21.87 -1.28
C GLU D 220 -0.63 21.77 0.19
N TYR D 221 -1.43 22.39 1.02
CA TYR D 221 -1.27 22.21 2.46
C TYR D 221 -1.44 20.75 2.86
N GLY D 222 -2.57 20.15 2.46
CA GLY D 222 -2.82 18.78 2.86
C GLY D 222 -1.72 17.84 2.42
N ALA D 223 -1.38 17.88 1.12
CA ALA D 223 -0.42 16.94 0.56
C ALA D 223 1.03 17.33 0.78
N GLY D 224 1.29 18.44 1.47
CA GLY D 224 2.66 18.85 1.75
C GLY D 224 3.49 19.13 0.51
N VAL D 225 2.95 19.87 -0.45
CA VAL D 225 3.63 20.12 -1.71
C VAL D 225 3.80 21.63 -1.83
N ASN D 226 5.03 22.06 -2.03
CA ASN D 226 5.37 23.44 -2.04
C ASN D 226 6.21 23.83 -3.19
N VAL D 227 5.56 23.90 -4.32
CA VAL D 227 6.18 24.27 -5.60
C VAL D 227 6.62 25.73 -5.57
N PRO D 228 7.82 26.05 -6.04
CA PRO D 228 8.22 27.46 -6.16
C PRO D 228 7.24 28.28 -6.97
N GLN D 229 7.01 29.52 -6.51
CA GLN D 229 6.01 30.40 -7.11
C GLN D 229 6.31 30.72 -8.57
N HIS D 230 7.59 30.87 -8.95
CA HIS D 230 7.86 31.15 -10.35
C HIS D 230 7.48 29.96 -11.22
N VAL D 231 7.55 28.75 -10.66
CA VAL D 231 7.06 27.56 -11.35
C VAL D 231 5.53 27.57 -11.39
N TYR D 232 4.91 27.59 -10.21
CA TYR D 232 3.47 27.68 -10.02
C TYR D 232 2.82 28.69 -10.96
N ASP D 233 3.50 29.81 -11.22
CA ASP D 233 2.89 30.87 -12.03
C ASP D 233 3.02 30.62 -13.53
N HIS D 234 3.70 29.55 -13.92
CA HIS D 234 3.84 29.27 -15.34
C HIS D 234 2.47 29.04 -15.95
N PRO D 235 2.20 29.63 -17.10
CA PRO D 235 0.86 29.46 -17.69
C PRO D 235 0.39 28.01 -17.75
N SER D 236 1.30 27.07 -17.99
CA SER D 236 0.94 25.66 -18.05
C SER D 236 0.23 25.20 -16.79
N LEU D 237 0.80 25.50 -15.62
CA LEU D 237 0.22 25.11 -14.34
C LEU D 237 -1.04 25.90 -14.03
N GLN D 238 -1.14 27.12 -14.54
CA GLN D 238 -2.32 27.94 -14.28
C GLN D 238 -3.48 27.49 -15.14
N GLU D 239 -3.18 26.97 -16.33
CA GLU D 239 -4.21 26.35 -17.16
C GLU D 239 -4.65 24.98 -16.62
N CYS D 240 -3.75 24.24 -15.94
CA CYS D 240 -4.19 23.04 -15.25
C CYS D 240 -5.20 23.37 -14.18
N MET D 241 -4.94 24.42 -13.40
CA MET D 241 -5.91 24.86 -12.39
C MET D 241 -7.21 25.29 -13.05
N LYS D 242 -7.10 26.09 -14.12
CA LYS D 242 -8.26 26.48 -14.91
C LYS D 242 -9.07 25.25 -15.36
N VAL D 243 -8.37 24.21 -15.83
CA VAL D 243 -9.05 23.01 -16.31
C VAL D 243 -9.75 22.30 -15.15
N SER D 244 -9.02 22.06 -14.06
CA SER D 244 -9.62 21.42 -12.90
C SER D 244 -10.85 22.17 -12.43
N ALA D 245 -10.81 23.52 -12.47
CA ALA D 245 -11.94 24.34 -12.06
C ALA D 245 -13.09 24.19 -13.02
N ASP D 246 -12.79 24.15 -14.32
CA ASP D 246 -13.85 23.92 -15.30
C ASP D 246 -14.50 22.57 -15.07
N LEU D 247 -13.69 21.53 -14.83
CA LEU D 247 -14.25 20.19 -14.64
C LEU D 247 -15.22 20.16 -13.48
N VAL D 248 -14.79 20.68 -12.32
CA VAL D 248 -15.68 20.74 -11.17
C VAL D 248 -16.95 21.50 -11.54
N THR D 249 -16.81 22.63 -12.25
CA THR D 249 -17.98 23.47 -12.56
C THR D 249 -18.96 22.76 -13.47
N LEU D 250 -18.46 22.14 -14.54
CA LEU D 250 -19.32 21.38 -15.44
C LEU D 250 -19.95 20.19 -14.71
N VAL D 251 -19.14 19.44 -13.94
CA VAL D 251 -19.69 18.31 -13.20
C VAL D 251 -20.72 18.81 -12.19
N ASN D 252 -20.38 19.85 -11.43
CA ASN D 252 -21.30 20.35 -10.41
C ASN D 252 -22.62 20.76 -11.03
N ASP D 253 -22.56 21.56 -12.10
CA ASP D 253 -23.80 22.05 -12.72
C ASP D 253 -24.73 20.93 -13.16
N VAL D 254 -24.18 19.79 -13.57
CA VAL D 254 -25.04 18.68 -13.94
C VAL D 254 -25.66 18.07 -12.68
N LEU D 255 -24.84 17.80 -11.68
CA LEU D 255 -25.33 17.04 -10.54
C LEU D 255 -26.02 17.91 -9.50
N SER D 256 -25.65 19.17 -9.40
CA SER D 256 -26.31 20.09 -8.49
C SER D 256 -27.55 20.72 -9.14
N TYR D 257 -27.89 20.28 -10.36
CA TYR D 257 -28.95 20.90 -11.15
C TYR D 257 -30.29 20.87 -10.42
N ARG D 258 -30.73 19.69 -9.98
CA ARG D 258 -31.99 19.54 -9.25
C ARG D 258 -32.04 20.46 -8.04
N LYS D 259 -30.91 20.63 -7.34
CA LYS D 259 -30.81 21.57 -6.22
C LYS D 259 -31.02 23.02 -6.67
N ASP D 260 -30.42 23.42 -7.78
CA ASP D 260 -30.57 24.80 -8.21
C ASP D 260 -31.99 25.08 -8.68
N LEU D 261 -32.72 24.06 -9.01
CA LEU D 261 -34.09 24.28 -9.36
C LEU D 261 -34.85 24.40 -8.05
N GLU D 262 -34.65 23.49 -7.13
CA GLU D 262 -35.31 23.53 -5.84
C GLU D 262 -35.16 24.88 -5.16
N LEU D 263 -33.96 25.47 -5.19
CA LEU D 263 -33.66 26.67 -4.42
C LEU D 263 -33.54 27.92 -5.30
N GLY D 264 -34.14 27.91 -6.49
CA GLY D 264 -34.21 29.10 -7.32
C GLY D 264 -32.89 29.73 -7.70
N VAL D 265 -31.78 29.00 -7.61
CA VAL D 265 -30.49 29.55 -7.95
C VAL D 265 -30.30 29.53 -9.47
N ASP D 266 -29.85 30.66 -10.03
CA ASP D 266 -29.69 30.75 -11.47
C ASP D 266 -28.33 30.27 -11.97
N HIS D 267 -27.37 30.15 -11.08
CA HIS D 267 -26.05 29.79 -11.50
C HIS D 267 -25.82 28.36 -11.80
N ASN D 268 -26.12 28.02 -13.02
CA ASN D 268 -25.98 26.65 -13.52
C ASN D 268 -25.91 26.71 -15.04
N LEU D 269 -24.86 26.12 -15.62
CA LEU D 269 -24.75 26.13 -17.07
C LEU D 269 -25.95 25.47 -17.73
N MET D 270 -26.47 24.40 -17.12
CA MET D 270 -27.70 23.78 -17.61
C MET D 270 -28.76 24.83 -17.83
N SER D 271 -29.05 25.61 -16.78
CA SER D 271 -30.12 26.61 -16.87
C SER D 271 -29.78 27.70 -17.87
N LEU D 272 -28.53 28.14 -17.90
CA LEU D 272 -28.11 29.19 -18.83
C LEU D 272 -28.26 28.71 -20.27
N LEU D 273 -27.81 27.49 -20.56
CA LEU D 273 -27.86 26.99 -21.93
C LEU D 273 -29.29 26.87 -22.44
N MET D 274 -30.23 26.62 -21.55
CA MET D 274 -31.61 26.49 -22.01
C MET D 274 -32.27 27.83 -22.26
N GLN D 275 -31.88 28.89 -21.52
CA GLN D 275 -32.47 30.21 -21.71
C GLN D 275 -31.87 30.93 -22.92
N ARG D 276 -30.56 31.14 -22.90
CA ARG D 276 -29.88 31.79 -24.01
C ARG D 276 -30.09 31.03 -25.32
N ASP D 277 -29.41 29.89 -25.45
CA ASP D 277 -29.63 29.01 -26.59
C ASP D 277 -30.94 28.30 -26.32
N ASN D 278 -31.76 28.11 -27.35
CA ASN D 278 -33.03 27.42 -27.19
C ASN D 278 -32.77 25.94 -27.01
N LEU D 279 -31.91 25.59 -26.06
CA LEU D 279 -31.57 24.21 -25.82
C LEU D 279 -32.41 23.41 -24.88
N SER D 280 -32.72 22.21 -25.29
CA SER D 280 -33.43 21.32 -24.40
C SER D 280 -32.49 20.90 -23.25
N ALA D 281 -33.09 20.28 -22.23
CA ALA D 281 -32.29 19.74 -21.15
C ALA D 281 -31.28 18.74 -21.68
N GLN D 282 -31.70 17.86 -22.59
CA GLN D 282 -30.79 16.84 -23.08
C GLN D 282 -29.63 17.46 -23.84
N GLN D 283 -29.91 18.37 -24.78
CA GLN D 283 -28.80 18.90 -25.56
C GLN D 283 -27.91 19.85 -24.74
N ALA D 284 -28.43 20.43 -23.66
CA ALA D 284 -27.60 21.23 -22.77
C ALA D 284 -26.60 20.36 -22.00
N VAL D 285 -27.08 19.28 -21.37
CA VAL D 285 -26.16 18.33 -20.71
C VAL D 285 -25.18 17.75 -21.73
N ASP D 286 -25.59 17.64 -22.99
CA ASP D 286 -24.68 17.15 -24.01
C ASP D 286 -23.62 18.18 -24.32
N VAL D 287 -24.00 19.46 -24.38
CA VAL D 287 -22.97 20.50 -24.51
C VAL D 287 -21.98 20.38 -23.36
N ILE D 288 -22.49 20.15 -22.15
CA ILE D 288 -21.63 20.03 -20.97
C ILE D 288 -20.67 18.85 -21.14
N GLY D 289 -21.13 17.80 -21.75
CA GLY D 289 -20.25 16.71 -22.01
C GLY D 289 -19.22 17.14 -23.03
N ASP D 290 -19.63 17.90 -24.04
CA ASP D 290 -18.66 18.33 -25.05
C ASP D 290 -17.60 19.21 -24.43
N MET D 291 -18.00 20.13 -23.55
CA MET D 291 -17.03 20.96 -22.86
C MET D 291 -16.13 20.15 -21.95
N VAL D 292 -16.67 19.12 -21.28
CA VAL D 292 -15.84 18.34 -20.37
C VAL D 292 -14.68 17.70 -21.12
N ASN D 293 -14.96 17.16 -22.31
CA ASN D 293 -13.90 16.50 -23.04
C ASN D 293 -12.92 17.52 -23.60
N GLU D 294 -13.34 18.75 -23.81
CA GLU D 294 -12.41 19.79 -24.24
C GLU D 294 -11.43 20.12 -23.12
N CYS D 295 -11.88 20.08 -21.87
CA CYS D 295 -10.98 20.26 -20.73
C CYS D 295 -9.86 19.23 -20.75
N TYR D 296 -10.19 17.98 -21.08
CA TYR D 296 -9.16 16.94 -21.15
C TYR D 296 -8.10 17.29 -22.20
N ARG D 297 -8.55 17.88 -23.32
CA ARG D 297 -7.61 18.30 -24.36
C ARG D 297 -6.81 19.53 -23.94
N ARG D 298 -7.48 20.52 -23.33
CA ARG D 298 -6.74 21.66 -22.79
C ARG D 298 -5.78 21.20 -21.68
N TRP D 299 -6.18 20.21 -20.88
CA TRP D 299 -5.29 19.64 -19.89
C TRP D 299 -3.97 19.21 -20.53
N TYR D 300 -4.06 18.29 -21.48
CA TYR D 300 -2.87 17.72 -22.08
C TYR D 300 -2.08 18.75 -22.89
N LEU D 301 -2.78 19.65 -23.60
CA LEU D 301 -2.09 20.71 -24.34
C LEU D 301 -1.29 21.61 -23.39
N ALA D 302 -1.85 21.88 -22.21
CA ALA D 302 -1.17 22.75 -21.26
C ALA D 302 0.04 22.05 -20.69
N LEU D 303 -0.08 20.77 -20.37
CA LEU D 303 1.12 20.06 -19.89
C LEU D 303 2.20 20.01 -20.97
N ALA D 304 1.80 19.96 -22.24
CA ALA D 304 2.80 20.02 -23.30
C ALA D 304 3.70 21.23 -23.13
N GLU D 305 3.11 22.36 -22.71
CA GLU D 305 3.85 23.61 -22.59
C GLU D 305 4.65 23.70 -21.30
N LEU D 306 4.54 22.71 -20.43
CA LEU D 306 5.16 22.77 -19.11
C LEU D 306 6.67 22.51 -19.18
N PRO D 307 7.51 23.52 -18.92
CA PRO D 307 8.96 23.30 -18.95
C PRO D 307 9.40 22.40 -17.82
N SER D 308 10.65 21.99 -17.89
CA SER D 308 11.26 21.22 -16.82
C SER D 308 12.08 22.16 -15.94
N TYR D 309 12.10 21.88 -14.64
CA TYR D 309 12.94 22.59 -13.70
C TYR D 309 13.81 21.60 -12.96
N GLY D 310 14.08 20.46 -13.58
CA GLY D 310 14.96 19.47 -12.98
C GLY D 310 14.20 18.50 -12.10
N GLU D 311 14.81 17.33 -11.91
CA GLU D 311 14.15 16.23 -11.21
C GLU D 311 13.56 16.67 -9.87
N LYS D 312 14.37 17.36 -9.08
CA LYS D 312 14.00 17.80 -7.75
C LYS D 312 12.65 18.51 -7.72
N ILE D 313 12.55 19.58 -8.50
CA ILE D 313 11.31 20.36 -8.56
C ILE D 313 10.25 19.60 -9.33
N ASP D 314 10.63 19.04 -10.49
CA ASP D 314 9.68 18.33 -11.34
C ASP D 314 8.91 17.30 -10.54
N TYR D 315 9.59 16.64 -9.59
CA TYR D 315 8.94 15.67 -8.74
C TYR D 315 7.72 16.28 -8.03
N ASN D 316 7.83 17.53 -7.59
CA ASN D 316 6.71 18.16 -6.92
C ASN D 316 5.73 18.81 -7.87
N VAL D 317 6.16 19.34 -9.01
CA VAL D 317 5.17 19.81 -9.99
C VAL D 317 4.24 18.67 -10.38
N MET D 318 4.80 17.47 -10.56
CA MET D 318 4.02 16.28 -10.90
C MET D 318 2.98 15.98 -9.84
N LYS D 319 3.37 16.05 -8.56
CA LYS D 319 2.39 15.99 -7.47
C LYS D 319 1.37 17.10 -7.58
N PHE D 320 1.82 18.31 -7.93
CA PHE D 320 0.90 19.43 -8.03
C PHE D 320 -0.10 19.20 -9.14
N VAL D 321 0.36 18.74 -10.31
CA VAL D 321 -0.56 18.40 -11.39
C VAL D 321 -1.56 17.35 -10.92
N GLU D 322 -1.09 16.38 -10.12
CA GLU D 322 -1.98 15.36 -9.56
C GLU D 322 -3.00 15.98 -8.61
N ILE D 323 -2.56 16.91 -7.78
CA ILE D 323 -3.48 17.64 -6.91
C ILE D 323 -4.55 18.33 -7.75
N CYS D 324 -4.14 19.01 -8.83
CA CYS D 324 -5.14 19.58 -9.73
C CYS D 324 -6.11 18.52 -10.25
N ARG D 325 -5.57 17.37 -10.66
CA ARG D 325 -6.43 16.27 -11.09
C ARG D 325 -7.29 15.75 -9.95
N ALA D 326 -6.74 15.64 -8.74
CA ALA D 326 -7.50 14.99 -7.67
C ALA D 326 -8.65 15.87 -7.18
N VAL D 327 -8.53 17.19 -7.27
CA VAL D 327 -9.66 18.03 -6.86
C VAL D 327 -10.84 17.79 -7.78
N ALA D 328 -10.59 17.78 -9.10
CA ALA D 328 -11.65 17.52 -10.06
C ALA D 328 -12.24 16.13 -9.89
N GLN D 329 -11.38 15.12 -9.72
CA GLN D 329 -11.86 13.75 -9.63
C GLN D 329 -12.51 13.48 -8.28
N GLY D 330 -11.87 13.93 -7.21
CA GLY D 330 -12.52 13.89 -5.92
C GLY D 330 -13.88 14.56 -5.96
N ASN D 331 -13.93 15.77 -6.51
CA ASN D 331 -15.23 16.41 -6.70
C ASN D 331 -16.17 15.49 -7.44
N LEU D 332 -15.66 14.83 -8.48
CA LEU D 332 -16.48 13.99 -9.34
C LEU D 332 -17.15 12.88 -8.55
N TYR D 333 -16.37 12.12 -7.76
CA TYR D 333 -16.97 11.00 -7.04
C TYR D 333 -17.83 11.49 -5.89
N TRP D 334 -17.40 12.56 -5.25
CA TRP D 334 -18.19 13.10 -4.16
C TRP D 334 -19.51 13.67 -4.67
N SER D 335 -19.47 14.31 -5.85
CA SER D 335 -20.69 14.90 -6.39
C SER D 335 -21.77 13.85 -6.59
N PHE D 336 -21.38 12.61 -6.92
CA PHE D 336 -22.30 11.50 -7.20
C PHE D 336 -22.68 10.72 -5.95
N GLN D 337 -22.12 11.03 -4.78
CA GLN D 337 -22.45 10.33 -3.55
C GLN D 337 -23.12 11.19 -2.49
N THR D 338 -22.83 12.46 -2.49
CA THR D 338 -23.32 13.32 -1.46
C THR D 338 -24.80 13.51 -1.37
N GLY D 339 -25.29 13.58 -0.15
CA GLY D 339 -26.67 13.80 0.09
C GLY D 339 -27.11 15.19 -0.28
N ARG D 340 -26.15 16.08 -0.44
CA ARG D 340 -26.46 17.45 -0.80
C ARG D 340 -27.14 17.53 -2.15
N TYR D 341 -26.75 16.67 -3.08
CA TYR D 341 -27.33 16.74 -4.42
C TYR D 341 -28.36 15.63 -4.61
N LEU D 342 -27.89 14.44 -4.97
CA LEU D 342 -28.77 13.33 -5.31
C LEU D 342 -28.72 12.16 -4.33
N GLY D 343 -27.85 12.18 -3.33
CA GLY D 343 -27.74 11.09 -2.40
C GLY D 343 -27.60 9.75 -3.09
N PRO D 344 -28.40 8.76 -2.65
CA PRO D 344 -28.27 7.40 -3.20
C PRO D 344 -28.68 7.27 -4.66
N GLU D 345 -29.52 8.19 -5.16
CA GLU D 345 -29.85 8.27 -6.58
C GLU D 345 -28.64 8.54 -7.45
N GLY D 346 -27.67 9.30 -6.95
CA GLY D 346 -26.50 9.60 -7.74
C GLY D 346 -25.76 8.35 -8.17
N HIS D 347 -25.68 7.37 -7.29
CA HIS D 347 -25.02 6.13 -7.69
C HIS D 347 -25.72 5.50 -8.88
N GLU D 348 -27.04 5.65 -8.98
CA GLU D 348 -27.79 5.07 -10.09
C GLU D 348 -27.55 5.80 -11.40
N VAL D 349 -27.27 7.09 -11.32
CA VAL D 349 -26.99 7.90 -12.50
C VAL D 349 -25.61 7.52 -13.05
N HIS D 350 -24.77 6.94 -12.20
CA HIS D 350 -23.47 6.55 -12.60
C HIS D 350 -23.61 5.15 -13.14
N GLU D 351 -24.50 4.35 -12.59
CA GLU D 351 -24.76 3.01 -13.12
C GLU D 351 -25.54 3.04 -14.44
N THR D 352 -26.45 3.98 -14.62
CA THR D 352 -27.34 4.01 -15.76
C THR D 352 -27.32 5.21 -16.66
N GLY D 353 -26.58 6.22 -16.31
CA GLY D 353 -26.53 7.43 -17.10
C GLY D 353 -27.83 8.23 -17.15
N ILE D 354 -28.84 7.85 -16.39
CA ILE D 354 -30.12 8.56 -16.39
C ILE D 354 -30.23 9.40 -15.14
N MET D 355 -30.47 10.70 -15.33
CA MET D 355 -30.76 11.61 -14.24
C MET D 355 -32.20 12.09 -14.42
N TYR D 356 -33.03 11.86 -13.40
CA TYR D 356 -34.43 12.29 -13.45
C TYR D 356 -34.53 13.76 -13.07
N LEU D 357 -35.46 14.43 -13.71
CA LEU D 357 -35.71 15.83 -13.47
C LEU D 357 -37.09 16.01 -12.92
N PRO D 358 -37.32 17.08 -12.22
CA PRO D 358 -38.57 17.45 -11.57
C PRO D 358 -39.67 17.77 -12.54
N PRO D 359 -40.88 17.28 -12.27
CA PRO D 359 -42.04 17.52 -13.14
C PRO D 359 -42.43 18.99 -13.24
N ALA D 360 -42.13 19.78 -12.21
CA ALA D 360 -42.46 21.20 -12.17
C ALA D 360 -43.97 21.43 -12.31
MG MG E . -30.18 -8.32 18.49
MG MG F . -29.06 -11.85 18.55
MG MG G . -26.49 -6.94 21.39
P1 POP H . -27.24 -6.85 18.23
O1 POP H . -28.73 -6.87 18.52
O2 POP H . -26.98 -6.04 16.98
O3 POP H . -26.55 -6.25 19.41
O POP H . -26.63 -8.35 17.95
P2 POP H . -26.87 -9.50 19.08
O4 POP H . -28.36 -9.81 19.06
O5 POP H . -26.13 -10.79 18.82
O6 POP H . -26.48 -8.88 20.40
N BTM I . -24.58 -9.90 14.87
C1 BTM I . -23.73 -9.38 13.71
C2 BTM I . -25.71 -8.92 14.99
C3 BTM I . -26.57 -9.09 13.71
C4 BTM I . -24.99 -11.33 14.61
C5 BTM I . -26.07 -11.80 15.66
C6 BTM I . -23.82 -9.92 16.18
C7 BTM I . -23.47 -8.48 16.67
C8 BTM I . -22.28 -9.94 13.63
C9 BTM I . -21.21 -9.23 14.19
C10 BTM I . -19.91 -9.73 14.15
C11 BTM I . -19.69 -10.97 13.54
C12 BTM I . -20.75 -11.68 12.97
C13 BTM I . -22.05 -11.16 13.01
MG MG J . 30.24 -13.17 16.76
MG MG K . 27.54 -17.56 12.40
MG MG L . 31.37 -14.38 12.69
P1 POP M . 27.91 -14.62 14.09
O1 POP M . 26.96 -13.95 15.07
O2 POP M . 29.34 -14.29 14.48
O3 POP M . 27.67 -16.11 14.00
O POP M . 27.64 -13.99 12.62
P2 POP M . 28.18 -14.70 11.26
O4 POP M . 27.54 -16.05 11.15
O5 POP M . 27.81 -13.83 10.08
O6 POP M . 29.68 -14.84 11.43
N BTM N . 25.46 -10.57 13.21
C1 BTM N . 24.50 -9.77 12.32
C2 BTM N . 26.57 -11.00 12.29
C3 BTM N . 27.62 -9.86 12.13
C4 BTM N . 25.80 -9.71 14.43
C5 BTM N . 26.61 -10.44 15.56
C6 BTM N . 24.80 -11.84 13.66
C7 BTM N . 24.44 -12.70 12.40
C8 BTM N . 23.08 -9.54 12.93
C9 BTM N . 22.01 -10.36 12.54
C10 BTM N . 20.73 -10.19 13.06
C11 BTM N . 20.50 -9.17 13.99
C12 BTM N . 21.57 -8.34 14.36
C13 BTM N . 22.85 -8.51 13.84
MG MG O . 23.82 -0.02 -26.07
MG MG P . 20.54 -3.69 -29.53
MG MG Q . 23.90 -4.32 -27.28
P1 POP R . 22.49 -2.35 -24.66
O1 POP R . 22.29 -3.13 -23.38
O2 POP R . 22.76 -0.88 -24.43
O3 POP R . 23.63 -3.00 -25.44
O POP R . 21.11 -2.42 -25.55
P2 POP R . 21.17 -1.81 -27.06
O4 POP R . 19.82 -1.66 -27.72
O5 POP R . 21.84 -0.45 -27.03
O6 POP R . 21.99 -2.83 -27.82
N BTM S . 17.87 -3.71 -24.29
C1 BTM S . 16.92 -4.17 -23.16
C2 BTM S . 18.31 -2.33 -23.86
C3 BTM S . 17.66 -1.20 -24.71
C4 BTM S . 19.04 -4.66 -24.50
C5 BTM S . 18.69 -6.18 -24.33
C6 BTM S . 17.05 -3.67 -25.55
C7 BTM S . 17.73 -4.08 -26.89
C8 BTM S . 15.51 -3.44 -23.06
C9 BTM S . 14.35 -4.04 -23.59
C10 BTM S . 13.10 -3.42 -23.53
C11 BTM S . 12.96 -2.17 -22.92
C12 BTM S . 14.10 -1.55 -22.37
C13 BTM S . 15.35 -2.20 -22.42
MG MG T . -24.19 24.06 -7.75
MG MG U . -24.23 26.89 -4.09
MG MG V . -21.77 29.04 -5.78
P1 POP W . -23.28 23.90 -5.01
O1 POP W . -24.36 24.82 -4.51
O2 POP W . -22.88 22.90 -3.96
O3 POP W . -23.72 23.17 -6.25
O POP W . -21.94 24.74 -5.39
P2 POP W . -21.95 26.01 -6.42
O4 POP W . -22.67 27.16 -5.76
O5 POP W . -20.51 26.40 -6.71
O6 POP W . -22.74 25.60 -7.65
N BTM X . -18.40 24.37 -3.92
C1 BTM X . -17.32 23.73 -3.04
C2 BTM X . -18.36 25.89 -3.92
C3 BTM X . -17.10 26.52 -3.26
C4 BTM X . -18.38 23.73 -5.30
C5 BTM X . -19.21 22.40 -5.40
C6 BTM X . -19.72 24.05 -3.27
C7 BTM X . -19.93 24.89 -1.98
C8 BTM X . -16.02 23.15 -3.73
C9 BTM X . -14.84 23.91 -3.73
C10 BTM X . -13.67 23.41 -4.33
C11 BTM X . -13.66 22.15 -4.91
C12 BTM X . -14.82 21.37 -4.91
C13 BTM X . -15.99 21.87 -4.30
#